data_8TD4
#
_entry.id   8TD4
#
_cell.length_a   110.766
_cell.length_b   179.978
_cell.length_c   87.850
_cell.angle_alpha   90.00
_cell.angle_beta   106.57
_cell.angle_gamma   90.00
#
_symmetry.space_group_name_H-M   'C 1 2 1'
#
loop_
_entity.id
_entity.type
_entity.pdbx_description
1 polymer 'Pyrroline-5-carboxylate reductase 1, mitochondrial'
2 non-polymer '1,4-DIHYDRONICOTINAMIDE ADENINE DINUCLEOTIDE'
3 non-polymer 'SULFATE ION'
4 non-polymer '1,3-dithiolane-2-carboxylic acid'
5 water water
#
_entity_poly.entity_id   1
_entity_poly.type   'polypeptide(L)'
_entity_poly.pdbx_seq_one_letter_code
;MHHHHHHSSGVDLGTENLYFQSMSVGFIGAGQLAFALAKGFTAAGVLAAHKIMASSPDMDLATVSALRKMGVKLTPHNKE
TVQHSDVLFLAVKPHIIPFILDEIGADIEDRHIVVSCAAGVTISSIEKKLSAFRPAPRVIRCMTNTPVVVREGATVYATG
THAQVEDGRLMEQLLSSVGFCTEVEEDLIDAVTGLSGSGPAYAFTALDALADGGVKMGLPRRLAVRLGAQALLGAAKMLL
HSEQHPGQLKDNVSSPGGATIHALHVLESGGFRSLLINAVEASCIRTRELQSMADQEQVSPAAIKKTILDKVKLDS
;
_entity_poly.pdbx_strand_id   A,B,C,D,E
#
# COMPACT_ATOMS: atom_id res chain seq x y z
N PHE A 20 -2.94 39.01 7.69
CA PHE A 20 -3.25 40.20 8.49
C PHE A 20 -4.63 40.05 9.11
N GLN A 21 -5.22 38.87 8.89
CA GLN A 21 -6.48 38.55 9.55
C GLN A 21 -6.27 38.27 11.03
N SER A 22 -5.08 37.81 11.41
CA SER A 22 -4.74 37.52 12.81
C SER A 22 -5.75 36.54 13.42
N MET A 23 -6.07 35.51 12.65
CA MET A 23 -7.00 34.48 13.09
C MET A 23 -6.37 33.64 14.20
N SER A 24 -7.17 33.30 15.20
CA SER A 24 -6.79 32.33 16.21
C SER A 24 -7.41 31.00 15.84
N VAL A 25 -6.61 29.95 15.82
CA VAL A 25 -7.07 28.62 15.42
C VAL A 25 -6.86 27.66 16.58
N GLY A 26 -7.82 26.78 16.79
CA GLY A 26 -7.71 25.73 17.79
C GLY A 26 -7.89 24.37 17.16
N PHE A 27 -7.23 23.37 17.76
CA PHE A 27 -7.44 21.97 17.45
C PHE A 27 -7.82 21.24 18.73
N ILE A 28 -8.98 20.62 18.75
CA ILE A 28 -9.33 19.70 19.81
C ILE A 28 -8.85 18.33 19.33
N GLY A 29 -7.82 17.81 19.97
CA GLY A 29 -7.10 16.66 19.48
C GLY A 29 -5.75 17.12 18.96
N ALA A 30 -4.67 16.61 19.54
CA ALA A 30 -3.34 17.06 19.13
C ALA A 30 -2.56 15.90 18.53
N GLY A 31 -3.14 15.26 17.51
CA GLY A 31 -2.54 14.08 16.90
C GLY A 31 -1.95 14.32 15.54
N GLN A 32 -1.97 13.28 14.68
CA GLN A 32 -1.30 13.35 13.38
C GLN A 32 -1.91 14.42 12.48
N LEU A 33 -3.23 14.54 12.45
CA LEU A 33 -3.82 15.52 11.55
C LEU A 33 -3.63 16.93 12.07
N ALA A 34 -3.81 17.15 13.38
CA ALA A 34 -3.54 18.47 13.95
C ALA A 34 -2.11 18.89 13.67
N PHE A 35 -1.16 17.95 13.78
CA PHE A 35 0.21 18.30 13.49
C PHE A 35 0.38 18.65 12.02
N ALA A 36 -0.17 17.80 11.13
CA ALA A 36 0.00 18.04 9.70
C ALA A 36 -0.61 19.37 9.30
N LEU A 37 -1.83 19.66 9.76
CA LEU A 37 -2.45 20.95 9.42
C LEU A 37 -1.68 22.12 10.02
N ALA A 38 -1.30 22.03 11.29
CA ALA A 38 -0.54 23.12 11.90
C ALA A 38 0.77 23.35 11.16
N LYS A 39 1.49 22.27 10.85
CA LYS A 39 2.72 22.39 10.09
C LYS A 39 2.47 23.03 8.73
N GLY A 40 1.39 22.62 8.05
CA GLY A 40 1.12 23.20 6.74
C GLY A 40 0.76 24.67 6.81
N PHE A 41 -0.16 25.03 7.72
CA PHE A 41 -0.58 26.42 7.86
C PHE A 41 0.59 27.32 8.19
N THR A 42 1.51 26.86 9.05
CA THR A 42 2.61 27.73 9.43
C THR A 42 3.63 27.82 8.30
N ALA A 43 3.88 26.71 7.60
CA ALA A 43 4.75 26.76 6.43
C ALA A 43 4.17 27.63 5.33
N ALA A 44 2.84 27.66 5.19
CA ALA A 44 2.21 28.56 4.24
C ALA A 44 2.31 30.02 4.65
N GLY A 45 2.66 30.32 5.91
CA GLY A 45 2.64 31.68 6.39
C GLY A 45 1.25 32.26 6.58
N VAL A 46 0.22 31.42 6.66
CA VAL A 46 -1.12 31.97 6.88
C VAL A 46 -1.36 32.20 8.37
N LEU A 47 -0.75 31.39 9.23
CA LEU A 47 -0.92 31.50 10.66
C LEU A 47 0.45 31.51 11.32
N ALA A 48 0.56 32.27 12.41
CA ALA A 48 1.70 32.11 13.29
C ALA A 48 1.47 30.89 14.18
N ALA A 49 2.52 30.10 14.39
CA ALA A 49 2.39 28.91 15.22
C ALA A 49 1.79 29.22 16.59
N HIS A 50 2.21 30.34 17.21
CA HIS A 50 1.72 30.67 18.53
C HIS A 50 0.27 31.17 18.54
N LYS A 51 -0.33 31.39 17.37
CA LYS A 51 -1.75 31.68 17.29
C LYS A 51 -2.59 30.40 17.18
N ILE A 52 -1.95 29.24 17.14
CA ILE A 52 -2.61 27.94 17.17
C ILE A 52 -2.53 27.40 18.59
N MET A 53 -3.65 26.86 19.07
CA MET A 53 -3.69 26.16 20.35
C MET A 53 -4.27 24.78 20.12
N ALA A 54 -3.68 23.76 20.74
CA ALA A 54 -4.16 22.40 20.61
C ALA A 54 -4.29 21.77 21.99
N SER A 55 -5.34 20.98 22.17
CA SER A 55 -5.55 20.29 23.42
C SER A 55 -5.57 18.78 23.20
N SER A 56 -5.14 18.05 24.22
CA SER A 56 -5.18 16.60 24.27
C SER A 56 -5.06 16.22 25.73
N PRO A 57 -5.73 15.16 26.18
CA PRO A 57 -5.50 14.71 27.56
C PRO A 57 -4.16 14.02 27.74
N ASP A 58 -3.69 13.31 26.70
CA ASP A 58 -2.38 12.66 26.73
C ASP A 58 -1.36 13.65 26.20
N MET A 59 -0.75 14.41 27.10
CA MET A 59 0.26 15.41 26.74
C MET A 59 1.65 14.82 26.61
N ASP A 60 1.76 13.51 26.37
CA ASP A 60 3.04 12.82 26.23
C ASP A 60 3.16 12.10 24.91
N LEU A 61 2.39 12.51 23.91
CA LEU A 61 2.51 11.94 22.58
C LEU A 61 3.63 12.62 21.81
N ALA A 62 4.14 11.92 20.78
CA ALA A 62 5.15 12.51 19.91
C ALA A 62 4.59 13.68 19.11
N THR A 63 3.33 13.57 18.67
CA THR A 63 2.70 14.68 17.95
C THR A 63 2.63 15.92 18.83
N VAL A 64 2.32 15.76 20.12
CA VAL A 64 2.30 16.89 21.03
C VAL A 64 3.68 17.51 21.16
N SER A 65 4.73 16.68 21.25
CA SER A 65 6.08 17.21 21.37
C SER A 65 6.48 17.98 20.12
N ALA A 66 6.11 17.47 18.94
CA ALA A 66 6.41 18.17 17.71
C ALA A 66 5.64 19.49 17.63
N LEU A 67 4.37 19.48 18.02
CA LEU A 67 3.60 20.73 18.05
C LEU A 67 4.26 21.73 18.99
N ARG A 68 4.70 21.26 20.15
CA ARG A 68 5.36 22.13 21.13
C ARG A 68 6.61 22.77 20.53
N LYS A 69 7.39 22.00 19.79
CA LYS A 69 8.63 22.54 19.20
C LYS A 69 8.32 23.59 18.15
N MET A 70 7.22 23.42 17.40
CA MET A 70 6.80 24.42 16.42
C MET A 70 6.44 25.75 17.04
N GLY A 71 6.07 25.78 18.32
CA GLY A 71 5.57 26.98 18.95
C GLY A 71 4.06 27.02 19.12
N VAL A 72 3.37 25.93 18.80
CA VAL A 72 1.94 25.85 19.05
C VAL A 72 1.69 25.83 20.55
N LYS A 73 0.62 26.50 20.98
CA LYS A 73 0.25 26.48 22.39
C LYS A 73 -0.48 25.17 22.69
N LEU A 74 -0.14 24.55 23.82
CA LEU A 74 -0.70 23.26 24.19
C LEU A 74 -1.33 23.34 25.57
N THR A 75 -2.49 22.71 25.72
CA THR A 75 -3.19 22.70 27.00
C THR A 75 -3.93 21.38 27.13
N PRO A 76 -4.10 20.86 28.35
CA PRO A 76 -4.93 19.66 28.52
C PRO A 76 -6.42 19.96 28.47
N HIS A 77 -6.81 21.24 28.50
CA HIS A 77 -8.19 21.65 28.72
C HIS A 77 -8.84 22.06 27.40
N ASN A 78 -9.85 21.30 26.96
CA ASN A 78 -10.52 21.64 25.70
C ASN A 78 -11.22 23.00 25.78
N LYS A 79 -11.69 23.39 26.97
CA LYS A 79 -12.36 24.69 27.07
C LYS A 79 -11.39 25.83 26.77
N GLU A 80 -10.13 25.70 27.16
CA GLU A 80 -9.16 26.74 26.81
C GLU A 80 -8.97 26.84 25.30
N THR A 81 -8.88 25.70 24.61
CA THR A 81 -8.81 25.72 23.16
C THR A 81 -10.02 26.42 22.54
N VAL A 82 -11.22 26.13 23.04
CA VAL A 82 -12.41 26.79 22.50
C VAL A 82 -12.34 28.30 22.70
N GLN A 83 -12.02 28.73 23.92
CA GLN A 83 -12.03 30.15 24.24
C GLN A 83 -10.95 30.90 23.47
N HIS A 84 -9.82 30.25 23.20
CA HIS A 84 -8.78 30.84 22.37
C HIS A 84 -9.23 31.00 20.92
N SER A 85 -9.98 30.04 20.41
CA SER A 85 -10.14 29.88 18.97
C SER A 85 -11.17 30.82 18.37
N ASP A 86 -10.92 31.20 17.11
CA ASP A 86 -11.94 31.71 16.21
C ASP A 86 -12.43 30.62 15.27
N VAL A 87 -11.51 29.89 14.65
CA VAL A 87 -11.82 28.68 13.89
C VAL A 87 -11.38 27.50 14.74
N LEU A 88 -12.28 26.56 14.96
CA LEU A 88 -12.07 25.44 15.87
C LEU A 88 -12.15 24.14 15.08
N PHE A 89 -11.00 23.47 14.90
CA PHE A 89 -10.96 22.18 14.23
C PHE A 89 -11.20 21.08 15.25
N LEU A 90 -12.08 20.13 14.90
CA LEU A 90 -12.28 18.92 15.70
C LEU A 90 -11.47 17.81 15.06
N ALA A 91 -10.37 17.43 15.71
CA ALA A 91 -9.39 16.50 15.15
C ALA A 91 -9.18 15.33 16.11
N VAL A 92 -10.27 14.81 16.67
CA VAL A 92 -10.23 13.63 17.52
C VAL A 92 -10.86 12.49 16.75
N LYS A 93 -10.63 11.28 17.24
CA LYS A 93 -11.23 10.09 16.63
C LYS A 93 -12.75 10.26 16.56
N PRO A 94 -13.40 9.69 15.54
CA PRO A 94 -14.84 9.96 15.35
C PRO A 94 -15.71 9.60 16.54
N HIS A 95 -15.42 8.51 17.23
CA HIS A 95 -16.26 8.12 18.36
C HIS A 95 -16.09 9.03 19.56
N ILE A 96 -15.09 9.91 19.54
CA ILE A 96 -14.90 10.88 20.61
C ILE A 96 -15.67 12.18 20.37
N ILE A 97 -16.12 12.43 19.12
CA ILE A 97 -16.77 13.71 18.82
C ILE A 97 -17.97 13.98 19.71
N PRO A 98 -18.91 13.05 19.91
CA PRO A 98 -20.06 13.37 20.79
C PRO A 98 -19.66 13.67 22.23
N PHE A 99 -18.65 12.99 22.79
CA PHE A 99 -18.21 13.35 24.13
C PHE A 99 -17.67 14.77 24.16
N ILE A 100 -16.92 15.16 23.13
CA ILE A 100 -16.35 16.49 23.04
C ILE A 100 -17.45 17.54 22.92
N LEU A 101 -18.44 17.30 22.06
CA LEU A 101 -19.52 18.25 21.89
C LEU A 101 -20.31 18.43 23.17
N ASP A 102 -20.51 17.36 23.95
CA ASP A 102 -21.14 17.51 25.26
C ASP A 102 -20.30 18.36 26.20
N GLU A 103 -18.97 18.20 26.12
CA GLU A 103 -18.09 18.84 27.09
C GLU A 103 -17.99 20.34 26.87
N ILE A 104 -17.75 20.76 25.62
CA ILE A 104 -17.50 22.16 25.34
C ILE A 104 -18.64 22.82 24.58
N GLY A 105 -19.78 22.13 24.43
CA GLY A 105 -20.88 22.72 23.67
C GLY A 105 -21.37 24.04 24.23
N ALA A 106 -21.37 24.16 25.56
CA ALA A 106 -21.79 25.39 26.20
C ALA A 106 -20.80 26.53 25.97
N ASP A 107 -19.59 26.22 25.51
CA ASP A 107 -18.57 27.23 25.27
C ASP A 107 -18.48 27.68 23.82
N ILE A 108 -19.19 27.01 22.91
CA ILE A 108 -19.23 27.49 21.52
C ILE A 108 -19.98 28.81 21.47
N GLU A 109 -19.37 29.82 20.87
CA GLU A 109 -19.95 31.15 20.80
C GLU A 109 -20.42 31.44 19.39
N ASP A 110 -21.20 32.51 19.26
CA ASP A 110 -21.71 32.86 17.93
C ASP A 110 -20.58 33.18 16.96
N ARG A 111 -19.44 33.68 17.47
CA ARG A 111 -18.30 34.02 16.60
C ARG A 111 -17.57 32.80 16.07
N HIS A 112 -17.81 31.59 16.61
CA HIS A 112 -17.02 30.42 16.23
C HIS A 112 -17.42 29.85 14.87
N ILE A 113 -16.42 29.37 14.14
CA ILE A 113 -16.63 28.42 13.04
C ILE A 113 -16.09 27.08 13.51
N VAL A 114 -16.95 26.08 13.54
CA VAL A 114 -16.57 24.74 13.99
C VAL A 114 -16.33 23.88 12.76
N VAL A 115 -15.10 23.41 12.58
CA VAL A 115 -14.73 22.61 11.42
C VAL A 115 -14.47 21.19 11.89
N SER A 116 -15.34 20.25 11.55
CA SER A 116 -15.12 18.86 11.93
C SER A 116 -14.27 18.18 10.87
N CYS A 117 -13.14 17.59 11.28
CA CYS A 117 -12.32 16.78 10.38
C CYS A 117 -12.58 15.30 10.54
N ALA A 118 -13.44 14.92 11.48
CA ALA A 118 -13.62 13.51 11.81
C ALA A 118 -14.25 12.75 10.64
N ALA A 119 -13.65 11.62 10.29
CA ALA A 119 -14.23 10.75 9.29
C ALA A 119 -15.64 10.34 9.66
N GLY A 120 -16.55 10.46 8.70
CA GLY A 120 -17.87 9.89 8.81
C GLY A 120 -18.87 10.71 9.60
N VAL A 121 -18.42 11.62 10.47
CA VAL A 121 -19.33 12.30 11.38
C VAL A 121 -20.14 13.34 10.61
N THR A 122 -21.45 13.28 10.74
CA THR A 122 -22.30 14.12 9.90
C THR A 122 -22.47 15.52 10.50
N ILE A 123 -22.66 16.49 9.61
CA ILE A 123 -23.02 17.84 10.05
C ILE A 123 -24.27 17.80 10.93
N SER A 124 -25.24 16.97 10.55
CA SER A 124 -26.48 16.88 11.33
C SER A 124 -26.22 16.46 12.76
N SER A 125 -25.33 15.47 12.96
CA SER A 125 -25.06 15.01 14.32
C SER A 125 -24.42 16.10 15.15
N ILE A 126 -23.53 16.88 14.54
CA ILE A 126 -22.84 17.95 15.27
C ILE A 126 -23.81 19.07 15.61
N GLU A 127 -24.59 19.51 14.61
CA GLU A 127 -25.54 20.60 14.86
C GLU A 127 -26.57 20.21 15.89
N LYS A 128 -26.99 18.94 15.91
CA LYS A 128 -27.97 18.50 16.91
C LYS A 128 -27.43 18.68 18.33
N LYS A 129 -26.15 18.33 18.54
CA LYS A 129 -25.54 18.52 19.85
C LYS A 129 -25.41 20.01 20.19
N LEU A 130 -24.83 20.79 19.28
CA LEU A 130 -24.50 22.17 19.58
C LEU A 130 -25.72 23.06 19.65
N SER A 131 -26.76 22.76 18.86
CA SER A 131 -27.96 23.61 18.87
C SER A 131 -28.69 23.59 20.22
N ALA A 132 -28.45 22.59 21.05
CA ALA A 132 -29.02 22.61 22.40
C ALA A 132 -28.47 23.74 23.26
N PHE A 133 -27.35 24.35 22.85
CA PHE A 133 -26.70 25.41 23.62
C PHE A 133 -26.95 26.78 22.99
N ARG A 134 -26.37 27.05 21.84
CA ARG A 134 -26.74 28.25 21.09
C ARG A 134 -27.50 27.84 19.82
N PRO A 135 -28.43 28.68 19.36
CA PRO A 135 -29.36 28.20 18.31
C PRO A 135 -28.75 28.03 16.92
N ALA A 136 -27.68 28.71 16.57
CA ALA A 136 -27.24 28.72 15.17
C ALA A 136 -25.75 28.44 15.06
N PRO A 137 -25.28 27.27 15.51
CA PRO A 137 -23.85 26.97 15.42
C PRO A 137 -23.38 26.87 13.98
N ARG A 138 -22.23 27.48 13.71
CA ARG A 138 -21.64 27.55 12.37
C ARG A 138 -20.71 26.37 12.18
N VAL A 139 -21.14 25.38 11.40
CA VAL A 139 -20.45 24.11 11.28
C VAL A 139 -20.05 23.89 9.83
N ILE A 140 -18.81 23.45 9.64
CA ILE A 140 -18.29 23.00 8.37
C ILE A 140 -17.70 21.61 8.57
N ARG A 141 -17.94 20.71 7.62
CA ARG A 141 -17.35 19.39 7.66
C ARG A 141 -16.28 19.29 6.57
N CYS A 142 -15.12 18.77 6.90
CA CYS A 142 -14.09 18.62 5.88
C CYS A 142 -13.49 17.22 5.92
N MET A 143 -12.89 16.83 4.79
CA MET A 143 -12.07 15.64 4.70
C MET A 143 -10.80 16.07 4.01
N THR A 144 -9.66 15.89 4.67
CA THR A 144 -8.39 16.34 4.12
C THR A 144 -7.47 15.13 4.23
N ASN A 145 -6.17 15.35 4.11
CA ASN A 145 -5.24 14.22 4.24
C ASN A 145 -3.88 14.74 4.68
N THR A 146 -3.01 13.80 5.05
CA THR A 146 -1.76 14.20 5.69
C THR A 146 -0.83 15.01 4.78
N PRO A 147 -0.88 14.90 3.44
CA PRO A 147 0.01 15.74 2.61
C PRO A 147 -0.20 17.25 2.74
N VAL A 148 -1.17 17.74 3.52
CA VAL A 148 -1.18 19.16 3.86
C VAL A 148 0.15 19.55 4.52
N VAL A 149 0.86 18.58 5.11
CA VAL A 149 2.13 18.85 5.78
C VAL A 149 3.17 19.40 4.81
N VAL A 150 3.10 19.02 3.53
CA VAL A 150 3.95 19.59 2.50
C VAL A 150 3.15 20.45 1.53
N ARG A 151 2.00 20.96 2.01
CA ARG A 151 1.14 21.88 1.26
C ARG A 151 0.68 21.30 -0.08
N GLU A 152 0.46 19.98 -0.11
CA GLU A 152 -0.11 19.29 -1.26
C GLU A 152 -1.28 18.42 -0.84
N GLY A 153 -2.05 18.91 0.13
CA GLY A 153 -3.22 18.17 0.55
C GLY A 153 -4.30 18.15 -0.52
N ALA A 154 -5.26 17.25 -0.31
CA ALA A 154 -6.51 17.21 -1.07
C ALA A 154 -7.64 17.34 -0.07
N THR A 155 -8.41 18.44 -0.16
CA THR A 155 -9.42 18.77 0.85
C THR A 155 -10.75 19.02 0.17
N VAL A 156 -11.82 18.48 0.75
CA VAL A 156 -13.17 18.89 0.39
C VAL A 156 -13.87 19.34 1.67
N TYR A 157 -14.91 20.15 1.52
CA TYR A 157 -15.65 20.60 2.68
C TYR A 157 -17.10 20.81 2.27
N ALA A 158 -18.00 20.65 3.25
CA ALA A 158 -19.41 20.97 3.07
C ALA A 158 -19.85 21.92 4.18
N THR A 159 -20.70 22.87 3.84
CA THR A 159 -21.13 23.87 4.80
C THR A 159 -22.42 23.45 5.48
N GLY A 160 -22.52 23.77 6.76
CA GLY A 160 -23.66 23.38 7.55
C GLY A 160 -24.81 24.36 7.39
N THR A 161 -25.85 24.12 8.19
CA THR A 161 -27.10 24.86 8.07
C THR A 161 -26.90 26.36 8.29
N HIS A 162 -26.09 26.73 9.28
CA HIS A 162 -25.97 28.13 9.68
C HIS A 162 -24.64 28.74 9.26
N ALA A 163 -23.80 28.01 8.52
CA ALA A 163 -22.54 28.56 8.04
C ALA A 163 -22.82 29.67 7.01
N GLN A 164 -22.24 30.84 7.24
CA GLN A 164 -22.44 31.95 6.34
C GLN A 164 -21.66 31.74 5.03
N VAL A 165 -22.09 32.42 3.97
CA VAL A 165 -21.34 32.35 2.72
C VAL A 165 -19.89 32.74 2.96
N GLU A 166 -19.66 33.75 3.81
CA GLU A 166 -18.29 34.14 4.13
C GLU A 166 -17.54 33.02 4.83
N ASP A 167 -18.24 32.17 5.60
CA ASP A 167 -17.58 31.08 6.31
C ASP A 167 -17.00 30.06 5.34
N GLY A 168 -17.77 29.67 4.32
CA GLY A 168 -17.25 28.75 3.33
C GLY A 168 -16.08 29.33 2.56
N ARG A 169 -16.14 30.62 2.23
CA ARG A 169 -15.05 31.25 1.51
C ARG A 169 -13.79 31.34 2.36
N LEU A 170 -13.95 31.66 3.66
CA LEU A 170 -12.80 31.66 4.57
C LEU A 170 -12.17 30.27 4.63
N MET A 171 -12.99 29.24 4.80
CA MET A 171 -12.41 27.92 4.93
CA MET A 171 -12.50 27.88 4.89
C MET A 171 -11.74 27.48 3.63
N GLU A 172 -12.30 27.82 2.48
CA GLU A 172 -11.62 27.44 1.23
C GLU A 172 -10.28 28.16 1.09
N GLN A 173 -10.24 29.45 1.46
CA GLN A 173 -8.97 30.19 1.44
C GLN A 173 -7.96 29.54 2.37
N LEU A 174 -8.38 29.22 3.59
CA LEU A 174 -7.47 28.61 4.56
C LEU A 174 -6.95 27.26 4.06
N LEU A 175 -7.86 26.38 3.64
CA LEU A 175 -7.42 25.04 3.25
C LEU A 175 -6.73 25.02 1.88
N SER A 176 -7.02 26.01 1.02
CA SER A 176 -6.26 26.09 -0.24
C SER A 176 -4.80 26.45 -0.01
N SER A 177 -4.46 26.99 1.15
CA SER A 177 -3.06 27.34 1.37
C SER A 177 -2.19 26.11 1.58
N VAL A 178 -2.79 24.94 1.80
CA VAL A 178 -2.05 23.71 2.04
C VAL A 178 -2.41 22.61 1.05
N GLY A 179 -3.06 22.95 -0.05
CA GLY A 179 -3.33 21.95 -1.07
C GLY A 179 -4.56 22.32 -1.89
N PHE A 180 -5.04 21.33 -2.63
CA PHE A 180 -6.29 21.47 -3.37
C PHE A 180 -7.45 21.59 -2.39
N CYS A 181 -8.42 22.45 -2.70
CA CYS A 181 -9.60 22.53 -1.84
C CYS A 181 -10.83 22.86 -2.68
N THR A 182 -11.94 22.15 -2.42
CA THR A 182 -13.16 22.49 -3.13
C THR A 182 -14.36 22.15 -2.27
N GLU A 183 -15.46 22.88 -2.47
CA GLU A 183 -16.70 22.60 -1.77
C GLU A 183 -17.41 21.42 -2.45
N VAL A 184 -18.01 20.54 -1.63
CA VAL A 184 -18.82 19.45 -2.13
C VAL A 184 -20.10 19.38 -1.33
N GLU A 185 -21.09 18.67 -1.87
CA GLU A 185 -22.25 18.26 -1.08
C GLU A 185 -21.80 17.24 -0.05
N GLU A 186 -22.43 17.27 1.13
CA GLU A 186 -21.97 16.41 2.21
C GLU A 186 -22.04 14.92 1.83
N ASP A 187 -22.99 14.53 0.98
CA ASP A 187 -23.13 13.11 0.71
C ASP A 187 -21.98 12.54 -0.14
N LEU A 188 -21.06 13.37 -0.60
CA LEU A 188 -19.88 12.84 -1.27
C LEU A 188 -18.72 12.58 -0.32
N ILE A 189 -18.80 13.04 0.94
CA ILE A 189 -17.57 13.08 1.73
C ILE A 189 -17.10 11.68 2.14
N ASP A 190 -18.00 10.74 2.40
CA ASP A 190 -17.53 9.39 2.76
C ASP A 190 -16.77 8.75 1.58
N ALA A 191 -17.22 8.98 0.35
CA ALA A 191 -16.47 8.51 -0.83
C ALA A 191 -15.14 9.23 -0.98
N VAL A 192 -15.11 10.54 -0.76
CA VAL A 192 -13.81 11.24 -0.78
C VAL A 192 -12.87 10.62 0.24
N THR A 193 -13.39 10.28 1.43
CA THR A 193 -12.55 9.65 2.45
C THR A 193 -11.86 8.41 1.91
N GLY A 194 -12.60 7.57 1.19
CA GLY A 194 -12.02 6.34 0.68
C GLY A 194 -11.02 6.55 -0.44
N LEU A 195 -11.08 7.70 -1.12
CA LEU A 195 -10.20 8.00 -2.24
C LEU A 195 -8.98 8.80 -1.80
N SER A 196 -9.17 10.08 -1.45
CA SER A 196 -8.03 10.93 -1.11
C SER A 196 -7.74 10.97 0.38
N GLY A 197 -8.69 10.67 1.24
CA GLY A 197 -8.38 10.57 2.66
C GLY A 197 -7.45 9.40 2.96
N SER A 198 -7.85 8.20 2.53
CA SER A 198 -7.04 6.99 2.67
C SER A 198 -5.96 6.89 1.60
N GLY A 199 -6.14 7.62 0.49
CA GLY A 199 -5.24 7.59 -0.65
C GLY A 199 -3.75 7.57 -0.38
N PRO A 200 -3.25 8.48 0.48
CA PRO A 200 -1.80 8.48 0.74
C PRO A 200 -1.28 7.14 1.26
N ALA A 201 -2.07 6.44 2.09
CA ALA A 201 -1.64 5.12 2.56
C ALA A 201 -1.51 4.11 1.43
N TYR A 202 -2.43 4.14 0.45
CA TYR A 202 -2.27 3.28 -0.73
C TYR A 202 -0.98 3.63 -1.46
N ALA A 203 -0.65 4.93 -1.55
CA ALA A 203 0.56 5.36 -2.25
C ALA A 203 1.81 4.94 -1.49
N PHE A 204 1.82 5.08 -0.16
CA PHE A 204 2.98 4.64 0.61
C PHE A 204 3.19 3.13 0.47
N THR A 205 2.10 2.35 0.50
CA THR A 205 2.21 0.91 0.26
C THR A 205 2.79 0.63 -1.12
N ALA A 206 2.28 1.33 -2.14
CA ALA A 206 2.77 1.16 -3.51
C ALA A 206 4.24 1.54 -3.63
N LEU A 207 4.67 2.63 -2.97
CA LEU A 207 6.06 3.07 -3.07
C LEU A 207 7.01 2.11 -2.37
N ASP A 208 6.60 1.55 -1.23
CA ASP A 208 7.40 0.52 -0.57
C ASP A 208 7.58 -0.68 -1.49
N ALA A 209 6.51 -1.10 -2.17
CA ALA A 209 6.57 -2.29 -3.02
C ALA A 209 7.38 -2.02 -4.28
N LEU A 210 7.18 -0.85 -4.91
CA LEU A 210 7.99 -0.50 -6.07
C LEU A 210 9.47 -0.48 -5.73
N ALA A 211 9.82 0.04 -4.55
CA ALA A 211 11.21 0.04 -4.11
C ALA A 211 11.73 -1.39 -3.92
N ASP A 212 10.93 -2.28 -3.32
CA ASP A 212 11.31 -3.69 -3.25
C ASP A 212 11.57 -4.26 -4.64
N GLY A 213 10.74 -3.88 -5.60
CA GLY A 213 10.96 -4.30 -6.97
C GLY A 213 12.27 -3.79 -7.53
N GLY A 214 12.58 -2.50 -7.30
CA GLY A 214 13.87 -1.98 -7.75
C GLY A 214 15.03 -2.70 -7.10
N VAL A 215 14.93 -2.96 -5.79
CA VAL A 215 15.98 -3.68 -5.07
C VAL A 215 16.13 -5.10 -5.61
N LYS A 216 14.99 -5.76 -5.93
CA LYS A 216 15.09 -7.12 -6.47
C LYS A 216 15.87 -7.13 -7.77
N MET A 217 15.70 -6.11 -8.59
CA MET A 217 16.41 -6.04 -9.86
C MET A 217 17.78 -5.36 -9.77
N GLY A 218 18.28 -5.07 -8.57
CA GLY A 218 19.67 -4.67 -8.40
C GLY A 218 19.93 -3.24 -7.97
N LEU A 219 18.89 -2.45 -7.71
CA LEU A 219 19.11 -1.06 -7.28
C LEU A 219 19.31 -0.99 -5.77
N PRO A 220 20.21 -0.10 -5.32
CA PRO A 220 20.25 0.24 -3.89
C PRO A 220 18.90 0.77 -3.42
N ARG A 221 18.54 0.42 -2.19
CA ARG A 221 17.24 0.80 -1.67
CA ARG A 221 17.25 0.81 -1.64
C ARG A 221 17.04 2.32 -1.70
N ARG A 222 18.05 3.09 -1.30
CA ARG A 222 17.87 4.55 -1.24
C ARG A 222 17.49 5.11 -2.61
N LEU A 223 18.21 4.67 -3.65
CA LEU A 223 17.92 5.10 -5.02
C LEU A 223 16.55 4.62 -5.49
N ALA A 224 16.19 3.36 -5.18
CA ALA A 224 14.89 2.85 -5.59
C ALA A 224 13.74 3.64 -4.98
N VAL A 225 13.84 3.99 -3.69
CA VAL A 225 12.80 4.80 -3.03
C VAL A 225 12.67 6.16 -3.69
N ARG A 226 13.81 6.81 -3.96
CA ARG A 226 13.82 8.14 -4.58
C ARG A 226 13.22 8.09 -5.98
N LEU A 227 13.64 7.11 -6.79
CA LEU A 227 13.14 7.00 -8.16
C LEU A 227 11.66 6.67 -8.20
N GLY A 228 11.22 5.72 -7.35
CA GLY A 228 9.81 5.37 -7.34
C GLY A 228 8.95 6.55 -6.93
N ALA A 229 9.37 7.28 -5.90
CA ALA A 229 8.57 8.42 -5.45
C ALA A 229 8.56 9.53 -6.49
N GLN A 230 9.70 9.77 -7.14
CA GLN A 230 9.74 10.80 -8.18
C GLN A 230 8.86 10.41 -9.36
N ALA A 231 8.88 9.12 -9.73
CA ALA A 231 8.02 8.64 -10.81
C ALA A 231 6.55 8.89 -10.50
N LEU A 232 6.13 8.60 -9.26
CA LEU A 232 4.71 8.79 -8.95
C LEU A 232 4.35 10.26 -8.90
N LEU A 233 5.22 11.08 -8.31
CA LEU A 233 4.96 12.52 -8.25
C LEU A 233 4.85 13.12 -9.64
N GLY A 234 5.81 12.79 -10.52
CA GLY A 234 5.77 13.34 -11.86
C GLY A 234 4.55 12.90 -12.63
N ALA A 235 4.17 11.62 -12.50
CA ALA A 235 3.01 11.13 -13.22
C ALA A 235 1.73 11.80 -12.73
N ALA A 236 1.59 11.95 -11.41
CA ALA A 236 0.42 12.63 -10.88
C ALA A 236 0.37 14.07 -11.33
N LYS A 237 1.53 14.75 -11.34
CA LYS A 237 1.55 16.13 -11.84
C LYS A 237 1.20 16.19 -13.33
N MET A 238 1.72 15.25 -14.14
CA MET A 238 1.36 15.24 -15.55
C MET A 238 -0.16 15.20 -15.73
N LEU A 239 -0.81 14.29 -15.00
CA LEU A 239 -2.26 14.12 -15.14
C LEU A 239 -3.01 15.37 -14.71
N LEU A 240 -2.60 15.97 -13.59
CA LEU A 240 -3.24 17.21 -13.14
C LEU A 240 -3.09 18.33 -14.16
N HIS A 241 -1.98 18.38 -14.88
CA HIS A 241 -1.73 19.45 -15.83
C HIS A 241 -2.17 19.08 -17.25
N SER A 242 -2.77 17.92 -17.44
CA SER A 242 -3.19 17.45 -18.76
C SER A 242 -4.71 17.40 -18.84
N GLU A 243 -5.24 17.66 -20.04
CA GLU A 243 -6.64 17.40 -20.29
C GLU A 243 -6.88 16.01 -20.88
N GLN A 244 -5.85 15.16 -20.87
CA GLN A 244 -5.93 13.85 -21.47
C GLN A 244 -6.37 12.80 -20.45
N HIS A 245 -6.99 11.75 -20.97
CA HIS A 245 -7.39 10.63 -20.12
C HIS A 245 -6.14 9.92 -19.60
N PRO A 246 -6.16 9.40 -18.36
CA PRO A 246 -4.99 8.63 -17.88
C PRO A 246 -4.61 7.48 -18.79
N GLY A 247 -5.60 6.86 -19.46
CA GLY A 247 -5.27 5.81 -20.43
C GLY A 247 -4.49 6.33 -21.62
N GLN A 248 -4.79 7.56 -22.08
CA GLN A 248 -3.97 8.11 -23.16
C GLN A 248 -2.55 8.38 -22.69
N LEU A 249 -2.39 8.92 -21.47
CA LEU A 249 -1.03 9.14 -20.97
C LEU A 249 -0.28 7.81 -20.87
N LYS A 250 -0.95 6.77 -20.41
CA LYS A 250 -0.33 5.44 -20.35
C LYS A 250 0.12 4.97 -21.73
N ASP A 251 -0.73 5.19 -22.75
CA ASP A 251 -0.38 4.80 -24.11
C ASP A 251 0.90 5.48 -24.60
N ASN A 252 1.18 6.71 -24.15
CA ASN A 252 2.38 7.45 -24.58
C ASN A 252 3.65 6.92 -23.96
N VAL A 253 3.54 6.23 -22.83
CA VAL A 253 4.71 5.60 -22.24
C VAL A 253 5.06 4.32 -22.97
N SER A 254 4.06 3.57 -23.43
CA SER A 254 4.27 2.19 -23.86
C SER A 254 4.57 2.13 -25.37
N SER A 255 5.80 1.82 -25.72
CA SER A 255 6.10 1.51 -27.11
C SER A 255 5.71 0.08 -27.44
N PRO A 256 5.37 -0.20 -28.69
CA PRO A 256 4.99 -1.57 -29.08
C PRO A 256 6.09 -2.58 -28.80
N GLY A 257 5.69 -3.70 -28.20
CA GLY A 257 6.59 -4.77 -27.82
C GLY A 257 7.50 -4.45 -26.64
N GLY A 258 7.41 -3.25 -26.06
CA GLY A 258 8.40 -2.76 -25.15
C GLY A 258 8.23 -3.20 -23.70
N ALA A 259 9.13 -2.67 -22.86
CA ALA A 259 9.20 -3.08 -21.46
C ALA A 259 7.94 -2.66 -20.70
N THR A 260 7.44 -1.47 -20.97
CA THR A 260 6.31 -0.97 -20.16
C THR A 260 5.05 -1.79 -20.39
N ILE A 261 4.75 -2.12 -21.66
CA ILE A 261 3.52 -2.87 -21.93
C ILE A 261 3.63 -4.30 -21.40
N HIS A 262 4.86 -4.87 -21.34
CA HIS A 262 5.03 -6.16 -20.67
C HIS A 262 4.73 -6.05 -19.19
N ALA A 263 5.17 -4.95 -18.56
CA ALA A 263 4.89 -4.76 -17.14
C ALA A 263 3.41 -4.50 -16.90
N LEU A 264 2.77 -3.72 -17.77
CA LEU A 264 1.34 -3.48 -17.59
C LEU A 264 0.54 -4.77 -17.67
N HIS A 265 0.96 -5.71 -18.52
CA HIS A 265 0.25 -6.98 -18.61
C HIS A 265 0.31 -7.72 -17.27
N VAL A 266 1.47 -7.75 -16.61
CA VAL A 266 1.50 -8.51 -15.35
C VAL A 266 0.68 -7.80 -14.27
N LEU A 267 0.60 -6.46 -14.29
CA LEU A 267 -0.36 -5.78 -13.40
C LEU A 267 -1.79 -6.23 -13.69
N GLU A 268 -2.19 -6.20 -14.98
CA GLU A 268 -3.54 -6.62 -15.33
C GLU A 268 -3.82 -8.05 -14.91
N SER A 269 -2.85 -8.96 -15.09
CA SER A 269 -3.10 -10.36 -14.77
C SER A 269 -3.36 -10.57 -13.29
N GLY A 270 -2.87 -9.67 -12.44
CA GLY A 270 -3.15 -9.74 -11.02
C GLY A 270 -4.40 -8.99 -10.60
N GLY A 271 -5.11 -8.36 -11.53
CA GLY A 271 -6.28 -7.58 -11.14
C GLY A 271 -5.93 -6.31 -10.40
N PHE A 272 -4.79 -5.70 -10.72
CA PHE A 272 -4.30 -4.48 -10.07
C PHE A 272 -5.40 -3.41 -9.95
N ARG A 273 -6.07 -3.12 -11.08
CA ARG A 273 -7.14 -2.12 -11.06
C ARG A 273 -8.22 -2.48 -10.05
N SER A 274 -8.67 -3.75 -10.04
CA SER A 274 -9.73 -4.15 -9.12
C SER A 274 -9.32 -3.97 -7.67
N LEU A 275 -8.02 -4.13 -7.35
CA LEU A 275 -7.61 -4.00 -5.95
C LEU A 275 -7.76 -2.56 -5.47
N LEU A 276 -7.42 -1.60 -6.33
CA LEU A 276 -7.57 -0.19 -5.98
C LEU A 276 -9.05 0.19 -5.86
N ILE A 277 -9.91 -0.34 -6.76
CA ILE A 277 -11.35 -0.14 -6.59
C ILE A 277 -11.83 -0.75 -5.27
N ASN A 278 -11.36 -1.97 -4.96
CA ASN A 278 -11.71 -2.63 -3.70
C ASN A 278 -11.34 -1.74 -2.50
N ALA A 279 -10.16 -1.12 -2.56
CA ALA A 279 -9.66 -0.30 -1.46
C ALA A 279 -10.55 0.93 -1.23
N VAL A 280 -10.83 1.70 -2.29
CA VAL A 280 -11.69 2.87 -2.15
C VAL A 280 -13.04 2.47 -1.58
N GLU A 281 -13.62 1.39 -2.11
CA GLU A 281 -14.90 0.89 -1.60
C GLU A 281 -14.80 0.48 -0.14
N ALA A 282 -13.75 -0.26 0.23
CA ALA A 282 -13.65 -0.73 1.61
C ALA A 282 -13.55 0.43 2.59
N SER A 283 -12.77 1.45 2.24
CA SER A 283 -12.61 2.62 3.11
C SER A 283 -13.92 3.39 3.21
N CYS A 284 -14.58 3.63 2.08
CA CYS A 284 -15.87 4.31 2.10
C CYS A 284 -16.90 3.53 2.92
N ILE A 285 -17.00 2.21 2.71
CA ILE A 285 -18.00 1.43 3.44
C ILE A 285 -17.70 1.44 4.94
N ARG A 286 -16.43 1.29 5.34
CA ARG A 286 -16.10 1.32 6.76
C ARG A 286 -16.44 2.68 7.36
N THR A 287 -16.21 3.76 6.61
CA THR A 287 -16.59 5.08 7.06
C THR A 287 -18.10 5.16 7.31
N ARG A 288 -18.90 4.66 6.35
CA ARG A 288 -20.35 4.67 6.53
C ARG A 288 -20.77 3.78 7.70
N GLU A 289 -20.09 2.65 7.87
CA GLU A 289 -20.45 1.67 8.89
C GLU A 289 -20.17 2.20 10.29
N LEU A 290 -19.02 2.85 10.48
CA LEU A 290 -18.72 3.44 11.76
C LEU A 290 -19.75 4.50 12.13
N GLN A 291 -20.13 5.35 11.17
CA GLN A 291 -21.11 6.39 11.49
C GLN A 291 -22.47 5.78 11.83
N SER A 292 -22.87 4.70 11.16
CA SER A 292 -24.10 4.02 11.54
C SER A 292 -24.03 3.50 12.97
N MET A 293 -22.86 2.96 13.37
CA MET A 293 -22.66 2.58 14.77
C MET A 293 -22.81 3.80 15.68
N ALA A 294 -22.23 4.93 15.28
CA ALA A 294 -22.32 6.15 16.08
C ALA A 294 -23.77 6.64 16.19
N ASP A 295 -24.50 6.66 15.09
CA ASP A 295 -25.88 7.15 15.10
C ASP A 295 -26.78 6.24 15.93
N GLN A 296 -26.52 4.94 15.95
CA GLN A 296 -27.30 4.03 16.78
C GLN A 296 -26.97 4.23 18.26
N GLU A 297 -25.70 4.51 18.58
CA GLU A 297 -25.31 4.72 19.98
C GLU A 297 -25.91 5.99 20.57
N GLN A 298 -26.40 6.91 19.74
CA GLN A 298 -27.03 8.13 20.22
C GLN A 298 -28.52 7.90 20.52
N ASN B 17 19.32 30.50 -12.02
CA ASN B 17 19.78 31.42 -13.06
C ASN B 17 20.67 30.72 -14.08
N LEU B 18 20.25 29.52 -14.47
CA LEU B 18 21.00 28.68 -15.38
C LEU B 18 20.62 28.94 -16.83
N TYR B 19 21.62 28.93 -17.72
CA TYR B 19 21.36 29.09 -19.15
C TYR B 19 22.60 28.72 -19.96
N PHE B 20 22.44 27.82 -20.94
CA PHE B 20 23.54 27.33 -21.78
C PHE B 20 23.53 28.12 -23.09
N GLN B 21 24.21 29.28 -23.06
CA GLN B 21 24.13 30.21 -24.19
C GLN B 21 24.85 29.68 -25.43
N SER B 22 25.84 28.82 -25.27
CA SER B 22 26.62 28.32 -26.40
C SER B 22 26.27 26.87 -26.77
N MET B 23 25.11 26.37 -26.33
CA MET B 23 24.73 24.98 -26.54
C MET B 23 23.61 24.88 -27.56
N SER B 24 23.84 24.12 -28.63
CA SER B 24 22.79 23.76 -29.58
C SER B 24 22.40 22.30 -29.31
N VAL B 25 21.11 22.06 -29.12
CA VAL B 25 20.61 20.71 -28.83
C VAL B 25 19.86 20.20 -30.05
N GLY B 26 20.05 18.92 -30.35
CA GLY B 26 19.30 18.26 -31.41
C GLY B 26 18.68 16.96 -30.93
N PHE B 27 17.52 16.66 -31.50
CA PHE B 27 16.86 15.37 -31.29
C PHE B 27 16.77 14.62 -32.60
N ILE B 28 17.33 13.41 -32.65
CA ILE B 28 17.05 12.48 -33.72
C ILE B 28 15.84 11.66 -33.26
N GLY B 29 14.72 11.81 -33.96
CA GLY B 29 13.45 11.35 -33.45
C GLY B 29 12.67 12.54 -32.91
N ALA B 30 11.40 12.67 -33.28
CA ALA B 30 10.60 13.83 -32.86
C ALA B 30 9.30 13.37 -32.25
N GLY B 31 9.37 12.39 -31.36
CA GLY B 31 8.21 11.73 -30.78
C GLY B 31 7.90 12.19 -29.37
N GLN B 32 7.33 11.28 -28.58
CA GLN B 32 6.85 11.61 -27.23
C GLN B 32 7.99 12.12 -26.35
N LEU B 33 9.11 11.40 -26.29
CA LEU B 33 10.20 11.81 -25.42
C LEU B 33 10.86 13.10 -25.90
N ALA B 34 11.11 13.23 -27.20
CA ALA B 34 11.71 14.46 -27.71
C ALA B 34 10.83 15.67 -27.37
N PHE B 35 9.52 15.54 -27.58
CA PHE B 35 8.61 16.61 -27.19
C PHE B 35 8.72 16.90 -25.69
N ALA B 36 8.67 15.84 -24.86
CA ALA B 36 8.65 16.05 -23.42
C ALA B 36 9.91 16.78 -22.96
N LEU B 37 11.07 16.33 -23.44
CA LEU B 37 12.32 16.97 -23.05
C LEU B 37 12.41 18.41 -23.58
N ALA B 38 12.03 18.63 -24.84
CA ALA B 38 12.10 19.98 -25.40
C ALA B 38 11.15 20.93 -24.68
N LYS B 39 9.94 20.46 -24.35
CA LYS B 39 9.01 21.28 -23.59
C LYS B 39 9.55 21.55 -22.19
N GLY B 40 10.12 20.53 -21.54
CA GLY B 40 10.72 20.73 -20.24
C GLY B 40 11.87 21.72 -20.28
N PHE B 41 12.80 21.55 -21.23
CA PHE B 41 13.94 22.44 -21.31
C PHE B 41 13.51 23.88 -21.55
N THR B 42 12.55 24.08 -22.46
CA THR B 42 12.15 25.45 -22.77
C THR B 42 11.38 26.07 -21.61
N ALA B 43 10.49 25.30 -20.96
CA ALA B 43 9.80 25.80 -19.79
C ALA B 43 10.78 26.12 -18.67
N ALA B 44 11.86 25.34 -18.55
CA ALA B 44 12.88 25.63 -17.55
C ALA B 44 13.62 26.93 -17.84
N GLY B 45 13.55 27.44 -19.07
CA GLY B 45 14.30 28.60 -19.48
C GLY B 45 15.77 28.36 -19.76
N VAL B 46 16.23 27.11 -19.72
CA VAL B 46 17.66 26.85 -19.94
C VAL B 46 18.02 26.76 -21.41
N LEU B 47 17.03 26.61 -22.29
CA LEU B 47 17.26 26.60 -23.73
C LEU B 47 16.16 27.39 -24.41
N ALA B 48 16.55 28.23 -25.36
CA ALA B 48 15.59 28.83 -26.27
C ALA B 48 15.15 27.78 -27.28
N ALA B 49 13.85 27.77 -27.58
CA ALA B 49 13.31 26.75 -28.47
C ALA B 49 13.98 26.78 -29.84
N HIS B 50 14.33 27.98 -30.33
CA HIS B 50 14.95 28.06 -31.65
C HIS B 50 16.37 27.51 -31.68
N LYS B 51 16.98 27.26 -30.52
CA LYS B 51 18.27 26.58 -30.46
C LYS B 51 18.14 25.06 -30.45
N ILE B 52 16.91 24.56 -30.52
CA ILE B 52 16.66 23.13 -30.57
C ILE B 52 16.22 22.77 -31.98
N MET B 53 16.73 21.66 -32.50
CA MET B 53 16.33 21.11 -33.78
C MET B 53 15.92 19.66 -33.54
N ALA B 54 14.87 19.21 -34.22
CA ALA B 54 14.44 17.82 -34.14
C ALA B 54 14.21 17.30 -35.55
N SER B 55 14.54 16.03 -35.77
CA SER B 55 14.33 15.41 -37.08
C SER B 55 13.48 14.16 -36.94
N SER B 56 12.71 13.87 -37.99
CA SER B 56 11.82 12.73 -38.06
C SER B 56 11.46 12.50 -39.51
N PRO B 57 11.32 11.26 -39.95
CA PRO B 57 10.83 11.01 -41.32
C PRO B 57 9.35 11.28 -41.49
N ASP B 58 8.58 11.42 -40.42
CA ASP B 58 7.15 11.66 -40.47
C ASP B 58 6.87 13.05 -39.90
N MET B 59 6.68 14.02 -40.78
CA MET B 59 6.40 15.39 -40.37
C MET B 59 4.92 15.67 -40.16
N ASP B 60 4.07 14.64 -40.28
CA ASP B 60 2.64 14.74 -39.98
C ASP B 60 2.32 14.07 -38.66
N LEU B 61 3.16 14.31 -37.66
CA LEU B 61 3.01 13.76 -36.32
C LEU B 61 2.46 14.82 -35.38
N ALA B 62 1.66 14.38 -34.41
CA ALA B 62 1.13 15.30 -33.42
C ALA B 62 2.26 15.94 -32.61
N THR B 63 3.27 15.14 -32.24
CA THR B 63 4.41 15.69 -31.51
C THR B 63 5.21 16.67 -32.38
N VAL B 64 5.31 16.40 -33.69
CA VAL B 64 6.00 17.33 -34.58
C VAL B 64 5.24 18.65 -34.67
N SER B 65 3.92 18.59 -34.79
CA SER B 65 3.11 19.81 -34.82
C SER B 65 3.29 20.62 -33.54
N ALA B 66 3.40 19.93 -32.39
CA ALA B 66 3.55 20.60 -31.11
C ALA B 66 4.93 21.24 -30.98
N LEU B 67 5.98 20.52 -31.40
CA LEU B 67 7.32 21.11 -31.41
C LEU B 67 7.37 22.34 -32.32
N ARG B 68 6.62 22.35 -33.42
CA ARG B 68 6.55 23.54 -34.26
C ARG B 68 6.05 24.73 -33.47
N LYS B 69 4.92 24.57 -32.76
CA LYS B 69 4.31 25.67 -32.03
C LYS B 69 5.24 26.24 -30.98
N MET B 70 6.09 25.40 -30.36
CA MET B 70 7.06 25.89 -29.40
C MET B 70 8.15 26.74 -30.03
N GLY B 71 8.38 26.59 -31.33
CA GLY B 71 9.48 27.27 -31.98
C GLY B 71 10.67 26.40 -32.30
N VAL B 72 10.58 25.09 -32.07
CA VAL B 72 11.69 24.18 -32.35
C VAL B 72 11.88 24.03 -33.85
N LYS B 73 13.12 24.09 -34.30
CA LYS B 73 13.40 23.90 -35.73
C LYS B 73 13.23 22.44 -36.10
N LEU B 74 12.56 22.19 -37.22
CA LEU B 74 12.31 20.82 -37.66
C LEU B 74 12.89 20.58 -39.04
N THR B 75 13.27 19.32 -39.29
CA THR B 75 13.82 18.91 -40.57
C THR B 75 13.59 17.42 -40.73
N PRO B 76 13.36 16.94 -41.96
CA PRO B 76 13.33 15.49 -42.17
C PRO B 76 14.69 14.83 -42.14
N HIS B 77 15.79 15.59 -42.16
CA HIS B 77 17.12 15.05 -42.42
C HIS B 77 17.95 14.99 -41.14
N ASN B 78 18.26 13.77 -40.71
CA ASN B 78 19.06 13.58 -39.49
C ASN B 78 20.43 14.22 -39.62
N LYS B 79 21.00 14.28 -40.83
CA LYS B 79 22.30 14.91 -40.99
C LYS B 79 22.23 16.40 -40.63
N GLU B 80 21.11 17.05 -40.97
CA GLU B 80 20.92 18.44 -40.60
C GLU B 80 20.96 18.62 -39.08
N THR B 81 20.21 17.79 -38.35
CA THR B 81 20.24 17.82 -36.89
C THR B 81 21.66 17.69 -36.36
N VAL B 82 22.42 16.73 -36.88
CA VAL B 82 23.79 16.52 -36.43
C VAL B 82 24.63 17.77 -36.68
N GLN B 83 24.53 18.34 -37.87
CA GLN B 83 25.35 19.51 -38.21
C GLN B 83 24.97 20.73 -37.38
N HIS B 84 23.69 20.84 -36.98
CA HIS B 84 23.22 21.95 -36.17
C HIS B 84 23.64 21.82 -34.71
N SER B 85 23.80 20.59 -34.23
CA SER B 85 23.78 20.37 -32.79
C SER B 85 25.18 20.18 -32.21
N ASP B 86 25.28 20.47 -30.92
CA ASP B 86 26.39 20.08 -30.06
C ASP B 86 26.02 18.87 -29.21
N VAL B 87 24.89 18.95 -28.51
CA VAL B 87 24.34 17.85 -27.74
C VAL B 87 23.26 17.18 -28.57
N LEU B 88 23.44 15.89 -28.85
CA LEU B 88 22.58 15.15 -29.76
C LEU B 88 21.87 14.06 -28.98
N PHE B 89 20.56 14.22 -28.78
CA PHE B 89 19.73 13.20 -28.14
C PHE B 89 19.23 12.22 -29.19
N LEU B 90 19.46 10.93 -28.93
CA LEU B 90 18.91 9.87 -29.76
C LEU B 90 17.60 9.44 -29.13
N ALA B 91 16.49 9.82 -29.77
CA ALA B 91 15.16 9.64 -29.22
C ALA B 91 14.33 8.86 -30.22
N VAL B 92 14.92 7.79 -30.76
CA VAL B 92 14.23 6.87 -31.64
C VAL B 92 14.05 5.54 -30.90
N LYS B 93 13.18 4.70 -31.44
CA LYS B 93 12.98 3.37 -30.86
C LYS B 93 14.31 2.61 -30.85
N PRO B 94 14.50 1.73 -29.87
CA PRO B 94 15.81 1.05 -29.72
C PRO B 94 16.30 0.31 -30.95
N HIS B 95 15.41 -0.34 -31.70
CA HIS B 95 15.89 -1.07 -32.87
C HIS B 95 16.29 -0.15 -34.02
N ILE B 96 15.90 1.13 -33.98
CA ILE B 96 16.31 2.09 -35.01
C ILE B 96 17.71 2.65 -34.73
N ILE B 97 18.18 2.56 -33.48
CA ILE B 97 19.47 3.17 -33.12
C ILE B 97 20.60 2.73 -34.03
N PRO B 98 20.80 1.44 -34.32
CA PRO B 98 21.90 1.08 -35.22
C PRO B 98 21.78 1.66 -36.62
N PHE B 99 20.56 1.79 -37.16
CA PHE B 99 20.42 2.42 -38.48
C PHE B 99 20.77 3.90 -38.42
N ILE B 100 20.33 4.58 -37.36
CA ILE B 100 20.66 5.99 -37.18
C ILE B 100 22.16 6.18 -37.10
N LEU B 101 22.84 5.33 -36.32
CA LEU B 101 24.28 5.50 -36.15
C LEU B 101 25.02 5.23 -37.45
N ASP B 102 24.55 4.27 -38.25
CA ASP B 102 25.14 4.05 -39.57
C ASP B 102 24.93 5.27 -40.47
N GLU B 103 23.78 5.93 -40.32
CA GLU B 103 23.44 7.02 -41.21
C GLU B 103 24.29 8.26 -40.93
N ILE B 104 24.42 8.64 -39.66
CA ILE B 104 25.10 9.90 -39.34
C ILE B 104 26.46 9.69 -38.69
N GLY B 105 26.96 8.45 -38.64
CA GLY B 105 28.24 8.21 -38.00
C GLY B 105 29.38 9.03 -38.59
N ALA B 106 29.40 9.16 -39.92
CA ALA B 106 30.45 9.95 -40.58
C ALA B 106 30.34 11.44 -40.25
N ASP B 107 29.21 11.89 -39.71
CA ASP B 107 28.99 13.29 -39.41
C ASP B 107 29.29 13.64 -37.95
N ILE B 108 29.55 12.66 -37.10
CA ILE B 108 29.90 12.94 -35.72
C ILE B 108 31.29 13.56 -35.68
N GLU B 109 31.42 14.68 -34.98
CA GLU B 109 32.66 15.41 -34.88
C GLU B 109 33.11 15.46 -33.41
N ASP B 110 34.30 16.02 -33.20
CA ASP B 110 34.87 16.06 -31.85
C ASP B 110 33.94 16.76 -30.87
N ARG B 111 33.23 17.79 -31.33
CA ARG B 111 32.42 18.62 -30.43
C ARG B 111 31.17 17.92 -29.93
N HIS B 112 30.76 16.80 -30.54
CA HIS B 112 29.47 16.21 -30.24
C HIS B 112 29.48 15.41 -28.96
N ILE B 113 28.44 15.60 -28.15
CA ILE B 113 28.09 14.66 -27.09
C ILE B 113 26.83 13.93 -27.53
N VAL B 114 26.94 12.61 -27.67
CA VAL B 114 25.82 11.79 -28.11
C VAL B 114 25.14 11.22 -26.87
N VAL B 115 23.86 11.56 -26.69
CA VAL B 115 23.10 11.14 -25.51
C VAL B 115 22.00 10.19 -25.98
N SER B 116 22.17 8.89 -25.73
CA SER B 116 21.16 7.92 -26.13
C SER B 116 20.14 7.80 -25.02
N CYS B 117 18.87 8.05 -25.36
CA CYS B 117 17.75 7.84 -24.44
C CYS B 117 17.08 6.50 -24.65
N ALA B 118 17.54 5.71 -25.63
CA ALA B 118 16.87 4.48 -26.00
C ALA B 118 16.96 3.44 -24.88
N ALA B 119 15.81 2.85 -24.55
CA ALA B 119 15.78 1.81 -23.53
C ALA B 119 16.66 0.63 -23.95
N GLY B 120 17.48 0.15 -23.02
CA GLY B 120 18.26 -1.05 -23.21
C GLY B 120 19.55 -0.91 -24.01
N VAL B 121 19.66 0.07 -24.90
CA VAL B 121 20.80 0.13 -25.82
C VAL B 121 22.06 0.50 -25.05
N THR B 122 23.09 -0.35 -25.16
CA THR B 122 24.28 -0.19 -24.34
C THR B 122 25.22 0.86 -24.91
N ILE B 123 25.97 1.50 -24.00
CA ILE B 123 27.05 2.38 -24.40
C ILE B 123 28.00 1.64 -25.33
N SER B 124 28.29 0.38 -25.02
CA SER B 124 29.22 -0.41 -25.82
C SER B 124 28.77 -0.48 -27.28
N SER B 125 27.49 -0.79 -27.52
CA SER B 125 26.99 -0.93 -28.88
C SER B 125 27.06 0.39 -29.63
N ILE B 126 26.76 1.50 -28.97
CA ILE B 126 26.84 2.81 -29.62
C ILE B 126 28.28 3.15 -29.96
N GLU B 127 29.19 2.98 -29.00
CA GLU B 127 30.59 3.33 -29.24
C GLU B 127 31.19 2.48 -30.34
N LYS B 128 30.79 1.21 -30.44
CA LYS B 128 31.35 0.34 -31.48
C LYS B 128 30.95 0.83 -32.86
N LYS B 129 29.70 1.24 -33.02
CA LYS B 129 29.20 1.77 -34.30
C LYS B 129 29.91 3.06 -34.66
N LEU B 130 29.93 4.02 -33.73
CA LEU B 130 30.50 5.32 -34.04
C LEU B 130 32.02 5.27 -34.16
N SER B 131 32.70 4.37 -33.45
CA SER B 131 34.16 4.31 -33.53
C SER B 131 34.64 3.85 -34.90
N ALA B 132 33.78 3.21 -35.69
CA ALA B 132 34.19 2.80 -37.03
C ALA B 132 34.43 4.01 -37.93
N PHE B 133 33.87 5.17 -37.58
CA PHE B 133 34.01 6.40 -38.36
C PHE B 133 35.04 7.35 -37.79
N ARG B 134 35.08 7.51 -36.46
CA ARG B 134 35.96 8.48 -35.85
C ARG B 134 36.20 7.96 -34.45
N PRO B 135 37.44 7.78 -34.01
CA PRO B 135 37.68 7.26 -32.67
C PRO B 135 37.21 8.25 -31.60
N ALA B 136 37.07 7.74 -30.39
CA ALA B 136 36.68 8.52 -29.21
C ALA B 136 35.36 9.29 -29.32
N PRO B 137 34.28 8.69 -29.79
CA PRO B 137 32.98 9.37 -29.67
C PRO B 137 32.59 9.53 -28.21
N ARG B 138 32.06 10.71 -27.88
CA ARG B 138 31.64 11.03 -26.51
C ARG B 138 30.17 10.62 -26.36
N VAL B 139 29.93 9.54 -25.61
CA VAL B 139 28.60 8.95 -25.50
C VAL B 139 28.15 9.00 -24.06
N ILE B 140 26.88 9.38 -23.86
CA ILE B 140 26.21 9.26 -22.57
C ILE B 140 24.93 8.49 -22.78
N ARG B 141 24.63 7.56 -21.88
CA ARG B 141 23.39 6.82 -21.90
C ARG B 141 22.49 7.35 -20.80
N CYS B 142 21.23 7.61 -21.12
CA CYS B 142 20.35 8.10 -20.08
C CYS B 142 19.05 7.32 -20.10
N MET B 143 18.38 7.27 -18.95
CA MET B 143 17.02 6.76 -18.85
C MET B 143 16.22 7.83 -18.14
N THR B 144 15.20 8.36 -18.80
CA THR B 144 14.40 9.43 -18.22
C THR B 144 12.96 8.96 -18.31
N ASN B 145 12.01 9.88 -18.15
CA ASN B 145 10.61 9.51 -18.28
C ASN B 145 9.81 10.72 -18.71
N THR B 146 8.54 10.47 -19.08
CA THR B 146 7.75 11.54 -19.69
C THR B 146 7.47 12.72 -18.75
N PRO B 147 7.42 12.56 -17.41
CA PRO B 147 7.17 13.75 -16.56
C PRO B 147 8.22 14.84 -16.64
N VAL B 148 9.32 14.67 -17.40
CA VAL B 148 10.15 15.85 -17.67
C VAL B 148 9.33 16.95 -18.31
N VAL B 149 8.19 16.61 -18.93
CA VAL B 149 7.35 17.60 -19.58
C VAL B 149 6.78 18.60 -18.57
N VAL B 150 6.61 18.19 -17.32
CA VAL B 150 6.21 19.10 -16.23
C VAL B 150 7.36 19.33 -15.25
N ARG B 151 8.60 19.13 -15.71
CA ARG B 151 9.81 19.36 -14.94
C ARG B 151 9.85 18.57 -13.64
N GLU B 152 9.28 17.36 -13.64
CA GLU B 152 9.35 16.45 -12.52
C GLU B 152 9.78 15.07 -12.98
N GLY B 153 10.69 15.02 -13.95
CA GLY B 153 11.19 13.75 -14.41
C GLY B 153 12.07 13.07 -13.38
N ALA B 154 12.41 11.82 -13.69
CA ALA B 154 13.40 11.06 -12.92
C ALA B 154 14.38 10.51 -13.95
N THR B 155 15.62 10.97 -13.88
CA THR B 155 16.61 10.65 -14.91
C THR B 155 17.86 10.09 -14.24
N VAL B 156 18.41 9.02 -14.80
CA VAL B 156 19.77 8.61 -14.47
C VAL B 156 20.57 8.62 -15.76
N TYR B 157 21.88 8.73 -15.61
CA TYR B 157 22.75 8.67 -16.78
C TYR B 157 24.04 7.96 -16.42
N ALA B 158 24.67 7.37 -17.44
CA ALA B 158 25.99 6.77 -17.31
C ALA B 158 26.89 7.33 -18.40
N THR B 159 28.14 7.61 -18.05
CA THR B 159 29.08 8.21 -19.00
C THR B 159 29.87 7.12 -19.72
N GLY B 160 30.13 7.35 -21.00
CA GLY B 160 30.84 6.39 -21.81
C GLY B 160 32.34 6.48 -21.65
N THR B 161 33.03 5.66 -22.44
CA THR B 161 34.48 5.54 -22.36
C THR B 161 35.19 6.87 -22.59
N HIS B 162 34.72 7.65 -23.56
CA HIS B 162 35.44 8.83 -24.02
C HIS B 162 34.78 10.12 -23.56
N ALA B 163 33.70 10.03 -22.80
CA ALA B 163 33.07 11.22 -22.25
C ALA B 163 34.03 11.88 -21.27
N GLN B 164 34.16 13.20 -21.40
CA GLN B 164 35.00 13.93 -20.46
C GLN B 164 34.22 14.22 -19.18
N VAL B 165 34.94 14.51 -18.09
CA VAL B 165 34.29 14.78 -16.81
C VAL B 165 33.31 15.94 -16.94
N GLU B 166 33.66 16.96 -17.72
CA GLU B 166 32.75 18.08 -17.94
C GLU B 166 31.51 17.68 -18.73
N ASP B 167 31.57 16.62 -19.54
CA ASP B 167 30.40 16.19 -20.31
C ASP B 167 29.30 15.69 -19.38
N GLY B 168 29.64 14.85 -18.42
CA GLY B 168 28.65 14.34 -17.49
C GLY B 168 28.10 15.42 -16.59
N ARG B 169 28.96 16.35 -16.14
CA ARG B 169 28.48 17.45 -15.32
C ARG B 169 27.52 18.34 -16.10
N LEU B 170 27.86 18.61 -17.37
CA LEU B 170 26.98 19.40 -18.22
C LEU B 170 25.64 18.71 -18.41
N MET B 171 25.65 17.40 -18.65
CA MET B 171 24.39 16.69 -18.87
C MET B 171 23.58 16.60 -17.57
N GLU B 172 24.25 16.41 -16.43
CA GLU B 172 23.49 16.46 -15.19
C GLU B 172 22.88 17.83 -14.97
N GLN B 173 23.59 18.89 -15.35
CA GLN B 173 23.05 20.25 -15.22
C GLN B 173 21.83 20.43 -16.09
N LEU B 174 21.90 19.97 -17.34
CA LEU B 174 20.77 20.08 -18.25
C LEU B 174 19.58 19.24 -17.78
N LEU B 175 19.82 17.98 -17.45
CA LEU B 175 18.70 17.11 -17.08
C LEU B 175 18.14 17.42 -15.70
N SER B 176 18.92 18.06 -14.82
CA SER B 176 18.40 18.47 -13.53
C SER B 176 17.40 19.63 -13.66
N SER B 177 17.41 20.34 -14.79
CA SER B 177 16.44 21.41 -14.95
C SER B 177 15.03 20.89 -15.22
N VAL B 178 14.87 19.60 -15.52
CA VAL B 178 13.55 19.04 -15.77
C VAL B 178 13.21 17.90 -14.82
N GLY B 179 13.95 17.75 -13.72
CA GLY B 179 13.57 16.80 -12.70
C GLY B 179 14.76 16.31 -11.92
N PHE B 180 14.58 15.16 -11.27
CA PHE B 180 15.66 14.54 -10.52
C PHE B 180 16.66 13.95 -11.51
N CYS B 181 17.95 14.08 -11.21
CA CYS B 181 18.94 13.51 -12.11
C CYS B 181 20.16 13.08 -11.30
N THR B 182 20.66 11.86 -11.56
CA THR B 182 21.87 11.44 -10.89
C THR B 182 22.65 10.49 -11.79
N GLU B 183 23.95 10.43 -11.58
CA GLU B 183 24.79 9.50 -12.31
C GLU B 183 24.68 8.11 -11.70
N VAL B 184 24.66 7.08 -12.55
CA VAL B 184 24.71 5.69 -12.10
C VAL B 184 25.70 4.90 -12.94
N GLU B 185 26.13 3.76 -12.41
CA GLU B 185 26.81 2.77 -13.23
C GLU B 185 25.84 2.24 -14.28
N GLU B 186 26.36 1.95 -15.48
CA GLU B 186 25.47 1.58 -16.57
C GLU B 186 24.68 0.31 -16.24
N ASP B 187 25.23 -0.59 -15.43
CA ASP B 187 24.51 -1.84 -15.23
C ASP B 187 23.29 -1.70 -14.32
N LEU B 188 23.00 -0.50 -13.80
CA LEU B 188 21.75 -0.27 -13.08
C LEU B 188 20.63 0.25 -13.98
N ILE B 189 20.92 0.63 -15.23
CA ILE B 189 19.95 1.38 -16.00
C ILE B 189 18.75 0.52 -16.42
N ASP B 190 18.95 -0.76 -16.71
CA ASP B 190 17.81 -1.60 -17.08
C ASP B 190 16.82 -1.72 -15.92
N ALA B 191 17.32 -1.80 -14.69
CA ALA B 191 16.45 -1.81 -13.52
C ALA B 191 15.78 -0.47 -13.30
N VAL B 192 16.52 0.63 -13.49
CA VAL B 192 15.88 1.96 -13.41
C VAL B 192 14.74 2.06 -14.42
N THR B 193 14.95 1.51 -15.63
CA THR B 193 13.92 1.50 -16.65
C THR B 193 12.64 0.85 -16.13
N GLY B 194 12.78 -0.27 -15.43
CA GLY B 194 11.61 -0.95 -14.89
C GLY B 194 10.92 -0.22 -13.77
N LEU B 195 11.63 0.68 -13.08
CA LEU B 195 11.06 1.40 -11.95
C LEU B 195 10.57 2.77 -12.38
N SER B 196 11.47 3.71 -12.71
CA SER B 196 11.00 5.06 -13.02
C SER B 196 10.77 5.29 -14.51
N GLY B 197 11.38 4.51 -15.40
CA GLY B 197 11.05 4.62 -16.81
C GLY B 197 9.61 4.19 -17.10
N SER B 198 9.24 2.98 -16.69
CA SER B 198 7.89 2.48 -16.85
C SER B 198 6.96 2.99 -15.76
N GLY B 199 7.51 3.49 -14.64
CA GLY B 199 6.69 3.86 -13.50
C GLY B 199 5.51 4.76 -13.77
N PRO B 200 5.65 5.79 -14.62
CA PRO B 200 4.47 6.65 -14.87
C PRO B 200 3.28 5.88 -15.41
N ALA B 201 3.52 4.85 -16.23
CA ALA B 201 2.41 4.04 -16.73
C ALA B 201 1.72 3.27 -15.60
N TYR B 202 2.49 2.75 -14.63
CA TYR B 202 1.87 2.13 -13.46
C TYR B 202 0.98 3.14 -12.74
N ALA B 203 1.47 4.38 -12.60
CA ALA B 203 0.71 5.42 -11.92
C ALA B 203 -0.55 5.79 -12.69
N PHE B 204 -0.46 5.92 -14.03
CA PHE B 204 -1.67 6.25 -14.79
C PHE B 204 -2.71 5.14 -14.67
N THR B 205 -2.27 3.89 -14.68
CA THR B 205 -3.17 2.76 -14.47
C THR B 205 -3.82 2.83 -13.10
N ALA B 206 -3.01 3.10 -12.08
CA ALA B 206 -3.52 3.19 -10.71
C ALA B 206 -4.50 4.35 -10.56
N LEU B 207 -4.20 5.48 -11.21
CA LEU B 207 -5.10 6.64 -11.09
C LEU B 207 -6.43 6.40 -11.81
N ASP B 208 -6.40 5.72 -12.97
CA ASP B 208 -7.63 5.33 -13.65
C ASP B 208 -8.49 4.45 -12.74
N ALA B 209 -7.87 3.48 -12.08
CA ALA B 209 -8.59 2.54 -11.23
C ALA B 209 -9.09 3.22 -9.96
N LEU B 210 -8.27 4.07 -9.35
CA LEU B 210 -8.74 4.80 -8.17
C LEU B 210 -9.93 5.67 -8.51
N ALA B 211 -9.91 6.30 -9.69
CA ALA B 211 -11.04 7.10 -10.11
C ALA B 211 -12.29 6.24 -10.31
N ASP B 212 -12.14 5.06 -10.93
CA ASP B 212 -13.26 4.12 -11.04
C ASP B 212 -13.83 3.78 -9.68
N GLY B 213 -12.96 3.60 -8.69
CA GLY B 213 -13.43 3.35 -7.33
C GLY B 213 -14.18 4.53 -6.74
N GLY B 214 -13.66 5.75 -6.95
CA GLY B 214 -14.40 6.94 -6.53
C GLY B 214 -15.78 7.03 -7.19
N VAL B 215 -15.83 6.80 -8.51
CA VAL B 215 -17.11 6.82 -9.23
C VAL B 215 -18.05 5.75 -8.68
N LYS B 216 -17.51 4.55 -8.40
CA LYS B 216 -18.37 3.49 -7.86
C LYS B 216 -19.03 3.92 -6.57
N MET B 217 -18.32 4.64 -5.71
CA MET B 217 -18.85 5.07 -4.43
C MET B 217 -19.60 6.40 -4.50
N GLY B 218 -19.83 6.95 -5.68
CA GLY B 218 -20.73 8.09 -5.86
C GLY B 218 -20.10 9.39 -6.31
N LEU B 219 -18.76 9.44 -6.59
CA LEU B 219 -18.15 10.72 -6.98
C LEU B 219 -18.26 10.95 -8.47
N PRO B 220 -18.39 12.20 -8.90
CA PRO B 220 -18.25 12.50 -10.32
C PRO B 220 -16.84 12.17 -10.78
N ARG B 221 -16.74 11.72 -12.03
CA ARG B 221 -15.46 11.23 -12.55
CA ARG B 221 -15.46 11.23 -12.56
C ARG B 221 -14.39 12.31 -12.51
N ARG B 222 -14.73 13.54 -12.91
CA ARG B 222 -13.77 14.63 -12.92
C ARG B 222 -13.17 14.84 -11.53
N LEU B 223 -14.02 14.92 -10.50
CA LEU B 223 -13.54 15.11 -9.15
C LEU B 223 -12.73 13.91 -8.68
N ALA B 224 -13.18 12.70 -9.02
CA ALA B 224 -12.42 11.53 -8.60
C ALA B 224 -11.01 11.54 -9.19
N VAL B 225 -10.87 11.92 -10.46
CA VAL B 225 -9.55 11.96 -11.09
C VAL B 225 -8.67 12.98 -10.39
N ARG B 226 -9.23 14.16 -10.12
CA ARG B 226 -8.48 15.25 -9.50
C ARG B 226 -8.00 14.86 -8.10
N LEU B 227 -8.91 14.29 -7.30
CA LEU B 227 -8.56 13.92 -5.92
C LEU B 227 -7.57 12.76 -5.87
N GLY B 228 -7.76 11.74 -6.70
CA GLY B 228 -6.81 10.65 -6.74
C GLY B 228 -5.43 11.11 -7.13
N ALA B 229 -5.34 11.97 -8.15
CA ALA B 229 -4.04 12.45 -8.61
C ALA B 229 -3.39 13.32 -7.55
N GLN B 230 -4.19 14.17 -6.89
CA GLN B 230 -3.65 15.00 -5.82
C GLN B 230 -3.16 14.16 -4.64
N ALA B 231 -3.91 13.09 -4.30
CA ALA B 231 -3.48 12.22 -3.20
C ALA B 231 -2.16 11.56 -3.51
N LEU B 232 -1.99 11.06 -4.74
CA LEU B 232 -0.74 10.43 -5.12
C LEU B 232 0.40 11.44 -5.16
N LEU B 233 0.16 12.63 -5.72
CA LEU B 233 1.20 13.66 -5.75
C LEU B 233 1.63 14.04 -4.34
N GLY B 234 0.67 14.27 -3.45
CA GLY B 234 1.01 14.68 -2.10
C GLY B 234 1.77 13.62 -1.33
N ALA B 235 1.39 12.36 -1.51
CA ALA B 235 2.04 11.28 -0.77
C ALA B 235 3.48 11.11 -1.25
N ALA B 236 3.69 11.17 -2.56
CA ALA B 236 5.05 11.10 -3.11
C ALA B 236 5.91 12.24 -2.60
N LYS B 237 5.38 13.47 -2.60
CA LYS B 237 6.11 14.60 -2.06
C LYS B 237 6.43 14.42 -0.59
N MET B 238 5.46 13.95 0.21
CA MET B 238 5.73 13.67 1.62
C MET B 238 6.93 12.76 1.78
N LEU B 239 6.97 11.66 1.02
CA LEU B 239 8.05 10.69 1.16
C LEU B 239 9.38 11.31 0.73
N LEU B 240 9.39 12.04 -0.39
CA LEU B 240 10.62 12.67 -0.85
C LEU B 240 11.16 13.64 0.17
N HIS B 241 10.30 14.31 0.91
CA HIS B 241 10.70 15.33 1.87
C HIS B 241 10.83 14.78 3.29
N SER B 242 10.66 13.48 3.48
CA SER B 242 10.73 12.89 4.82
C SER B 242 11.93 11.94 4.89
N GLU B 243 12.49 11.84 6.10
CA GLU B 243 13.51 10.83 6.39
C GLU B 243 12.89 9.54 6.90
N GLN B 244 11.56 9.44 6.91
CA GLN B 244 10.90 8.28 7.46
C GLN B 244 10.63 7.22 6.40
N HIS B 245 10.50 5.98 6.86
CA HIS B 245 10.19 4.87 5.98
C HIS B 245 8.75 5.02 5.46
N PRO B 246 8.49 4.62 4.23
CA PRO B 246 7.09 4.65 3.74
C PRO B 246 6.11 3.90 4.65
N GLY B 247 6.55 2.83 5.31
CA GLY B 247 5.67 2.15 6.26
C GLY B 247 5.31 3.02 7.46
N GLN B 248 6.26 3.86 7.91
CA GLN B 248 5.95 4.76 9.02
C GLN B 248 4.95 5.82 8.60
N LEU B 249 5.11 6.39 7.41
CA LEU B 249 4.12 7.36 6.93
C LEU B 249 2.75 6.72 6.79
N LYS B 250 2.71 5.48 6.31
CA LYS B 250 1.46 4.72 6.21
C LYS B 250 0.79 4.59 7.56
N ASP B 251 1.58 4.30 8.59
CA ASP B 251 1.04 4.14 9.94
C ASP B 251 0.35 5.41 10.44
N ASN B 252 0.85 6.59 10.07
CA ASN B 252 0.25 7.86 10.52
C ASN B 252 -1.10 8.12 9.88
N VAL B 253 -1.38 7.51 8.74
CA VAL B 253 -2.69 7.68 8.13
C VAL B 253 -3.71 6.78 8.81
N SER B 254 -3.30 5.58 9.20
CA SER B 254 -4.25 4.56 9.61
C SER B 254 -4.49 4.66 11.11
N SER B 255 -5.67 5.16 11.49
CA SER B 255 -6.10 5.13 12.87
C SER B 255 -6.70 3.76 13.19
N PRO B 256 -6.55 3.30 14.43
CA PRO B 256 -7.00 1.94 14.79
C PRO B 256 -8.46 1.70 14.48
N GLY B 257 -8.74 0.53 13.87
CA GLY B 257 -10.09 0.17 13.48
C GLY B 257 -10.68 1.00 12.36
N GLY B 258 -9.94 1.93 11.78
CA GLY B 258 -10.49 2.93 10.90
C GLY B 258 -10.62 2.50 9.45
N ALA B 259 -11.03 3.46 8.63
CA ALA B 259 -11.32 3.17 7.23
C ALA B 259 -10.05 2.79 6.46
N THR B 260 -8.96 3.47 6.75
CA THR B 260 -7.74 3.26 5.95
C THR B 260 -7.18 1.86 6.16
N ILE B 261 -7.13 1.40 7.41
CA ILE B 261 -6.54 0.08 7.67
C ILE B 261 -7.46 -1.01 7.11
N HIS B 262 -8.78 -0.76 7.07
CA HIS B 262 -9.65 -1.70 6.39
C HIS B 262 -9.32 -1.77 4.89
N ALA B 263 -9.07 -0.62 4.29
CA ALA B 263 -8.71 -0.61 2.87
C ALA B 263 -7.35 -1.25 2.64
N LEU B 264 -6.39 -1.01 3.54
CA LEU B 264 -5.06 -1.61 3.35
C LEU B 264 -5.15 -3.14 3.37
N HIS B 265 -6.01 -3.69 4.23
CA HIS B 265 -6.17 -5.13 4.29
C HIS B 265 -6.61 -5.71 2.94
N VAL B 266 -7.61 -5.08 2.29
CA VAL B 266 -8.06 -5.65 1.02
C VAL B 266 -6.97 -5.54 -0.06
N LEU B 267 -6.16 -4.50 -0.04
CA LEU B 267 -4.97 -4.45 -0.91
C LEU B 267 -4.04 -5.62 -0.64
N GLU B 268 -3.73 -5.87 0.64
CA GLU B 268 -2.86 -6.99 1.00
C GLU B 268 -3.46 -8.31 0.57
N SER B 269 -4.78 -8.47 0.73
CA SER B 269 -5.41 -9.74 0.41
C SER B 269 -5.28 -10.05 -1.07
N GLY B 270 -5.16 -9.02 -1.90
CA GLY B 270 -4.96 -9.25 -3.32
C GLY B 270 -3.51 -9.33 -3.75
N GLY B 271 -2.57 -9.30 -2.80
CA GLY B 271 -1.17 -9.29 -3.19
C GLY B 271 -0.73 -8.05 -3.94
N PHE B 272 -1.30 -6.89 -3.60
CA PHE B 272 -0.99 -5.61 -4.24
C PHE B 272 0.51 -5.36 -4.35
N ARG B 273 1.24 -5.56 -3.24
CA ARG B 273 2.69 -5.33 -3.25
C ARG B 273 3.36 -6.22 -4.27
N SER B 274 3.03 -7.52 -4.29
CA SER B 274 3.66 -8.43 -5.23
C SER B 274 3.42 -8.01 -6.69
N LEU B 275 2.27 -7.41 -6.99
CA LEU B 275 2.01 -7.02 -8.37
C LEU B 275 2.98 -5.94 -8.83
N LEU B 276 3.24 -4.96 -7.96
CA LEU B 276 4.18 -3.89 -8.33
C LEU B 276 5.60 -4.42 -8.44
N ILE B 277 5.99 -5.36 -7.56
CA ILE B 277 7.29 -5.99 -7.73
C ILE B 277 7.34 -6.74 -9.05
N ASN B 278 6.27 -7.49 -9.36
CA ASN B 278 6.16 -8.20 -10.64
C ASN B 278 6.38 -7.27 -11.82
N ALA B 279 5.81 -6.05 -11.75
CA ALA B 279 5.88 -5.10 -12.85
C ALA B 279 7.30 -4.60 -13.05
N VAL B 280 7.95 -4.14 -11.98
CA VAL B 280 9.33 -3.68 -12.11
C VAL B 280 10.20 -4.79 -12.69
N GLU B 281 10.04 -6.01 -12.16
CA GLU B 281 10.79 -7.14 -12.69
C GLU B 281 10.49 -7.39 -14.15
N ALA B 282 9.21 -7.37 -14.54
CA ALA B 282 8.86 -7.69 -15.93
C ALA B 282 9.44 -6.68 -16.90
N SER B 283 9.39 -5.40 -16.53
CA SER B 283 9.93 -4.33 -17.39
C SER B 283 11.44 -4.44 -17.52
N CYS B 284 12.12 -4.63 -16.39
CA CYS B 284 13.57 -4.84 -16.39
C CYS B 284 13.94 -6.05 -17.24
N ILE B 285 13.29 -7.19 -17.02
CA ILE B 285 13.65 -8.40 -17.77
C ILE B 285 13.43 -8.18 -19.27
N ARG B 286 12.29 -7.60 -19.65
CA ARG B 286 12.05 -7.35 -21.07
C ARG B 286 13.12 -6.43 -21.66
N THR B 287 13.52 -5.40 -20.90
CA THR B 287 14.59 -4.51 -21.37
C THR B 287 15.88 -5.28 -21.62
N ARG B 288 16.24 -6.18 -20.71
CA ARG B 288 17.44 -7.00 -20.92
C ARG B 288 17.27 -7.94 -22.11
N GLU B 289 16.07 -8.52 -22.26
CA GLU B 289 15.81 -9.48 -23.33
C GLU B 289 15.88 -8.80 -24.69
N LEU B 290 15.32 -7.59 -24.81
CA LEU B 290 15.36 -6.88 -26.07
C LEU B 290 16.79 -6.58 -26.49
N GLN B 291 17.60 -6.11 -25.53
CA GLN B 291 18.98 -5.80 -25.88
C GLN B 291 19.76 -7.06 -26.29
N SER B 292 19.53 -8.18 -25.60
CA SER B 292 20.21 -9.42 -25.99
C SER B 292 19.87 -9.83 -27.42
N MET B 293 18.61 -9.64 -27.83
CA MET B 293 18.25 -9.90 -29.23
C MET B 293 18.96 -8.92 -30.15
N ALA B 294 19.12 -7.66 -29.71
CA ALA B 294 19.84 -6.66 -30.51
C ALA B 294 21.30 -7.06 -30.70
N ASP B 295 21.95 -7.51 -29.63
CA ASP B 295 23.38 -7.84 -29.74
C ASP B 295 23.61 -9.14 -30.48
N GLN B 296 22.70 -10.10 -30.38
CA GLN B 296 22.81 -11.33 -31.15
C GLN B 296 22.47 -11.07 -32.62
N PHE C 20 7.57 -9.23 47.26
CA PHE C 20 6.33 -9.78 47.77
C PHE C 20 6.61 -10.98 48.68
N GLN C 21 7.10 -10.72 49.88
CA GLN C 21 7.43 -11.80 50.80
C GLN C 21 6.19 -12.32 51.52
N SER C 22 5.23 -11.45 51.83
CA SER C 22 4.03 -11.83 52.53
C SER C 22 2.91 -12.25 51.59
N MET C 23 3.12 -12.20 50.28
CA MET C 23 2.04 -12.36 49.32
C MET C 23 1.77 -13.83 49.05
N SER C 24 0.51 -14.22 49.16
CA SER C 24 0.06 -15.56 48.86
C SER C 24 -0.76 -15.53 47.59
N VAL C 25 -0.42 -16.40 46.63
CA VAL C 25 -1.05 -16.42 45.32
C VAL C 25 -1.78 -17.74 45.14
N GLY C 26 -2.97 -17.68 44.55
CA GLY C 26 -3.74 -18.88 44.27
C GLY C 26 -4.15 -18.93 42.82
N PHE C 27 -4.27 -20.15 42.31
CA PHE C 27 -4.77 -20.41 40.95
C PHE C 27 -6.00 -21.29 41.05
N ILE C 28 -7.13 -20.79 40.56
CA ILE C 28 -8.31 -21.62 40.38
C ILE C 28 -8.24 -22.15 38.95
N GLY C 29 -8.06 -23.46 38.81
CA GLY C 29 -7.73 -24.05 37.52
C GLY C 29 -6.24 -24.30 37.45
N ALA C 30 -5.84 -25.56 37.27
CA ALA C 30 -4.42 -25.91 37.30
C ALA C 30 -3.96 -26.51 35.98
N GLY C 31 -4.19 -25.79 34.89
CA GLY C 31 -3.78 -26.26 33.58
C GLY C 31 -2.61 -25.50 33.00
N GLN C 32 -2.59 -25.36 31.67
CA GLN C 32 -1.44 -24.83 30.95
C GLN C 32 -1.02 -23.45 31.48
N LEU C 33 -1.97 -22.52 31.58
CA LEU C 33 -1.63 -21.16 31.98
C LEU C 33 -1.22 -21.09 33.45
N ALA C 34 -1.89 -21.85 34.32
CA ALA C 34 -1.49 -21.85 35.72
C ALA C 34 -0.05 -22.34 35.88
N PHE C 35 0.30 -23.43 35.18
CA PHE C 35 1.68 -23.92 35.24
C PHE C 35 2.65 -22.88 34.70
N ALA C 36 2.31 -22.29 33.54
CA ALA C 36 3.21 -21.33 32.92
C ALA C 36 3.48 -20.15 33.85
N LEU C 37 2.44 -19.60 34.47
CA LEU C 37 2.62 -18.47 35.38
C LEU C 37 3.37 -18.87 36.64
N ALA C 38 3.02 -20.00 37.25
CA ALA C 38 3.71 -20.42 38.47
C ALA C 38 5.18 -20.71 38.20
N LYS C 39 5.48 -21.37 37.08
CA LYS C 39 6.88 -21.61 36.71
C LYS C 39 7.60 -20.29 36.49
N GLY C 40 6.96 -19.36 35.78
CA GLY C 40 7.59 -18.07 35.54
C GLY C 40 7.82 -17.29 36.82
N PHE C 41 6.81 -17.23 37.68
CA PHE C 41 6.93 -16.48 38.94
C PHE C 41 8.05 -17.04 39.80
N THR C 42 8.14 -18.35 39.91
CA THR C 42 9.14 -18.92 40.81
C THR C 42 10.54 -18.82 40.19
N ALA C 43 10.65 -18.94 38.86
CA ALA C 43 11.95 -18.75 38.23
C ALA C 43 12.40 -17.30 38.35
N ALA C 44 11.46 -16.36 38.33
CA ALA C 44 11.78 -14.96 38.54
C ALA C 44 12.20 -14.65 39.97
N GLY C 45 11.92 -15.53 40.92
CA GLY C 45 12.21 -15.28 42.31
C GLY C 45 11.23 -14.36 43.03
N VAL C 46 10.14 -13.95 42.38
CA VAL C 46 9.20 -13.06 43.04
C VAL C 46 8.22 -13.81 43.93
N LEU C 47 8.07 -15.12 43.73
CA LEU C 47 7.18 -15.94 44.53
C LEU C 47 7.91 -17.20 44.94
N ALA C 48 7.66 -17.65 46.17
CA ALA C 48 8.11 -18.96 46.59
C ALA C 48 7.04 -19.98 46.21
N ALA C 49 7.48 -21.12 45.66
CA ALA C 49 6.53 -22.12 45.21
C ALA C 49 5.59 -22.55 46.33
N HIS C 50 6.09 -22.65 47.56
CA HIS C 50 5.21 -23.09 48.65
C HIS C 50 4.17 -22.05 49.04
N LYS C 51 4.31 -20.80 48.58
CA LYS C 51 3.30 -19.78 48.83
C LYS C 51 2.25 -19.74 47.72
N ILE C 52 2.25 -20.72 46.83
CA ILE C 52 1.32 -20.81 45.72
C ILE C 52 0.46 -22.06 45.92
N MET C 53 -0.86 -21.90 45.73
CA MET C 53 -1.80 -23.02 45.77
C MET C 53 -2.60 -23.03 44.48
N ALA C 54 -2.91 -24.22 43.99
CA ALA C 54 -3.68 -24.38 42.75
C ALA C 54 -4.73 -25.46 42.95
N SER C 55 -5.91 -25.25 42.37
CA SER C 55 -7.00 -26.20 42.51
C SER C 55 -7.52 -26.63 41.15
N SER C 56 -7.89 -27.90 41.05
CA SER C 56 -8.48 -28.50 39.85
C SER C 56 -9.31 -29.68 40.29
N PRO C 57 -10.38 -30.02 39.54
CA PRO C 57 -11.16 -31.23 39.87
C PRO C 57 -10.39 -32.50 39.58
N ASP C 58 -9.76 -32.58 38.41
CA ASP C 58 -9.00 -33.76 37.99
C ASP C 58 -7.57 -33.61 38.49
N MET C 59 -7.32 -34.14 39.68
CA MET C 59 -5.98 -34.11 40.27
C MET C 59 -5.00 -35.03 39.58
N ASP C 60 -5.38 -35.67 38.47
CA ASP C 60 -4.49 -36.56 37.74
C ASP C 60 -4.11 -35.99 36.37
N LEU C 61 -4.15 -34.67 36.22
CA LEU C 61 -3.72 -34.04 34.98
C LEU C 61 -2.19 -33.91 34.95
N ALA C 62 -1.64 -33.80 33.74
CA ALA C 62 -0.19 -33.68 33.60
C ALA C 62 0.31 -32.32 34.07
N THR C 63 -0.49 -31.26 33.87
CA THR C 63 -0.13 -29.95 34.42
C THR C 63 -0.19 -29.96 35.93
N VAL C 64 -1.13 -30.71 36.52
CA VAL C 64 -1.21 -30.81 37.98
C VAL C 64 0.04 -31.49 38.52
N SER C 65 0.51 -32.54 37.84
CA SER C 65 1.69 -33.25 38.30
C SER C 65 2.93 -32.38 38.20
N ALA C 66 3.05 -31.61 37.11
CA ALA C 66 4.18 -30.71 36.95
C ALA C 66 4.18 -29.62 38.02
N LEU C 67 3.00 -29.07 38.33
CA LEU C 67 2.91 -28.10 39.41
C LEU C 67 3.35 -28.70 40.74
N ARG C 68 2.98 -29.95 41.02
CA ARG C 68 3.42 -30.59 42.26
C ARG C 68 4.94 -30.74 42.28
N LYS C 69 5.54 -31.02 41.12
CA LYS C 69 6.98 -31.22 41.08
C LYS C 69 7.73 -29.96 41.48
N MET C 70 7.21 -28.79 41.10
CA MET C 70 7.91 -27.54 41.44
C MET C 70 7.60 -27.04 42.85
N GLY C 71 6.79 -27.75 43.62
CA GLY C 71 6.54 -27.40 44.99
C GLY C 71 5.27 -26.62 45.27
N VAL C 72 4.38 -26.50 44.29
CA VAL C 72 3.11 -25.79 44.49
C VAL C 72 2.16 -26.68 45.28
N LYS C 73 1.43 -26.07 46.20
CA LYS C 73 0.38 -26.79 46.94
C LYS C 73 -0.83 -27.00 46.04
N LEU C 74 -1.39 -28.21 46.10
CA LEU C 74 -2.51 -28.56 45.23
C LEU C 74 -3.66 -29.12 46.06
N THR C 75 -4.88 -28.84 45.61
CA THR C 75 -6.08 -29.22 46.33
C THR C 75 -7.22 -29.34 45.32
N PRO C 76 -8.17 -30.25 45.55
CA PRO C 76 -9.34 -30.29 44.65
C PRO C 76 -10.37 -29.21 44.96
N HIS C 77 -10.24 -28.50 46.09
CA HIS C 77 -11.30 -27.63 46.60
C HIS C 77 -10.95 -26.17 46.30
N ASN C 78 -11.75 -25.55 45.42
CA ASN C 78 -11.54 -24.14 45.08
C ASN C 78 -11.66 -23.23 46.30
N LYS C 79 -12.45 -23.63 47.31
CA LYS C 79 -12.57 -22.82 48.52
C LYS C 79 -11.26 -22.77 49.28
N GLU C 80 -10.49 -23.86 49.29
CA GLU C 80 -9.19 -23.83 49.95
C GLU C 80 -8.24 -22.84 49.28
N THR C 81 -8.21 -22.82 47.94
CA THR C 81 -7.39 -21.85 47.23
C THR C 81 -7.75 -20.43 47.65
N VAL C 82 -9.05 -20.13 47.73
CA VAL C 82 -9.50 -18.79 48.06
C VAL C 82 -9.05 -18.41 49.47
N GLN C 83 -9.27 -19.31 50.44
CA GLN C 83 -8.87 -19.03 51.81
C GLN C 83 -7.37 -18.87 51.95
N HIS C 84 -6.60 -19.52 51.08
CA HIS C 84 -5.15 -19.52 51.16
C HIS C 84 -4.55 -18.22 50.64
N SER C 85 -5.14 -17.60 49.62
CA SER C 85 -4.39 -16.60 48.87
C SER C 85 -4.96 -15.20 49.05
N ASP C 86 -4.12 -14.23 48.69
CA ASP C 86 -4.49 -12.83 48.60
C ASP C 86 -4.76 -12.42 47.15
N VAL C 87 -3.84 -12.76 46.26
CA VAL C 87 -4.03 -12.58 44.83
C VAL C 87 -4.54 -13.89 44.26
N LEU C 88 -5.69 -13.84 43.61
CA LEU C 88 -6.41 -15.03 43.16
C LEU C 88 -6.52 -14.98 41.64
N PHE C 89 -5.81 -15.86 40.94
CA PHE C 89 -5.92 -15.96 39.49
C PHE C 89 -7.02 -16.94 39.11
N LEU C 90 -7.94 -16.50 38.25
CA LEU C 90 -8.90 -17.39 37.63
C LEU C 90 -8.31 -17.88 36.31
N ALA C 91 -7.93 -19.16 36.29
CA ALA C 91 -7.27 -19.77 35.14
C ALA C 91 -8.07 -20.96 34.63
N VAL C 92 -9.39 -20.82 34.58
CA VAL C 92 -10.25 -21.84 34.03
C VAL C 92 -10.71 -21.38 32.64
N LYS C 93 -11.27 -22.33 31.88
CA LYS C 93 -11.85 -21.99 30.59
C LYS C 93 -12.96 -20.96 30.78
N PRO C 94 -13.18 -20.10 29.78
CA PRO C 94 -14.09 -18.96 29.97
C PRO C 94 -15.52 -19.34 30.34
N HIS C 95 -16.05 -20.42 29.77
CA HIS C 95 -17.42 -20.80 30.13
C HIS C 95 -17.51 -21.31 31.57
N ILE C 96 -16.37 -21.63 32.20
CA ILE C 96 -16.39 -22.10 33.59
C ILE C 96 -16.34 -20.95 34.59
N ILE C 97 -15.94 -19.75 34.17
CA ILE C 97 -15.87 -18.61 35.09
C ILE C 97 -17.16 -18.38 35.86
N PRO C 98 -18.34 -18.31 35.22
CA PRO C 98 -19.55 -18.07 36.03
C PRO C 98 -19.81 -19.14 37.07
N PHE C 99 -19.53 -20.41 36.76
CA PHE C 99 -19.71 -21.45 37.76
C PHE C 99 -18.75 -21.26 38.92
N ILE C 100 -17.52 -20.85 38.63
CA ILE C 100 -16.51 -20.63 39.67
C ILE C 100 -16.92 -19.47 40.57
N LEU C 101 -17.35 -18.36 39.96
CA LEU C 101 -17.73 -17.19 40.75
C LEU C 101 -18.92 -17.49 41.65
N ASP C 102 -19.83 -18.36 41.20
CA ASP C 102 -20.94 -18.77 42.07
C ASP C 102 -20.45 -19.64 43.23
N GLU C 103 -19.44 -20.49 42.97
CA GLU C 103 -18.98 -21.41 44.01
C GLU C 103 -18.25 -20.68 45.13
N ILE C 104 -17.41 -19.70 44.80
CA ILE C 104 -16.55 -19.06 45.80
C ILE C 104 -16.93 -17.62 46.08
N GLY C 105 -17.96 -17.07 45.43
CA GLY C 105 -18.31 -15.67 45.66
C GLY C 105 -18.47 -15.33 47.12
N ALA C 106 -19.12 -16.22 47.89
CA ALA C 106 -19.34 -15.98 49.31
C ALA C 106 -18.06 -16.01 50.13
N ASP C 107 -16.95 -16.49 49.57
CA ASP C 107 -15.69 -16.57 50.31
C ASP C 107 -14.71 -15.45 49.94
N ILE C 108 -15.05 -14.60 48.98
CA ILE C 108 -14.17 -13.48 48.64
C ILE C 108 -14.23 -12.45 49.74
N GLU C 109 -13.07 -11.99 50.19
CA GLU C 109 -12.96 -11.05 51.29
C GLU C 109 -12.41 -9.72 50.79
N ASP C 110 -12.35 -8.75 51.70
CA ASP C 110 -11.84 -7.44 51.35
C ASP C 110 -10.38 -7.50 50.94
N ARG C 111 -9.63 -8.49 51.43
CA ARG C 111 -8.22 -8.59 51.13
C ARG C 111 -7.95 -9.10 49.71
N HIS C 112 -8.94 -9.68 49.04
CA HIS C 112 -8.68 -10.40 47.80
C HIS C 112 -8.60 -9.46 46.60
N ILE C 113 -7.62 -9.73 45.73
CA ILE C 113 -7.58 -9.20 44.37
C ILE C 113 -7.85 -10.36 43.43
N VAL C 114 -8.96 -10.30 42.72
CA VAL C 114 -9.36 -11.34 41.78
C VAL C 114 -8.88 -10.95 40.40
N VAL C 115 -7.99 -11.78 39.83
CA VAL C 115 -7.37 -11.54 38.54
C VAL C 115 -7.88 -12.60 37.57
N SER C 116 -8.75 -12.20 36.65
CA SER C 116 -9.28 -13.13 35.66
C SER C 116 -8.34 -13.13 34.46
N CYS C 117 -7.85 -14.31 34.10
CA CYS C 117 -7.06 -14.48 32.89
C CYS C 117 -7.90 -14.98 31.73
N ALA C 118 -9.19 -15.18 31.92
CA ALA C 118 -10.00 -15.86 30.92
C ALA C 118 -10.21 -14.98 29.69
N ALA C 119 -9.96 -15.55 28.51
CA ALA C 119 -10.21 -14.84 27.27
C ALA C 119 -11.66 -14.39 27.19
N GLY C 120 -11.86 -13.13 26.79
CA GLY C 120 -13.19 -12.63 26.51
C GLY C 120 -14.01 -12.14 27.70
N VAL C 121 -13.81 -12.74 28.88
CA VAL C 121 -14.72 -12.50 30.01
C VAL C 121 -14.53 -11.09 30.55
N THR C 122 -15.62 -10.34 30.62
CA THR C 122 -15.55 -8.92 30.95
C THR C 122 -15.47 -8.69 32.45
N ILE C 123 -14.82 -7.58 32.82
CA ILE C 123 -14.81 -7.15 34.22
C ILE C 123 -16.24 -7.00 34.72
N SER C 124 -17.12 -6.45 33.88
CA SER C 124 -18.51 -6.24 34.28
C SER C 124 -19.16 -7.55 34.71
N SER C 125 -18.99 -8.61 33.92
CA SER C 125 -19.64 -9.89 34.25
C SER C 125 -19.10 -10.45 35.56
N ILE C 126 -17.80 -10.28 35.82
CA ILE C 126 -17.22 -10.77 37.07
C ILE C 126 -17.72 -9.95 38.24
N GLU C 127 -17.72 -8.62 38.09
CA GLU C 127 -18.13 -7.78 39.21
C GLU C 127 -19.60 -8.01 39.56
N LYS C 128 -20.44 -8.29 38.55
CA LYS C 128 -21.86 -8.48 38.83
C LYS C 128 -22.09 -9.74 39.66
N LYS C 129 -21.41 -10.84 39.30
CA LYS C 129 -21.52 -12.08 40.08
C LYS C 129 -21.03 -11.87 41.50
N LEU C 130 -19.82 -11.31 41.66
CA LEU C 130 -19.22 -11.18 42.98
C LEU C 130 -19.93 -10.13 43.85
N SER C 131 -20.46 -9.06 43.24
CA SER C 131 -21.14 -8.03 44.01
C SER C 131 -22.43 -8.53 44.67
N ALA C 132 -23.01 -9.63 44.19
CA ALA C 132 -24.17 -10.19 44.87
C ALA C 132 -23.84 -10.69 46.27
N PHE C 133 -22.57 -11.02 46.53
CA PHE C 133 -22.16 -11.53 47.84
C PHE C 133 -21.57 -10.44 48.72
N ARG C 134 -20.76 -9.55 48.15
CA ARG C 134 -20.07 -8.54 48.94
C ARG C 134 -19.84 -7.36 48.00
N PRO C 135 -20.14 -6.13 48.42
CA PRO C 135 -19.89 -4.99 47.55
C PRO C 135 -18.40 -4.70 47.41
N ALA C 136 -18.08 -4.02 46.31
CA ALA C 136 -16.73 -3.59 45.95
C ALA C 136 -15.70 -4.72 45.81
N PRO C 137 -15.97 -5.79 45.06
CA PRO C 137 -14.90 -6.74 44.76
C PRO C 137 -13.80 -6.07 43.95
N ARG C 138 -12.55 -6.37 44.30
CA ARG C 138 -11.38 -5.83 43.62
C ARG C 138 -11.01 -6.77 42.47
N VAL C 139 -11.24 -6.33 41.24
CA VAL C 139 -11.09 -7.20 40.07
C VAL C 139 -10.08 -6.59 39.09
N ILE C 140 -9.20 -7.44 38.57
CA ILE C 140 -8.28 -7.12 37.48
C ILE C 140 -8.53 -8.12 36.36
N ARG C 141 -8.60 -7.64 35.13
CA ARG C 141 -8.65 -8.54 33.98
C ARG C 141 -7.32 -8.48 33.25
N CYS C 142 -6.78 -9.64 32.91
CA CYS C 142 -5.52 -9.65 32.17
C CYS C 142 -5.61 -10.58 30.97
N MET C 143 -4.75 -10.31 29.99
CA MET C 143 -4.52 -11.25 28.89
C MET C 143 -3.02 -11.45 28.83
N THR C 144 -2.58 -12.69 28.97
CA THR C 144 -1.16 -12.99 28.94
C THR C 144 -0.98 -14.08 27.89
N ASN C 145 0.17 -14.76 27.91
CA ASN C 145 0.38 -15.85 26.96
C ASN C 145 1.36 -16.83 27.55
N THR C 146 1.51 -17.98 26.90
CA THR C 146 2.28 -19.06 27.50
C THR C 146 3.77 -18.76 27.69
N PRO C 147 4.42 -17.87 26.87
CA PRO C 147 5.86 -17.62 27.12
C PRO C 147 6.23 -16.97 28.46
N VAL C 148 5.25 -16.68 29.31
CA VAL C 148 5.59 -16.36 30.70
C VAL C 148 6.39 -17.49 31.33
N VAL C 149 6.26 -18.70 30.79
CA VAL C 149 6.97 -19.85 31.35
C VAL C 149 8.48 -19.71 31.18
N VAL C 150 8.93 -18.93 30.19
CA VAL C 150 10.34 -18.58 30.02
C VAL C 150 10.57 -17.11 30.32
N ARG C 151 9.66 -16.49 31.07
CA ARG C 151 9.75 -15.10 31.50
C ARG C 151 9.82 -14.13 30.32
N GLU C 152 9.20 -14.48 29.20
CA GLU C 152 9.13 -13.58 28.05
C GLU C 152 7.70 -13.45 27.58
N GLY C 153 6.76 -13.41 28.51
CA GLY C 153 5.37 -13.23 28.16
C GLY C 153 5.08 -11.81 27.72
N ALA C 154 3.88 -11.66 27.17
CA ALA C 154 3.32 -10.37 26.80
C ALA C 154 1.98 -10.28 27.51
N THR C 155 1.85 -9.32 28.42
CA THR C 155 0.67 -9.21 29.26
C THR C 155 0.11 -7.80 29.22
N VAL C 156 -1.21 -7.69 29.10
CA VAL C 156 -1.90 -6.45 29.38
C VAL C 156 -2.92 -6.73 30.47
N TYR C 157 -3.29 -5.68 31.20
CA TYR C 157 -4.32 -5.79 32.23
C TYR C 157 -5.16 -4.52 32.25
N ALA C 158 -6.42 -4.67 32.69
CA ALA C 158 -7.31 -3.55 32.95
C ALA C 158 -7.81 -3.67 34.38
N THR C 159 -7.88 -2.53 35.08
CA THR C 159 -8.35 -2.49 36.45
C THR C 159 -9.86 -2.31 36.51
N GLY C 160 -10.48 -2.98 37.46
CA GLY C 160 -11.92 -2.93 37.61
C GLY C 160 -12.37 -1.70 38.36
N THR C 161 -13.69 -1.65 38.59
CA THR C 161 -14.31 -0.51 39.26
C THR C 161 -13.74 -0.27 40.65
N HIS C 162 -13.50 -1.32 41.41
CA HIS C 162 -13.16 -1.19 42.81
C HIS C 162 -11.71 -1.53 43.11
N ALA C 163 -10.91 -1.81 42.08
CA ALA C 163 -9.49 -2.03 42.27
C ALA C 163 -8.83 -0.75 42.75
N GLN C 164 -8.05 -0.84 43.81
CA GLN C 164 -7.32 0.32 44.29
C GLN C 164 -6.17 0.64 43.34
N VAL C 165 -5.60 1.84 43.50
CA VAL C 165 -4.47 2.22 42.65
C VAL C 165 -3.28 1.30 42.91
N GLU C 166 -3.05 0.94 44.18
CA GLU C 166 -1.97 0.01 44.50
C GLU C 166 -2.21 -1.37 43.89
N ASP C 167 -3.48 -1.73 43.63
CA ASP C 167 -3.77 -3.03 43.03
C ASP C 167 -3.19 -3.13 41.63
N GLY C 168 -3.35 -2.07 40.83
CA GLY C 168 -2.77 -2.07 39.50
C GLY C 168 -1.25 -2.09 39.53
N ARG C 169 -0.65 -1.29 40.41
CA ARG C 169 0.81 -1.27 40.53
C ARG C 169 1.35 -2.63 40.95
N LEU C 170 0.66 -3.31 41.87
CA LEU C 170 1.09 -4.62 42.32
C LEU C 170 1.04 -5.62 41.17
N MET C 171 -0.09 -5.66 40.45
CA MET C 171 -0.22 -6.59 39.34
C MET C 171 0.82 -6.32 38.27
N GLU C 172 1.08 -5.04 37.97
CA GLU C 172 2.10 -4.76 36.96
C GLU C 172 3.48 -5.20 37.45
N GLN C 173 3.78 -5.00 38.73
CA GLN C 173 5.06 -5.45 39.25
C GLN C 173 5.21 -6.96 39.13
N LEU C 174 4.18 -7.71 39.55
CA LEU C 174 4.19 -9.16 39.47
C LEU C 174 4.33 -9.65 38.02
N LEU C 175 3.46 -9.17 37.14
CA LEU C 175 3.48 -9.70 35.77
C LEU C 175 4.66 -9.19 34.95
N SER C 176 5.25 -8.05 35.32
CA SER C 176 6.48 -7.60 34.65
C SER C 176 7.66 -8.52 34.94
N SER C 177 7.59 -9.33 36.00
CA SER C 177 8.67 -10.27 36.29
C SER C 177 8.70 -11.43 35.31
N VAL C 178 7.63 -11.65 34.55
CA VAL C 178 7.60 -12.76 33.61
C VAL C 178 7.41 -12.30 32.17
N GLY C 179 7.61 -11.01 31.90
CA GLY C 179 7.58 -10.52 30.53
C GLY C 179 7.20 -9.05 30.49
N PHE C 180 6.81 -8.62 29.29
CA PHE C 180 6.26 -7.28 29.12
C PHE C 180 4.90 -7.20 29.79
N CYS C 181 4.64 -6.08 30.46
CA CYS C 181 3.34 -5.87 31.08
C CYS C 181 2.95 -4.41 30.97
N THR C 182 1.71 -4.13 30.53
CA THR C 182 1.27 -2.75 30.54
C THR C 182 -0.23 -2.69 30.78
N GLU C 183 -0.67 -1.59 31.37
CA GLU C 183 -2.09 -1.36 31.60
C GLU C 183 -2.74 -0.87 30.30
N VAL C 184 -3.95 -1.35 30.04
CA VAL C 184 -4.74 -0.90 28.89
C VAL C 184 -6.17 -0.64 29.33
N GLU C 185 -6.90 0.10 28.51
CA GLU C 185 -8.35 0.14 28.64
C GLU C 185 -8.91 -1.23 28.27
N GLU C 186 -9.96 -1.65 28.98
CA GLU C 186 -10.46 -3.01 28.81
C GLU C 186 -10.93 -3.26 27.38
N ASP C 187 -11.40 -2.22 26.67
CA ASP C 187 -11.91 -2.50 25.32
C ASP C 187 -10.79 -2.81 24.31
N LEU C 188 -9.53 -2.80 24.72
CA LEU C 188 -8.47 -3.27 23.82
C LEU C 188 -8.16 -4.76 24.00
N ILE C 189 -8.68 -5.41 25.03
CA ILE C 189 -8.15 -6.71 25.43
C ILE C 189 -8.50 -7.79 24.41
N ASP C 190 -9.69 -7.74 23.82
CA ASP C 190 -10.04 -8.76 22.82
C ASP C 190 -9.11 -8.68 21.61
N ALA C 191 -8.70 -7.48 21.22
CA ALA C 191 -7.72 -7.33 20.13
C ALA C 191 -6.35 -7.83 20.56
N VAL C 192 -5.93 -7.53 21.80
CA VAL C 192 -4.65 -8.07 22.29
C VAL C 192 -4.69 -9.59 22.25
N THR C 193 -5.85 -10.17 22.59
CA THR C 193 -5.98 -11.62 22.56
C THR C 193 -5.66 -12.17 21.17
N GLY C 194 -6.17 -11.51 20.13
CA GLY C 194 -5.90 -11.96 18.78
C GLY C 194 -4.46 -11.80 18.33
N LEU C 195 -3.71 -10.88 18.96
CA LEU C 195 -2.33 -10.58 18.59
C LEU C 195 -1.34 -11.35 19.46
N SER C 196 -1.16 -10.97 20.72
CA SER C 196 -0.17 -11.65 21.53
C SER C 196 -0.73 -12.83 22.32
N GLY C 197 -2.04 -12.91 22.55
CA GLY C 197 -2.59 -14.11 23.19
C GLY C 197 -2.46 -15.34 22.31
N SER C 198 -2.95 -15.23 21.06
CA SER C 198 -2.84 -16.29 20.07
C SER C 198 -1.51 -16.28 19.35
N GLY C 199 -0.77 -15.17 19.42
CA GLY C 199 0.46 -15.02 18.67
C GLY C 199 1.48 -16.13 18.77
N PRO C 200 1.70 -16.72 19.95
CA PRO C 200 2.66 -17.83 20.01
C PRO C 200 2.29 -18.98 19.10
N ALA C 201 0.99 -19.25 18.92
CA ALA C 201 0.58 -20.33 18.04
C ALA C 201 0.92 -20.02 16.59
N TYR C 202 0.75 -18.75 16.16
CA TYR C 202 1.19 -18.34 14.84
C TYR C 202 2.68 -18.59 14.67
N ALA C 203 3.46 -18.26 15.71
CA ALA C 203 4.90 -18.44 15.65
C ALA C 203 5.30 -19.91 15.61
N PHE C 204 4.63 -20.77 16.39
CA PHE C 204 4.96 -22.18 16.36
C PHE C 204 4.66 -22.78 14.99
N THR C 205 3.53 -22.40 14.40
CA THR C 205 3.19 -22.80 13.02
C THR C 205 4.28 -22.36 12.05
N ALA C 206 4.66 -21.08 12.12
CA ALA C 206 5.69 -20.53 11.24
C ALA C 206 7.01 -21.25 11.44
N LEU C 207 7.35 -21.58 12.68
CA LEU C 207 8.63 -22.26 12.93
C LEU C 207 8.62 -23.70 12.40
N ASP C 208 7.49 -24.40 12.54
CA ASP C 208 7.38 -25.74 11.95
C ASP C 208 7.57 -25.67 10.43
N ALA C 209 6.93 -24.70 9.77
CA ALA C 209 7.03 -24.55 8.33
C ALA C 209 8.42 -24.16 7.88
N LEU C 210 9.05 -23.19 8.58
CA LEU C 210 10.41 -22.80 8.25
C LEU C 210 11.36 -23.96 8.39
N ALA C 211 11.18 -24.78 9.43
CA ALA C 211 12.02 -25.97 9.58
C ALA C 211 11.80 -26.94 8.41
N ASP C 212 10.55 -27.14 7.99
CA ASP C 212 10.28 -27.97 6.80
C ASP C 212 11.01 -27.42 5.58
N GLY C 213 11.02 -26.08 5.43
CA GLY C 213 11.76 -25.46 4.33
C GLY C 213 13.24 -25.77 4.41
N GLY C 214 13.83 -25.65 5.61
CA GLY C 214 15.23 -25.98 5.76
C GLY C 214 15.51 -27.44 5.43
N VAL C 215 14.61 -28.33 5.88
CA VAL C 215 14.79 -29.76 5.60
C VAL C 215 14.67 -30.02 4.09
N LYS C 216 13.69 -29.39 3.43
CA LYS C 216 13.58 -29.52 1.97
C LYS C 216 14.88 -29.16 1.26
N MET C 217 15.55 -28.13 1.73
CA MET C 217 16.80 -27.69 1.11
C MET C 217 18.04 -28.40 1.64
N GLY C 218 17.89 -29.41 2.49
CA GLY C 218 19.01 -30.28 2.83
C GLY C 218 19.47 -30.24 4.27
N LEU C 219 18.85 -29.43 5.16
CA LEU C 219 19.29 -29.35 6.56
C LEU C 219 18.66 -30.48 7.40
N PRO C 220 19.41 -31.02 8.36
CA PRO C 220 18.79 -31.91 9.36
C PRO C 220 17.71 -31.17 10.13
N ARG C 221 16.67 -31.91 10.51
CA ARG C 221 15.51 -31.29 11.15
CA ARG C 221 15.51 -31.26 11.14
C ARG C 221 15.91 -30.54 12.42
N ARG C 222 16.74 -31.18 13.26
CA ARG C 222 17.13 -30.57 14.53
C ARG C 222 17.81 -29.23 14.31
N LEU C 223 18.74 -29.17 13.36
CA LEU C 223 19.43 -27.91 13.06
C LEU C 223 18.46 -26.89 12.47
N ALA C 224 17.58 -27.33 11.57
CA ALA C 224 16.64 -26.40 10.98
C ALA C 224 15.73 -25.76 12.03
N VAL C 225 15.29 -26.55 13.02
CA VAL C 225 14.43 -26.00 14.07
C VAL C 225 15.20 -24.96 14.89
N ARG C 226 16.44 -25.29 15.27
CA ARG C 226 17.25 -24.40 16.09
CA ARG C 226 17.25 -24.40 16.09
C ARG C 226 17.55 -23.09 15.37
N LEU C 227 17.93 -23.19 14.08
CA LEU C 227 18.23 -21.99 13.30
C LEU C 227 17.00 -21.11 13.09
N GLY C 228 15.86 -21.71 12.76
CA GLY C 228 14.68 -20.91 12.50
C GLY C 228 14.22 -20.20 13.76
N ALA C 229 14.23 -20.92 14.89
CA ALA C 229 13.82 -20.31 16.14
C ALA C 229 14.80 -19.23 16.57
N GLN C 230 16.11 -19.46 16.39
CA GLN C 230 17.07 -18.42 16.73
C GLN C 230 16.86 -17.19 15.84
N ALA C 231 16.58 -17.40 14.56
CA ALA C 231 16.36 -16.28 13.64
C ALA C 231 15.17 -15.43 14.10
N LEU C 232 14.08 -16.09 14.48
CA LEU C 232 12.88 -15.35 14.88
C LEU C 232 13.13 -14.62 16.20
N LEU C 233 13.81 -15.28 17.14
CA LEU C 233 14.10 -14.63 18.42
C LEU C 233 14.99 -13.42 18.21
N GLY C 234 16.05 -13.58 17.40
CA GLY C 234 16.95 -12.46 17.19
C GLY C 234 16.27 -11.28 16.52
N ALA C 235 15.45 -11.55 15.52
CA ALA C 235 14.77 -10.47 14.80
C ALA C 235 13.80 -9.74 15.71
N ALA C 236 13.05 -10.49 16.51
CA ALA C 236 12.12 -9.87 17.44
C ALA C 236 12.88 -9.00 18.43
N LYS C 237 14.01 -9.49 18.94
CA LYS C 237 14.79 -8.68 19.87
C LYS C 237 15.32 -7.43 19.18
N MET C 238 15.82 -7.58 17.95
CA MET C 238 16.26 -6.42 17.19
C MET C 238 15.19 -5.33 17.11
N LEU C 239 13.95 -5.74 16.82
CA LEU C 239 12.88 -4.77 16.68
C LEU C 239 12.56 -4.12 18.02
N LEU C 240 12.54 -4.91 19.09
CA LEU C 240 12.24 -4.35 20.41
C LEU C 240 13.30 -3.36 20.86
N HIS C 241 14.56 -3.58 20.49
CA HIS C 241 15.66 -2.72 20.91
C HIS C 241 15.98 -1.62 19.91
N SER C 242 15.22 -1.49 18.83
CA SER C 242 15.45 -0.48 17.81
C SER C 242 14.34 0.57 17.84
N GLU C 243 14.68 1.79 17.44
CA GLU C 243 13.65 2.79 17.22
C GLU C 243 13.08 2.73 15.81
N GLN C 244 13.60 1.85 14.97
CA GLN C 244 13.26 1.88 13.55
C GLN C 244 12.03 1.04 13.25
N HIS C 245 11.39 1.39 12.15
CA HIS C 245 10.20 0.68 11.69
C HIS C 245 10.60 -0.71 11.18
N PRO C 246 9.77 -1.74 11.40
CA PRO C 246 10.10 -3.08 10.88
C PRO C 246 10.41 -3.09 9.39
N GLY C 247 9.78 -2.20 8.62
CA GLY C 247 10.13 -2.09 7.22
C GLY C 247 11.55 -1.64 7.00
N GLN C 248 12.03 -0.71 7.84
CA GLN C 248 13.41 -0.25 7.69
C GLN C 248 14.39 -1.35 8.05
N LEU C 249 14.10 -2.15 9.09
CA LEU C 249 14.98 -3.26 9.41
C LEU C 249 14.97 -4.29 8.29
N LYS C 250 13.81 -4.54 7.67
CA LYS C 250 13.75 -5.41 6.52
C LYS C 250 14.63 -4.88 5.38
N ASP C 251 14.58 -3.58 5.15
CA ASP C 251 15.42 -2.96 4.12
C ASP C 251 16.91 -3.23 4.38
N ASN C 252 17.34 -3.24 5.64
CA ASN C 252 18.77 -3.42 5.94
C ASN C 252 19.25 -4.84 5.68
N VAL C 253 18.35 -5.82 5.75
CA VAL C 253 18.74 -7.21 5.49
C VAL C 253 18.94 -7.44 4.00
N SER C 254 18.05 -6.93 3.16
CA SER C 254 17.98 -7.35 1.76
C SER C 254 18.91 -6.50 0.90
N SER C 255 20.03 -7.10 0.49
CA SER C 255 20.90 -6.49 -0.50
C SER C 255 20.30 -6.58 -1.91
N PRO C 256 20.64 -5.63 -2.78
CA PRO C 256 20.05 -5.61 -4.13
C PRO C 256 20.36 -6.89 -4.89
N GLY C 257 19.33 -7.44 -5.53
CA GLY C 257 19.43 -8.65 -6.31
C GLY C 257 19.62 -9.93 -5.52
N GLY C 258 19.64 -9.86 -4.20
CA GLY C 258 20.10 -10.94 -3.36
C GLY C 258 19.03 -11.98 -3.02
N ALA C 259 19.46 -12.95 -2.20
CA ALA C 259 18.61 -14.08 -1.86
C ALA C 259 17.40 -13.65 -1.02
N THR C 260 17.62 -12.74 -0.07
CA THR C 260 16.54 -12.33 0.82
C THR C 260 15.41 -11.64 0.05
N ILE C 261 15.74 -10.71 -0.84
CA ILE C 261 14.67 -9.99 -1.55
C ILE C 261 13.95 -10.93 -2.52
N HIS C 262 14.63 -11.94 -3.06
CA HIS C 262 13.93 -12.96 -3.84
C HIS C 262 12.93 -13.72 -2.98
N ALA C 263 13.31 -14.07 -1.76
CA ALA C 263 12.39 -14.79 -0.87
C ALA C 263 11.23 -13.90 -0.42
N LEU C 264 11.51 -12.62 -0.16
CA LEU C 264 10.43 -11.70 0.23
C LEU C 264 9.39 -11.59 -0.89
N HIS C 265 9.83 -11.58 -2.15
CA HIS C 265 8.87 -11.56 -3.25
C HIS C 265 7.91 -12.74 -3.20
N VAL C 266 8.43 -13.96 -3.00
CA VAL C 266 7.53 -15.12 -3.01
C VAL C 266 6.58 -15.07 -1.81
N LEU C 267 7.01 -14.49 -0.68
CA LEU C 267 6.05 -14.26 0.42
C LEU C 267 4.96 -13.29 -0.01
N GLU C 268 5.36 -12.18 -0.64
CA GLU C 268 4.37 -11.20 -1.08
C GLU C 268 3.41 -11.81 -2.08
N SER C 269 3.91 -12.64 -3.00
CA SER C 269 3.04 -13.21 -4.03
C SER C 269 1.97 -14.11 -3.45
N GLY C 270 2.21 -14.67 -2.27
CA GLY C 270 1.22 -15.46 -1.57
C GLY C 270 0.32 -14.68 -0.63
N GLY C 271 0.47 -13.36 -0.56
CA GLY C 271 -0.34 -12.59 0.38
C GLY C 271 0.01 -12.88 1.83
N PHE C 272 1.27 -13.21 2.11
CA PHE C 272 1.74 -13.50 3.47
C PHE C 272 1.25 -12.48 4.50
N ARG C 273 1.43 -11.18 4.22
CA ARG C 273 0.99 -10.17 5.17
C ARG C 273 -0.50 -10.28 5.44
N SER C 274 -1.30 -10.45 4.39
CA SER C 274 -2.74 -10.53 4.58
C SER C 274 -3.15 -11.73 5.44
N LEU C 275 -2.39 -12.84 5.40
CA LEU C 275 -2.77 -14.01 6.20
C LEU C 275 -2.63 -13.72 7.69
N LEU C 276 -1.55 -13.04 8.07
CA LEU C 276 -1.34 -12.66 9.47
C LEU C 276 -2.37 -11.65 9.94
N ILE C 277 -2.77 -10.72 9.07
CA ILE C 277 -3.88 -9.82 9.41
C ILE C 277 -5.16 -10.61 9.59
N ASN C 278 -5.43 -11.55 8.67
CA ASN C 278 -6.61 -12.42 8.80
C ASN C 278 -6.62 -13.13 10.15
N ALA C 279 -5.46 -13.61 10.58
CA ALA C 279 -5.38 -14.39 11.80
C ALA C 279 -5.74 -13.54 13.02
N VAL C 280 -5.12 -12.37 13.15
CA VAL C 280 -5.41 -11.50 14.29
C VAL C 280 -6.90 -11.16 14.32
N GLU C 281 -7.44 -10.82 13.14
CA GLU C 281 -8.85 -10.53 13.03
C GLU C 281 -9.71 -11.72 13.44
N ALA C 282 -9.38 -12.92 12.94
CA ALA C 282 -10.25 -14.06 13.25
C ALA C 282 -10.24 -14.37 14.74
N SER C 283 -9.07 -14.31 15.37
CA SER C 283 -8.98 -14.59 16.81
C SER C 283 -9.73 -13.53 17.61
N CYS C 284 -9.55 -12.26 17.27
CA CYS C 284 -10.28 -11.20 17.95
C CYS C 284 -11.79 -11.37 17.77
N ILE C 285 -12.25 -11.63 16.53
CA ILE C 285 -13.68 -11.76 16.29
C ILE C 285 -14.26 -12.95 17.05
N ARG C 286 -13.54 -14.07 17.07
CA ARG C 286 -14.04 -15.25 17.80
C ARG C 286 -14.13 -14.95 19.28
N THR C 287 -13.17 -14.20 19.81
CA THR C 287 -13.20 -13.83 21.22
C THR C 287 -14.43 -12.99 21.54
N ARG C 288 -14.73 -12.01 20.67
CA ARG C 288 -15.93 -11.20 20.86
C ARG C 288 -17.19 -12.04 20.75
N GLU C 289 -17.21 -12.95 19.79
CA GLU C 289 -18.38 -13.80 19.55
C GLU C 289 -18.65 -14.70 20.74
N LEU C 290 -17.59 -15.27 21.33
CA LEU C 290 -17.79 -16.16 22.45
C LEU C 290 -18.34 -15.40 23.65
N GLN C 291 -17.81 -14.20 23.93
CA GLN C 291 -18.35 -13.45 25.06
C GLN C 291 -19.80 -13.03 24.82
N SER C 292 -20.19 -12.78 23.57
CA SER C 292 -21.59 -12.48 23.29
C SER C 292 -22.48 -13.67 23.61
N MET C 293 -22.03 -14.89 23.31
CA MET C 293 -22.80 -16.07 23.68
C MET C 293 -22.88 -16.22 25.19
N ALA C 294 -21.79 -15.89 25.90
CA ALA C 294 -21.82 -15.93 27.36
C ALA C 294 -22.79 -14.89 27.92
N ASP C 295 -22.74 -13.67 27.39
CA ASP C 295 -23.62 -12.62 27.90
C ASP C 295 -25.08 -12.87 27.53
N GLN C 296 -25.33 -13.58 26.43
CA GLN C 296 -26.71 -13.95 26.09
C GLN C 296 -27.22 -15.07 26.99
N GLU C 297 -26.32 -15.90 27.52
CA GLU C 297 -26.70 -16.99 28.41
C GLU C 297 -26.73 -16.56 29.88
N ASN D 17 39.88 -15.56 28.56
CA ASN D 17 39.85 -16.19 27.24
C ASN D 17 41.03 -15.72 26.38
N LEU D 18 42.07 -16.54 26.29
CA LEU D 18 43.30 -16.14 25.63
C LEU D 18 43.15 -15.95 24.13
N TYR D 19 42.11 -16.54 23.52
CA TYR D 19 41.89 -16.37 22.08
C TYR D 19 41.80 -14.90 21.71
N PHE D 20 41.09 -14.12 22.51
CA PHE D 20 40.81 -12.71 22.22
C PHE D 20 41.81 -11.75 22.85
N GLN D 21 42.78 -12.27 23.61
CA GLN D 21 43.68 -11.41 24.39
C GLN D 21 44.25 -10.28 23.54
N SER D 22 44.97 -10.62 22.47
CA SER D 22 45.64 -9.64 21.64
C SER D 22 45.19 -9.71 20.18
N MET D 23 44.06 -10.37 19.91
CA MET D 23 43.61 -10.52 18.54
C MET D 23 43.09 -9.20 17.99
N SER D 24 43.45 -8.90 16.75
CA SER D 24 42.89 -7.78 16.02
C SER D 24 42.02 -8.30 14.89
N VAL D 25 40.91 -7.62 14.65
CA VAL D 25 39.91 -8.03 13.67
C VAL D 25 39.80 -6.94 12.62
N GLY D 26 39.58 -7.34 11.38
CA GLY D 26 39.36 -6.40 10.30
C GLY D 26 38.13 -6.76 9.51
N PHE D 27 37.49 -5.73 8.96
CA PHE D 27 36.36 -5.89 8.04
C PHE D 27 36.69 -5.22 6.72
N ILE D 28 36.65 -5.98 5.65
CA ILE D 28 36.70 -5.41 4.30
C ILE D 28 35.25 -5.26 3.85
N GLY D 29 34.81 -4.01 3.72
CA GLY D 29 33.39 -3.70 3.67
C GLY D 29 32.93 -3.13 5.00
N ALA D 30 32.21 -2.02 4.97
CA ALA D 30 31.76 -1.36 6.20
C ALA D 30 30.27 -1.05 6.12
N GLY D 31 29.48 -2.05 5.77
CA GLY D 31 28.04 -1.91 5.65
C GLY D 31 27.30 -2.53 6.82
N GLN D 32 26.10 -3.05 6.53
CA GLN D 32 25.19 -3.50 7.58
C GLN D 32 25.79 -4.64 8.41
N LEU D 33 26.38 -5.62 7.74
CA LEU D 33 26.91 -6.77 8.47
C LEU D 33 28.14 -6.40 9.29
N ALA D 34 29.06 -5.63 8.70
CA ALA D 34 30.23 -5.19 9.45
C ALA D 34 29.83 -4.41 10.70
N PHE D 35 28.87 -3.48 10.57
CA PHE D 35 28.42 -2.76 11.75
C PHE D 35 27.79 -3.70 12.77
N ALA D 36 26.93 -4.61 12.30
CA ALA D 36 26.26 -5.53 13.21
C ALA D 36 27.26 -6.39 13.98
N LEU D 37 28.26 -6.92 13.28
CA LEU D 37 29.26 -7.75 13.93
C LEU D 37 30.14 -6.92 14.88
N ALA D 38 30.62 -5.77 14.41
CA ALA D 38 31.44 -4.92 15.27
C ALA D 38 30.66 -4.48 16.51
N LYS D 39 29.39 -4.13 16.34
CA LYS D 39 28.56 -3.75 17.48
C LYS D 39 28.38 -4.93 18.43
N GLY D 40 28.08 -6.12 17.91
CA GLY D 40 27.94 -7.28 18.77
C GLY D 40 29.24 -7.67 19.47
N PHE D 41 30.36 -7.65 18.74
CA PHE D 41 31.63 -8.03 19.35
C PHE D 41 31.98 -7.10 20.50
N THR D 42 31.80 -5.79 20.30
CA THR D 42 32.18 -4.85 21.35
C THR D 42 31.20 -4.93 22.52
N ALA D 43 29.89 -5.03 22.23
CA ALA D 43 28.91 -5.18 23.31
C ALA D 43 29.17 -6.42 24.14
N ALA D 44 29.61 -7.51 23.48
CA ALA D 44 29.99 -8.72 24.20
C ALA D 44 31.25 -8.53 25.02
N GLY D 45 32.01 -7.46 24.78
CA GLY D 45 33.27 -7.25 25.45
C GLY D 45 34.40 -8.15 24.99
N VAL D 46 34.19 -8.96 23.95
CA VAL D 46 35.25 -9.82 23.49
C VAL D 46 36.31 -9.02 22.75
N LEU D 47 35.96 -7.85 22.25
CA LEU D 47 36.89 -7.02 21.48
C LEU D 47 36.68 -5.55 21.81
N ALA D 48 37.79 -4.85 21.99
CA ALA D 48 37.77 -3.39 22.10
C ALA D 48 37.59 -2.78 20.71
N ALA D 49 36.74 -1.75 20.63
CA ALA D 49 36.45 -1.11 19.35
C ALA D 49 37.70 -0.66 18.62
N HIS D 50 38.74 -0.24 19.36
CA HIS D 50 39.97 0.24 18.72
C HIS D 50 40.79 -0.90 18.13
N LYS D 51 40.53 -2.15 18.54
CA LYS D 51 41.18 -3.30 17.93
C LYS D 51 40.47 -3.77 16.67
N ILE D 52 39.46 -3.04 16.20
CA ILE D 52 38.73 -3.38 14.99
C ILE D 52 39.00 -2.29 13.95
N MET D 53 39.21 -2.72 12.71
CA MET D 53 39.41 -1.80 11.59
C MET D 53 38.48 -2.18 10.46
N ALA D 54 37.86 -1.18 9.85
CA ALA D 54 36.98 -1.40 8.71
C ALA D 54 37.42 -0.52 7.56
N SER D 55 37.21 -1.02 6.34
CA SER D 55 37.53 -0.27 5.14
C SER D 55 36.39 -0.34 4.14
N SER D 56 36.09 0.80 3.54
CA SER D 56 35.04 0.95 2.54
C SER D 56 35.47 2.07 1.60
N PRO D 57 35.11 1.98 0.30
CA PRO D 57 35.47 3.05 -0.63
C PRO D 57 34.72 4.33 -0.33
N ASP D 58 33.41 4.23 -0.09
CA ASP D 58 32.54 5.38 0.11
C ASP D 58 32.33 5.56 1.62
N MET D 59 33.04 6.54 2.20
CA MET D 59 32.82 6.94 3.58
C MET D 59 31.51 7.72 3.78
N ASP D 60 30.70 7.84 2.73
CA ASP D 60 29.44 8.55 2.77
C ASP D 60 28.27 7.67 3.19
N LEU D 61 28.55 6.49 3.74
CA LEU D 61 27.49 5.58 4.20
C LEU D 61 27.14 5.87 5.65
N ALA D 62 25.91 5.50 6.01
CA ALA D 62 25.47 5.66 7.39
C ALA D 62 26.23 4.72 8.32
N THR D 63 26.48 3.49 7.88
CA THR D 63 27.18 2.52 8.72
C THR D 63 28.61 2.94 9.00
N VAL D 64 29.24 3.67 8.08
CA VAL D 64 30.58 4.18 8.35
C VAL D 64 30.55 5.24 9.44
N SER D 65 29.45 6.01 9.52
CA SER D 65 29.32 7.01 10.58
C SER D 65 29.20 6.33 11.95
N ALA D 66 28.32 5.33 12.06
CA ALA D 66 28.11 4.67 13.34
C ALA D 66 29.38 3.97 13.81
N LEU D 67 30.09 3.30 12.89
CA LEU D 67 31.33 2.64 13.27
C LEU D 67 32.34 3.63 13.83
N ARG D 68 32.37 4.85 13.28
CA ARG D 68 33.25 5.89 13.82
C ARG D 68 32.91 6.19 15.28
N LYS D 69 31.63 6.40 15.57
CA LYS D 69 31.21 6.74 16.93
C LYS D 69 31.53 5.63 17.91
N MET D 70 31.51 4.36 17.46
CA MET D 70 31.87 3.23 18.31
C MET D 70 33.32 3.26 18.75
N GLY D 71 34.18 3.94 18.01
CA GLY D 71 35.61 3.86 18.22
C GLY D 71 36.34 2.92 17.29
N VAL D 72 35.68 2.43 16.25
CA VAL D 72 36.29 1.53 15.28
C VAL D 72 37.14 2.36 14.31
N LYS D 73 38.37 1.90 14.08
CA LYS D 73 39.24 2.58 13.13
C LYS D 73 38.77 2.34 11.71
N LEU D 74 38.74 3.39 10.91
CA LEU D 74 38.31 3.31 9.53
C LEU D 74 39.42 3.79 8.60
N THR D 75 39.35 3.32 7.35
CA THR D 75 40.33 3.65 6.33
C THR D 75 39.73 3.32 4.98
N PRO D 76 40.11 4.04 3.92
CA PRO D 76 39.65 3.64 2.57
C PRO D 76 40.46 2.52 1.97
N HIS D 77 41.62 2.18 2.55
CA HIS D 77 42.59 1.27 1.92
C HIS D 77 42.43 -0.14 2.51
N ASN D 78 41.97 -1.07 1.67
CA ASN D 78 41.81 -2.46 2.10
C ASN D 78 43.14 -3.06 2.54
N LYS D 79 44.26 -2.64 1.93
CA LYS D 79 45.55 -3.16 2.32
C LYS D 79 45.87 -2.82 3.77
N GLU D 80 45.43 -1.65 4.23
CA GLU D 80 45.66 -1.27 5.62
C GLU D 80 44.88 -2.17 6.57
N THR D 81 43.63 -2.48 6.23
CA THR D 81 42.85 -3.42 7.04
C THR D 81 43.52 -4.79 7.09
N VAL D 82 44.11 -5.22 5.98
CA VAL D 82 44.78 -6.53 5.97
C VAL D 82 46.00 -6.51 6.88
N GLN D 83 46.81 -5.45 6.80
CA GLN D 83 48.00 -5.38 7.64
C GLN D 83 47.66 -5.32 9.11
N HIS D 84 46.53 -4.69 9.46
CA HIS D 84 46.15 -4.53 10.86
C HIS D 84 45.62 -5.82 11.47
N SER D 85 44.90 -6.62 10.70
CA SER D 85 44.04 -7.65 11.28
C SER D 85 44.71 -9.02 11.30
N ASP D 86 44.34 -9.82 12.29
CA ASP D 86 44.65 -11.25 12.36
C ASP D 86 43.53 -12.08 11.77
N VAL D 87 42.29 -11.76 12.14
CA VAL D 87 41.09 -12.34 11.56
C VAL D 87 40.49 -11.30 10.63
N LEU D 88 40.30 -11.66 9.38
CA LEU D 88 39.85 -10.74 8.33
C LEU D 88 38.49 -11.18 7.82
N PHE D 89 37.45 -10.41 8.14
CA PHE D 89 36.10 -10.66 7.64
C PHE D 89 35.92 -10.01 6.29
N LEU D 90 35.41 -10.77 5.32
CA LEU D 90 35.08 -10.24 4.00
C LEU D 90 33.57 -9.96 4.02
N ALA D 91 33.23 -8.68 4.14
CA ALA D 91 31.84 -8.28 4.29
C ALA D 91 31.41 -7.37 3.14
N VAL D 92 31.77 -7.77 1.92
CA VAL D 92 31.36 -7.07 0.72
C VAL D 92 30.38 -7.95 -0.03
N LYS D 93 29.61 -7.32 -0.93
CA LYS D 93 28.66 -8.00 -1.81
C LYS D 93 29.37 -9.16 -2.50
N PRO D 94 28.67 -10.28 -2.75
CA PRO D 94 29.38 -11.48 -3.23
C PRO D 94 30.17 -11.28 -4.51
N HIS D 95 29.65 -10.49 -5.46
CA HIS D 95 30.33 -10.33 -6.73
C HIS D 95 31.57 -9.43 -6.63
N ILE D 96 31.81 -8.80 -5.49
CA ILE D 96 33.03 -8.02 -5.29
C ILE D 96 34.17 -8.87 -4.75
N ILE D 97 33.87 -10.03 -4.16
CA ILE D 97 34.90 -10.85 -3.52
C ILE D 97 36.07 -11.15 -4.45
N PRO D 98 35.87 -11.68 -5.67
CA PRO D 98 37.04 -11.94 -6.53
C PRO D 98 37.84 -10.70 -6.87
N PHE D 99 37.21 -9.52 -6.93
CA PHE D 99 37.98 -8.29 -7.13
C PHE D 99 38.80 -7.93 -5.89
N ILE D 100 38.21 -8.10 -4.70
CA ILE D 100 38.94 -7.85 -3.45
C ILE D 100 40.10 -8.82 -3.31
N LEU D 101 39.85 -10.10 -3.61
CA LEU D 101 40.92 -11.10 -3.50
C LEU D 101 42.06 -10.80 -4.45
N ASP D 102 41.77 -10.25 -5.63
CA ASP D 102 42.85 -9.83 -6.52
C ASP D 102 43.64 -8.67 -5.92
N GLU D 103 42.95 -7.76 -5.22
CA GLU D 103 43.59 -6.55 -4.72
C GLU D 103 44.53 -6.84 -3.56
N ILE D 104 44.06 -7.57 -2.55
CA ILE D 104 44.83 -7.78 -1.33
C ILE D 104 45.44 -9.17 -1.25
N GLY D 105 45.27 -10.00 -2.28
CA GLY D 105 45.74 -11.38 -2.21
C GLY D 105 47.23 -11.49 -1.94
N ALA D 106 48.03 -10.62 -2.56
CA ALA D 106 49.47 -10.61 -2.31
C ALA D 106 49.81 -10.14 -0.90
N ASP D 107 48.83 -9.65 -0.14
CA ASP D 107 49.05 -9.21 1.24
C ASP D 107 48.62 -10.23 2.27
N ILE D 108 47.85 -11.25 1.87
CA ILE D 108 47.48 -12.30 2.80
C ILE D 108 48.73 -13.09 3.18
N GLU D 109 48.95 -13.24 4.48
CA GLU D 109 50.13 -13.90 5.03
C GLU D 109 49.72 -15.19 5.73
N ASP D 110 50.73 -15.92 6.19
CA ASP D 110 50.49 -17.18 6.89
C ASP D 110 49.57 -16.98 8.09
N ARG D 111 49.75 -15.87 8.82
CA ARG D 111 49.06 -15.66 10.08
C ARG D 111 47.60 -15.25 9.93
N HIS D 112 47.14 -14.98 8.71
CA HIS D 112 45.77 -14.50 8.53
C HIS D 112 44.78 -15.66 8.57
N ILE D 113 43.64 -15.42 9.21
CA ILE D 113 42.44 -16.23 9.01
C ILE D 113 41.48 -15.36 8.22
N VAL D 114 41.09 -15.84 7.04
CA VAL D 114 40.20 -15.12 6.15
C VAL D 114 38.81 -15.69 6.32
N VAL D 115 37.87 -14.87 6.78
CA VAL D 115 36.53 -15.30 7.09
C VAL D 115 35.60 -14.64 6.08
N SER D 116 35.09 -15.43 5.14
CA SER D 116 34.15 -14.91 4.15
C SER D 116 32.75 -14.97 4.71
N CYS D 117 32.07 -13.82 4.73
CA CYS D 117 30.66 -13.72 5.08
C CYS D 117 29.77 -13.59 3.86
N ALA D 118 30.36 -13.51 2.66
CA ALA D 118 29.59 -13.28 1.45
C ALA D 118 28.68 -14.46 1.18
N ALA D 119 27.41 -14.17 0.87
CA ALA D 119 26.47 -15.23 0.54
C ALA D 119 26.93 -15.98 -0.71
N GLY D 120 26.88 -17.31 -0.64
CA GLY D 120 27.10 -18.13 -1.82
C GLY D 120 28.56 -18.42 -2.15
N VAL D 121 29.46 -17.50 -1.81
CA VAL D 121 30.85 -17.60 -2.27
C VAL D 121 31.51 -18.80 -1.60
N THR D 122 32.05 -19.71 -2.42
CA THR D 122 32.56 -20.97 -1.92
C THR D 122 33.99 -20.83 -1.38
N ILE D 123 34.31 -21.69 -0.41
CA ILE D 123 35.69 -21.81 0.04
C ILE D 123 36.61 -22.09 -1.13
N SER D 124 36.16 -22.94 -2.05
CA SER D 124 36.99 -23.32 -3.19
C SER D 124 37.42 -22.11 -4.00
N SER D 125 36.48 -21.21 -4.31
CA SER D 125 36.81 -20.04 -5.12
C SER D 125 37.78 -19.11 -4.41
N ILE D 126 37.63 -18.94 -3.09
CA ILE D 126 38.54 -18.10 -2.32
C ILE D 126 39.93 -18.70 -2.29
N GLU D 127 40.01 -20.00 -1.98
CA GLU D 127 41.31 -20.67 -1.89
C GLU D 127 42.01 -20.70 -3.25
N LYS D 128 41.24 -20.79 -4.34
CA LYS D 128 41.88 -20.80 -5.65
C LYS D 128 42.56 -19.46 -5.93
N LYS D 129 41.89 -18.36 -5.59
CA LYS D 129 42.49 -17.04 -5.79
C LYS D 129 43.71 -16.85 -4.89
N LEU D 130 43.56 -17.12 -3.59
CA LEU D 130 44.65 -16.83 -2.66
C LEU D 130 45.81 -17.79 -2.79
N SER D 131 45.57 -19.04 -3.23
CA SER D 131 46.66 -20.01 -3.34
C SER D 131 47.63 -19.66 -4.47
N ALA D 132 47.22 -18.80 -5.41
CA ALA D 132 48.15 -18.31 -6.41
C ALA D 132 49.21 -17.40 -5.80
N PHE D 133 48.99 -16.89 -4.59
CA PHE D 133 49.94 -16.01 -3.93
C PHE D 133 50.80 -16.75 -2.90
N ARG D 134 50.17 -17.40 -1.93
CA ARG D 134 50.87 -18.20 -0.93
C ARG D 134 50.09 -19.50 -0.75
N PRO D 135 50.78 -20.61 -0.45
CA PRO D 135 50.21 -21.93 -0.74
C PRO D 135 49.08 -22.40 0.18
N ALA D 136 49.01 -21.95 1.42
CA ALA D 136 48.07 -22.53 2.40
C ALA D 136 47.22 -21.46 3.07
N PRO D 137 46.39 -20.74 2.32
CA PRO D 137 45.54 -19.72 2.94
C PRO D 137 44.53 -20.38 3.88
N ARG D 138 44.41 -19.82 5.09
CA ARG D 138 43.46 -20.31 6.08
C ARG D 138 42.15 -19.59 5.89
N VAL D 139 41.14 -20.31 5.39
CA VAL D 139 39.87 -19.71 5.00
C VAL D 139 38.75 -20.36 5.81
N ILE D 140 37.82 -19.54 6.26
CA ILE D 140 36.60 -20.01 6.90
C ILE D 140 35.44 -19.30 6.21
N ARG D 141 34.38 -20.05 5.91
CA ARG D 141 33.18 -19.50 5.33
C ARG D 141 32.10 -19.47 6.41
N CYS D 142 31.42 -18.34 6.55
CA CYS D 142 30.37 -18.29 7.55
C CYS D 142 29.11 -17.67 6.96
N MET D 143 27.98 -18.01 7.57
CA MET D 143 26.70 -17.37 7.26
C MET D 143 26.11 -16.96 8.60
N THR D 144 25.99 -15.67 8.81
CA THR D 144 25.45 -15.14 10.06
C THR D 144 24.24 -14.29 9.70
N ASN D 145 23.77 -13.48 10.64
CA ASN D 145 22.62 -12.62 10.33
C ASN D 145 22.69 -11.37 11.20
N THR D 146 21.81 -10.43 10.90
CA THR D 146 21.93 -9.10 11.52
C THR D 146 21.67 -9.12 13.03
N PRO D 147 20.88 -10.06 13.60
CA PRO D 147 20.68 -10.01 15.07
C PRO D 147 21.92 -10.26 15.91
N VAL D 148 23.09 -10.52 15.31
CA VAL D 148 24.30 -10.42 16.11
C VAL D 148 24.42 -9.04 16.75
N VAL D 149 23.76 -8.03 16.19
CA VAL D 149 23.83 -6.68 16.74
C VAL D 149 23.23 -6.62 18.13
N VAL D 150 22.30 -7.54 18.45
CA VAL D 150 21.77 -7.68 19.80
C VAL D 150 22.23 -8.99 20.44
N ARG D 151 23.35 -9.54 19.94
CA ARG D 151 23.96 -10.76 20.47
C ARG D 151 22.99 -11.94 20.47
N GLU D 152 22.11 -12.00 19.47
CA GLU D 152 21.21 -13.13 19.28
C GLU D 152 21.26 -13.60 17.84
N GLY D 153 22.44 -13.58 17.25
CA GLY D 153 22.59 -14.04 15.89
C GLY D 153 22.47 -15.54 15.78
N ALA D 154 22.39 -16.00 14.53
CA ALA D 154 22.41 -17.41 14.20
C ALA D 154 23.52 -17.60 13.17
N THR D 155 24.58 -18.32 13.54
CA THR D 155 25.77 -18.38 12.72
C THR D 155 26.17 -19.83 12.48
N VAL D 156 26.50 -20.16 11.23
CA VAL D 156 27.19 -21.41 10.93
C VAL D 156 28.50 -21.07 10.23
N TYR D 157 29.45 -21.98 10.34
CA TYR D 157 30.72 -21.78 9.64
C TYR D 157 31.22 -23.13 9.15
N ALA D 158 31.97 -23.09 8.04
CA ALA D 158 32.70 -24.25 7.55
C ALA D 158 34.18 -23.89 7.42
N THR D 159 35.04 -24.85 7.74
CA THR D 159 36.48 -24.62 7.72
C THR D 159 37.07 -25.05 6.38
N GLY D 160 38.05 -24.29 5.91
CA GLY D 160 38.69 -24.57 4.64
C GLY D 160 39.77 -25.62 4.73
N THR D 161 40.46 -25.82 3.59
CA THR D 161 41.44 -26.91 3.50
C THR D 161 42.60 -26.72 4.48
N HIS D 162 43.01 -25.47 4.70
CA HIS D 162 44.23 -25.18 5.47
C HIS D 162 43.94 -24.58 6.83
N ALA D 163 42.67 -24.46 7.22
CA ALA D 163 42.34 -23.94 8.54
C ALA D 163 42.84 -24.91 9.61
N GLN D 164 43.59 -24.40 10.58
CA GLN D 164 44.11 -25.23 11.66
C GLN D 164 43.00 -25.53 12.65
N VAL D 165 43.24 -26.52 13.53
CA VAL D 165 42.19 -26.94 14.46
C VAL D 165 41.79 -25.77 15.36
N GLU D 166 42.77 -25.04 15.89
CA GLU D 166 42.47 -23.87 16.71
C GLU D 166 41.74 -22.78 15.91
N ASP D 167 41.84 -22.79 14.58
CA ASP D 167 41.16 -21.78 13.77
C ASP D 167 39.64 -21.90 13.91
N GLY D 168 39.13 -23.12 13.75
CA GLY D 168 37.70 -23.34 13.94
C GLY D 168 37.27 -23.11 15.37
N ARG D 169 38.12 -23.47 16.34
CA ARG D 169 37.81 -23.21 17.74
C ARG D 169 37.75 -21.72 18.01
N LEU D 170 38.72 -20.96 17.48
CA LEU D 170 38.71 -19.51 17.59
C LEU D 170 37.44 -18.91 16.98
N MET D 171 37.14 -19.31 15.74
CA MET D 171 35.93 -18.82 15.08
C MET D 171 34.69 -19.11 15.92
N GLU D 172 34.57 -20.33 16.45
CA GLU D 172 33.40 -20.70 17.21
C GLU D 172 33.24 -19.82 18.45
N GLN D 173 34.34 -19.58 19.17
CA GLN D 173 34.27 -18.76 20.38
C GLN D 173 33.90 -17.32 20.04
N LEU D 174 34.49 -16.76 18.98
CA LEU D 174 34.18 -15.40 18.58
C LEU D 174 32.70 -15.25 18.23
N LEU D 175 32.20 -16.10 17.33
CA LEU D 175 30.81 -15.93 16.90
C LEU D 175 29.80 -16.39 17.95
N SER D 176 30.21 -17.23 18.90
CA SER D 176 29.31 -17.57 19.99
C SER D 176 29.10 -16.41 20.94
N SER D 177 30.00 -15.42 20.94
CA SER D 177 29.78 -14.25 21.80
C SER D 177 28.61 -13.39 21.34
N VAL D 178 28.10 -13.60 20.13
CA VAL D 178 27.02 -12.76 19.62
C VAL D 178 25.83 -13.60 19.16
N GLY D 179 25.78 -14.86 19.58
CA GLY D 179 24.60 -15.66 19.32
C GLY D 179 24.94 -17.13 19.19
N PHE D 180 24.00 -17.87 18.62
CA PHE D 180 24.21 -19.29 18.33
C PHE D 180 25.29 -19.45 17.28
N CYS D 181 26.12 -20.48 17.44
CA CYS D 181 27.16 -20.75 16.46
C CYS D 181 27.48 -22.24 16.45
N THR D 182 27.52 -22.83 15.26
CA THR D 182 27.94 -24.21 15.18
C THR D 182 28.64 -24.44 13.84
N GLU D 183 29.51 -25.45 13.82
CA GLU D 183 30.19 -25.83 12.60
C GLU D 183 29.28 -26.70 11.74
N VAL D 184 29.36 -26.52 10.41
CA VAL D 184 28.62 -27.34 9.47
C VAL D 184 29.54 -27.71 8.32
N GLU D 185 29.11 -28.71 7.55
CA GLU D 185 29.70 -28.95 6.24
C GLU D 185 29.29 -27.83 5.30
N GLU D 186 30.20 -27.46 4.38
CA GLU D 186 29.93 -26.30 3.54
C GLU D 186 28.69 -26.48 2.67
N ASP D 187 28.36 -27.72 2.32
CA ASP D 187 27.21 -27.94 1.45
C ASP D 187 25.88 -27.59 2.10
N LEU D 188 25.86 -27.27 3.39
CA LEU D 188 24.64 -26.86 4.05
C LEU D 188 24.45 -25.33 4.08
N ILE D 189 25.47 -24.55 3.70
CA ILE D 189 25.43 -23.13 4.01
C ILE D 189 24.41 -22.37 3.14
N ASP D 190 24.20 -22.80 1.90
CA ASP D 190 23.20 -22.15 1.06
C ASP D 190 21.80 -22.33 1.65
N ALA D 191 21.50 -23.51 2.21
CA ALA D 191 20.21 -23.75 2.86
C ALA D 191 20.07 -22.95 4.15
N VAL D 192 21.15 -22.86 4.94
CA VAL D 192 21.14 -22.00 6.12
C VAL D 192 20.87 -20.55 5.73
N THR D 193 21.46 -20.10 4.61
CA THR D 193 21.19 -18.75 4.13
C THR D 193 19.69 -18.55 3.92
N GLY D 194 19.01 -19.53 3.35
CA GLY D 194 17.58 -19.36 3.11
C GLY D 194 16.75 -19.37 4.36
N LEU D 195 17.27 -19.98 5.42
CA LEU D 195 16.53 -20.13 6.67
C LEU D 195 16.91 -19.01 7.64
N SER D 196 18.09 -19.07 8.27
CA SER D 196 18.42 -18.05 9.27
C SER D 196 19.12 -16.82 8.70
N GLY D 197 19.74 -16.90 7.51
CA GLY D 197 20.33 -15.72 6.91
C GLY D 197 19.26 -14.71 6.51
N SER D 198 18.32 -15.16 5.68
CA SER D 198 17.18 -14.35 5.27
C SER D 198 16.10 -14.30 6.34
N GLY D 199 16.12 -15.24 7.30
CA GLY D 199 15.05 -15.34 8.28
C GLY D 199 14.62 -14.06 8.97
N PRO D 200 15.56 -13.19 9.37
CA PRO D 200 15.12 -11.94 10.03
C PRO D 200 14.18 -11.10 9.19
N ALA D 201 14.40 -11.05 7.86
CA ALA D 201 13.50 -10.28 6.99
C ALA D 201 12.10 -10.89 6.96
N TYR D 202 11.99 -12.23 7.01
CA TYR D 202 10.67 -12.85 7.09
C TYR D 202 9.98 -12.44 8.37
N ALA D 203 10.73 -12.41 9.47
CA ALA D 203 10.20 -12.01 10.76
C ALA D 203 9.78 -10.55 10.76
N PHE D 204 10.59 -9.66 10.18
CA PHE D 204 10.23 -8.24 10.14
C PHE D 204 8.97 -8.02 9.31
N THR D 205 8.83 -8.76 8.20
CA THR D 205 7.62 -8.70 7.39
C THR D 205 6.41 -9.16 8.21
N ALA D 206 6.55 -10.30 8.90
CA ALA D 206 5.48 -10.85 9.70
C ALA D 206 5.08 -9.91 10.83
N LEU D 207 6.06 -9.25 11.45
CA LEU D 207 5.74 -8.34 12.57
C LEU D 207 5.03 -7.09 12.08
N ASP D 208 5.44 -6.53 10.94
CA ASP D 208 4.72 -5.43 10.32
C ASP D 208 3.26 -5.79 10.09
N ALA D 209 3.03 -6.99 9.53
CA ALA D 209 1.67 -7.43 9.19
C ALA D 209 0.85 -7.73 10.44
N LEU D 210 1.46 -8.41 11.43
CA LEU D 210 0.77 -8.65 12.69
C LEU D 210 0.37 -7.34 13.34
N ALA D 211 1.26 -6.34 13.30
CA ALA D 211 0.91 -5.03 13.83
C ALA D 211 -0.26 -4.41 13.05
N ASP D 212 -0.26 -4.54 11.71
CA ASP D 212 -1.42 -4.08 10.93
C ASP D 212 -2.70 -4.76 11.38
N GLY D 213 -2.62 -6.05 11.70
CA GLY D 213 -3.80 -6.76 12.20
C GLY D 213 -4.25 -6.23 13.54
N GLY D 214 -3.29 -5.98 14.45
CA GLY D 214 -3.64 -5.33 15.71
C GLY D 214 -4.31 -3.98 15.51
N VAL D 215 -3.76 -3.16 14.61
CA VAL D 215 -4.35 -1.84 14.33
C VAL D 215 -5.75 -2.00 13.76
N LYS D 216 -5.94 -2.97 12.85
CA LYS D 216 -7.26 -3.15 12.26
C LYS D 216 -8.28 -3.46 13.35
N MET D 217 -7.88 -4.23 14.35
CA MET D 217 -8.79 -4.60 15.43
C MET D 217 -8.82 -3.59 16.58
N GLY D 218 -8.21 -2.41 16.42
CA GLY D 218 -8.40 -1.32 17.36
C GLY D 218 -7.22 -0.99 18.25
N LEU D 219 -6.08 -1.64 18.09
CA LEU D 219 -4.93 -1.32 18.93
C LEU D 219 -4.14 -0.15 18.36
N PRO D 220 -3.59 0.72 19.22
CA PRO D 220 -2.58 1.68 18.76
C PRO D 220 -1.39 0.97 18.12
N ARG D 221 -0.85 1.57 17.05
CA ARG D 221 0.24 0.96 16.31
CA ARG D 221 0.25 0.97 16.31
C ARG D 221 1.42 0.64 17.23
N ARG D 222 1.80 1.60 18.08
CA ARG D 222 2.98 1.40 18.94
C ARG D 222 2.81 0.16 19.83
N LEU D 223 1.64 0.02 20.44
CA LEU D 223 1.38 -1.15 21.26
C LEU D 223 1.32 -2.42 20.43
N ALA D 224 0.72 -2.36 19.24
CA ALA D 224 0.63 -3.55 18.41
C ALA D 224 2.00 -4.08 18.01
N VAL D 225 2.94 -3.18 17.67
CA VAL D 225 4.30 -3.59 17.33
C VAL D 225 4.98 -4.22 18.53
N ARG D 226 4.85 -3.60 19.70
CA ARG D 226 5.48 -4.13 20.91
CA ARG D 226 5.47 -4.13 20.92
C ARG D 226 4.93 -5.52 21.26
N LEU D 227 3.60 -5.67 21.26
CA LEU D 227 2.99 -6.96 21.60
C LEU D 227 3.35 -8.05 20.61
N GLY D 228 3.30 -7.74 19.30
CA GLY D 228 3.63 -8.74 18.30
C GLY D 228 5.08 -9.20 18.42
N ALA D 229 6.00 -8.25 18.58
CA ALA D 229 7.41 -8.62 18.71
C ALA D 229 7.65 -9.43 19.98
N GLN D 230 6.99 -9.05 21.07
CA GLN D 230 7.18 -9.79 22.31
C GLN D 230 6.62 -11.20 22.18
N ALA D 231 5.48 -11.35 21.49
CA ALA D 231 4.89 -12.66 21.24
C ALA D 231 5.84 -13.55 20.45
N LEU D 232 6.43 -13.01 19.38
CA LEU D 232 7.35 -13.81 18.56
C LEU D 232 8.60 -14.18 19.34
N LEU D 233 9.18 -13.22 20.05
CA LEU D 233 10.37 -13.51 20.86
C LEU D 233 10.06 -14.58 21.90
N GLY D 234 8.95 -14.45 22.62
CA GLY D 234 8.65 -15.42 23.65
C GLY D 234 8.42 -16.82 23.09
N ALA D 235 7.71 -16.93 21.97
CA ALA D 235 7.43 -18.24 21.40
C ALA D 235 8.72 -18.90 20.93
N ALA D 236 9.59 -18.12 20.28
CA ALA D 236 10.88 -18.65 19.84
C ALA D 236 11.71 -19.14 21.02
N LYS D 237 11.78 -18.33 22.08
CA LYS D 237 12.50 -18.76 23.28
C LYS D 237 11.89 -20.02 23.88
N MET D 238 10.55 -20.10 23.91
CA MET D 238 9.90 -21.31 24.41
C MET D 238 10.37 -22.54 23.64
N LEU D 239 10.35 -22.47 22.31
CA LEU D 239 10.72 -23.62 21.50
C LEU D 239 12.17 -24.00 21.73
N LEU D 240 13.04 -23.00 21.88
CA LEU D 240 14.46 -23.30 22.09
C LEU D 240 14.69 -23.96 23.43
N HIS D 241 13.86 -23.67 24.42
CA HIS D 241 14.01 -24.22 25.76
C HIS D 241 13.18 -25.48 25.99
N SER D 242 12.39 -25.91 25.01
CA SER D 242 11.52 -27.07 25.15
C SER D 242 12.07 -28.23 24.35
N GLU D 243 11.86 -29.44 24.86
CA GLU D 243 12.13 -30.63 24.07
C GLU D 243 10.97 -31.01 23.16
N GLN D 244 9.86 -30.29 23.24
CA GLN D 244 8.64 -30.69 22.56
C GLN D 244 8.62 -30.17 21.11
N HIS D 245 7.84 -30.84 20.30
CA HIS D 245 7.68 -30.47 18.90
C HIS D 245 6.87 -29.18 18.79
N PRO D 246 7.15 -28.34 17.78
CA PRO D 246 6.36 -27.12 17.60
C PRO D 246 4.86 -27.35 17.55
N GLY D 247 4.42 -28.45 16.96
CA GLY D 247 2.99 -28.73 16.92
C GLY D 247 2.40 -29.05 18.28
N GLN D 248 3.18 -29.66 19.18
CA GLN D 248 2.66 -29.89 20.53
C GLN D 248 2.53 -28.58 21.29
N LEU D 249 3.49 -27.66 21.10
CA LEU D 249 3.39 -26.36 21.74
C LEU D 249 2.21 -25.57 21.18
N LYS D 250 2.01 -25.64 19.87
CA LYS D 250 0.82 -25.07 19.25
C LYS D 250 -0.45 -25.64 19.89
N ASP D 251 -0.49 -26.95 20.10
CA ASP D 251 -1.66 -27.56 20.71
C ASP D 251 -1.94 -27.01 22.11
N ASN D 252 -0.90 -26.65 22.87
CA ASN D 252 -1.10 -26.14 24.23
C ASN D 252 -1.76 -24.77 24.25
N VAL D 253 -1.60 -23.98 23.18
CA VAL D 253 -2.20 -22.65 23.12
C VAL D 253 -3.67 -22.72 22.76
N SER D 254 -4.08 -23.72 21.96
CA SER D 254 -5.40 -23.73 21.33
C SER D 254 -6.39 -24.50 22.19
N SER D 255 -7.29 -23.80 22.85
CA SER D 255 -8.36 -24.52 23.50
C SER D 255 -9.46 -24.89 22.49
N PRO D 256 -10.19 -25.98 22.76
CA PRO D 256 -11.25 -26.39 21.82
C PRO D 256 -12.26 -25.28 21.59
N GLY D 257 -12.59 -25.07 20.31
CA GLY D 257 -13.54 -24.06 19.92
C GLY D 257 -13.09 -22.63 20.06
N GLY D 258 -11.85 -22.39 20.47
CA GLY D 258 -11.42 -21.08 20.91
C GLY D 258 -10.88 -20.19 19.80
N ALA D 259 -10.39 -19.01 20.23
CA ALA D 259 -9.98 -17.98 19.29
C ALA D 259 -8.74 -18.42 18.51
N THR D 260 -7.79 -19.06 19.19
CA THR D 260 -6.54 -19.39 18.53
C THR D 260 -6.76 -20.40 17.40
N ILE D 261 -7.49 -21.49 17.67
CA ILE D 261 -7.71 -22.48 16.61
C ILE D 261 -8.49 -21.90 15.46
N HIS D 262 -9.38 -20.91 15.71
CA HIS D 262 -10.04 -20.25 14.60
C HIS D 262 -9.04 -19.46 13.75
N ALA D 263 -8.10 -18.76 14.41
CA ALA D 263 -7.07 -18.03 13.68
C ALA D 263 -6.15 -18.99 12.93
N LEU D 264 -5.80 -20.12 13.53
CA LEU D 264 -4.92 -21.07 12.82
C LEU D 264 -5.58 -21.59 11.56
N HIS D 265 -6.90 -21.80 11.58
CA HIS D 265 -7.58 -22.24 10.36
C HIS D 265 -7.40 -21.22 9.23
N VAL D 266 -7.51 -19.92 9.52
CA VAL D 266 -7.41 -18.99 8.40
C VAL D 266 -5.98 -18.92 7.88
N LEU D 267 -4.98 -19.13 8.74
CA LEU D 267 -3.60 -19.27 8.23
C LEU D 267 -3.49 -20.47 7.31
N GLU D 268 -4.05 -21.60 7.73
CA GLU D 268 -4.00 -22.81 6.90
C GLU D 268 -4.70 -22.60 5.57
N SER D 269 -5.84 -21.90 5.57
CA SER D 269 -6.60 -21.72 4.33
C SER D 269 -5.81 -20.91 3.31
N GLY D 270 -4.91 -20.04 3.76
CA GLY D 270 -4.06 -19.30 2.85
C GLY D 270 -2.75 -19.98 2.50
N GLY D 271 -2.52 -21.20 3.00
CA GLY D 271 -1.26 -21.87 2.70
C GLY D 271 -0.07 -21.23 3.38
N PHE D 272 -0.28 -20.71 4.58
CA PHE D 272 0.74 -20.00 5.34
C PHE D 272 2.03 -20.81 5.41
N ARG D 273 1.92 -22.11 5.78
CA ARG D 273 3.11 -22.95 5.87
C ARG D 273 3.86 -23.01 4.55
N SER D 274 3.13 -23.20 3.45
CA SER D 274 3.78 -23.32 2.15
C SER D 274 4.52 -22.05 1.75
N LEU D 275 4.02 -20.88 2.15
CA LEU D 275 4.70 -19.63 1.79
C LEU D 275 6.08 -19.56 2.44
N LEU D 276 6.17 -19.99 3.70
CA LEU D 276 7.45 -20.00 4.40
C LEU D 276 8.41 -21.03 3.81
N ILE D 277 7.90 -22.21 3.43
CA ILE D 277 8.74 -23.16 2.71
C ILE D 277 9.21 -22.55 1.40
N ASN D 278 8.28 -21.93 0.66
CA ASN D 278 8.61 -21.26 -0.60
C ASN D 278 9.75 -20.27 -0.40
N ALA D 279 9.70 -19.51 0.69
CA ALA D 279 10.69 -18.46 0.94
C ALA D 279 12.08 -19.06 1.18
N VAL D 280 12.17 -20.04 2.08
CA VAL D 280 13.47 -20.67 2.33
C VAL D 280 14.04 -21.23 1.05
N GLU D 281 13.19 -21.88 0.27
CA GLU D 281 13.62 -22.45 -1.00
C GLU D 281 14.09 -21.38 -1.96
N ALA D 282 13.33 -20.28 -2.09
CA ALA D 282 13.69 -19.25 -3.05
C ALA D 282 15.02 -18.60 -2.68
N SER D 283 15.26 -18.37 -1.38
CA SER D 283 16.51 -17.74 -0.98
C SER D 283 17.68 -18.70 -1.19
N CYS D 284 17.49 -19.97 -0.84
CA CYS D 284 18.52 -20.98 -1.07
C CYS D 284 18.86 -21.09 -2.55
N ILE D 285 17.83 -21.14 -3.41
CA ILE D 285 18.06 -21.30 -4.83
C ILE D 285 18.78 -20.07 -5.40
N ARG D 286 18.37 -18.87 -4.99
CA ARG D 286 19.04 -17.67 -5.50
C ARG D 286 20.51 -17.63 -5.07
N THR D 287 20.77 -18.04 -3.83
CA THR D 287 22.16 -18.16 -3.36
C THR D 287 22.95 -19.11 -4.26
N ARG D 288 22.40 -20.30 -4.53
CA ARG D 288 23.08 -21.24 -5.41
C ARG D 288 23.29 -20.64 -6.79
N GLU D 289 22.29 -19.93 -7.30
CA GLU D 289 22.37 -19.44 -8.67
C GLU D 289 23.31 -18.24 -8.79
N LEU D 290 23.36 -17.39 -7.75
CA LEU D 290 24.35 -16.31 -7.74
C LEU D 290 25.76 -16.88 -7.85
N GLN D 291 26.03 -17.96 -7.11
CA GLN D 291 27.37 -18.53 -7.12
C GLN D 291 27.71 -19.18 -8.46
N SER D 292 26.74 -19.87 -9.08
CA SER D 292 26.99 -20.48 -10.38
C SER D 292 27.29 -19.44 -11.44
N MET D 293 26.66 -18.27 -11.36
CA MET D 293 27.03 -17.17 -12.27
C MET D 293 28.43 -16.66 -11.96
N ALA D 294 28.83 -16.66 -10.68
CA ALA D 294 30.15 -16.17 -10.31
C ALA D 294 31.24 -17.11 -10.81
N ASP D 295 31.04 -18.43 -10.68
CA ASP D 295 32.08 -19.39 -11.04
C ASP D 295 32.18 -19.61 -12.54
N GLN D 296 31.07 -19.49 -13.28
CA GLN D 296 31.15 -19.46 -14.73
C GLN D 296 31.98 -18.28 -15.21
N GLU D 297 31.76 -17.10 -14.62
CA GLU D 297 32.52 -15.91 -14.94
C GLU D 297 33.88 -15.91 -14.25
N PHE E 20 -45.54 13.92 -37.05
CA PHE E 20 -44.23 13.41 -37.41
C PHE E 20 -43.30 14.55 -37.83
N GLN E 21 -43.75 15.36 -38.79
CA GLN E 21 -42.98 16.54 -39.18
C GLN E 21 -43.21 17.70 -38.22
N SER E 22 -44.45 17.91 -37.79
CA SER E 22 -44.75 18.96 -36.82
C SER E 22 -44.43 18.57 -35.39
N MET E 23 -43.82 17.41 -35.19
CA MET E 23 -43.56 16.90 -33.85
C MET E 23 -42.42 17.65 -33.18
N SER E 24 -42.62 18.00 -31.92
CA SER E 24 -41.69 18.80 -31.13
C SER E 24 -41.19 17.96 -29.95
N VAL E 25 -39.87 17.89 -29.78
CA VAL E 25 -39.24 17.03 -28.78
C VAL E 25 -38.47 17.88 -27.78
N GLY E 26 -38.51 17.47 -26.52
CA GLY E 26 -37.78 18.17 -25.47
C GLY E 26 -36.99 17.19 -24.61
N PHE E 27 -35.91 17.71 -24.03
CA PHE E 27 -35.08 16.95 -23.10
C PHE E 27 -34.97 17.72 -21.79
N ILE E 28 -35.38 17.09 -20.70
CA ILE E 28 -35.07 17.59 -19.36
C ILE E 28 -33.80 16.89 -18.91
N GLY E 29 -32.73 17.65 -18.79
CA GLY E 29 -31.39 17.10 -18.67
C GLY E 29 -30.68 17.25 -20.00
N ALA E 30 -29.50 17.90 -20.00
CA ALA E 30 -28.78 18.10 -21.25
C ALA E 30 -27.39 17.49 -21.15
N GLY E 31 -27.33 16.21 -20.77
CA GLY E 31 -26.06 15.55 -20.57
C GLY E 31 -25.76 14.54 -21.66
N GLN E 32 -25.09 13.44 -21.30
CA GLN E 32 -24.56 12.52 -22.30
C GLN E 32 -25.68 11.90 -23.13
N LEU E 33 -26.77 11.46 -22.48
CA LEU E 33 -27.82 10.76 -23.20
C LEU E 33 -28.63 11.70 -24.06
N ALA E 34 -28.91 12.90 -23.56
CA ALA E 34 -29.66 13.87 -24.35
C ALA E 34 -28.87 14.27 -25.60
N PHE E 35 -27.56 14.47 -25.46
CA PHE E 35 -26.75 14.76 -26.61
C PHE E 35 -26.77 13.62 -27.61
N ALA E 36 -26.51 12.39 -27.12
CA ALA E 36 -26.47 11.24 -28.00
C ALA E 36 -27.78 11.09 -28.77
N LEU E 37 -28.91 11.19 -28.07
CA LEU E 37 -30.20 11.05 -28.75
C LEU E 37 -30.44 12.20 -29.72
N ALA E 38 -30.13 13.44 -29.31
CA ALA E 38 -30.35 14.58 -30.21
C ALA E 38 -29.46 14.49 -31.43
N LYS E 39 -28.22 14.03 -31.26
CA LYS E 39 -27.35 13.90 -32.42
C LYS E 39 -27.84 12.80 -33.35
N GLY E 40 -28.27 11.67 -32.78
CA GLY E 40 -28.78 10.60 -33.62
C GLY E 40 -30.05 11.00 -34.36
N PHE E 41 -31.00 11.61 -33.65
CA PHE E 41 -32.24 12.03 -34.27
C PHE E 41 -31.99 12.96 -35.45
N THR E 42 -31.13 13.95 -35.25
CA THR E 42 -30.89 14.94 -36.31
C THR E 42 -30.06 14.35 -37.44
N ALA E 43 -29.12 13.47 -37.13
CA ALA E 43 -28.39 12.79 -38.20
C ALA E 43 -29.32 11.90 -39.01
N ALA E 44 -30.28 11.25 -38.35
CA ALA E 44 -31.26 10.43 -39.05
C ALA E 44 -32.19 11.26 -39.92
N GLY E 45 -32.30 12.55 -39.67
CA GLY E 45 -33.25 13.38 -40.38
C GLY E 45 -34.68 13.31 -39.89
N VAL E 46 -34.98 12.45 -38.90
CA VAL E 46 -36.36 12.35 -38.45
C VAL E 46 -36.79 13.62 -37.71
N LEU E 47 -35.83 14.38 -37.18
CA LEU E 47 -36.09 15.62 -36.49
C LEU E 47 -35.06 16.65 -36.92
N ALA E 48 -35.52 17.86 -37.21
CA ALA E 48 -34.59 18.98 -37.36
C ALA E 48 -34.21 19.49 -35.98
N ALA E 49 -32.96 19.95 -35.85
CA ALA E 49 -32.46 20.35 -34.55
C ALA E 49 -33.32 21.44 -33.91
N HIS E 50 -33.96 22.27 -34.74
CA HIS E 50 -34.76 23.37 -34.22
C HIS E 50 -36.07 22.91 -33.60
N LYS E 51 -36.45 21.65 -33.79
CA LYS E 51 -37.62 21.10 -33.13
C LYS E 51 -37.30 20.50 -31.77
N ILE E 52 -36.05 20.60 -31.32
CA ILE E 52 -35.59 20.00 -30.08
C ILE E 52 -35.19 21.12 -29.12
N MET E 53 -35.67 21.03 -27.88
CA MET E 53 -35.26 21.92 -26.80
C MET E 53 -34.71 21.06 -25.67
N ALA E 54 -33.71 21.59 -24.96
CA ALA E 54 -33.14 20.86 -23.82
C ALA E 54 -32.87 21.83 -22.69
N SER E 55 -33.04 21.35 -21.46
CA SER E 55 -32.86 22.17 -20.27
C SER E 55 -31.90 21.51 -19.30
N SER E 56 -31.18 22.34 -18.56
CA SER E 56 -30.23 21.92 -17.54
C SER E 56 -29.92 23.13 -16.66
N PRO E 57 -29.66 22.94 -15.36
CA PRO E 57 -29.31 24.10 -14.53
C PRO E 57 -27.98 24.71 -14.91
N ASP E 58 -27.01 23.89 -15.31
CA ASP E 58 -25.67 24.36 -15.68
C ASP E 58 -25.63 24.56 -17.19
N MET E 59 -25.62 25.82 -17.63
CA MET E 59 -25.51 26.13 -19.05
C MET E 59 -24.07 26.16 -19.54
N ASP E 60 -23.09 25.86 -18.68
CA ASP E 60 -21.68 25.86 -19.05
C ASP E 60 -21.14 24.45 -19.25
N LEU E 61 -22.02 23.47 -19.46
CA LEU E 61 -21.60 22.10 -19.66
C LEU E 61 -21.09 21.88 -21.08
N ALA E 62 -20.24 20.86 -21.24
CA ALA E 62 -19.74 20.53 -22.56
C ALA E 62 -20.87 20.05 -23.48
N THR E 63 -21.75 19.18 -22.96
CA THR E 63 -22.87 18.69 -23.75
C THR E 63 -23.82 19.83 -24.12
N VAL E 64 -24.04 20.76 -23.20
CA VAL E 64 -24.92 21.90 -23.47
C VAL E 64 -24.36 22.75 -24.62
N SER E 65 -23.04 22.99 -24.60
CA SER E 65 -22.43 23.76 -25.68
C SER E 65 -22.54 23.02 -27.01
N ALA E 66 -22.25 21.71 -26.99
CA ALA E 66 -22.33 20.91 -28.21
C ALA E 66 -23.74 20.92 -28.80
N LEU E 67 -24.76 20.80 -27.94
CA LEU E 67 -26.14 20.85 -28.42
C LEU E 67 -26.45 22.20 -29.08
N ARG E 68 -25.89 23.29 -28.55
CA ARG E 68 -26.17 24.58 -29.16
C ARG E 68 -25.57 24.66 -30.57
N LYS E 69 -24.35 24.14 -30.75
CA LYS E 69 -23.74 24.16 -32.08
C LYS E 69 -24.61 23.43 -33.10
N MET E 70 -25.21 22.31 -32.70
CA MET E 70 -26.04 21.53 -33.61
C MET E 70 -27.29 22.28 -34.05
N GLY E 71 -27.72 23.28 -33.29
CA GLY E 71 -28.95 23.98 -33.57
C GLY E 71 -30.09 23.68 -32.62
N VAL E 72 -29.82 23.05 -31.47
CA VAL E 72 -30.87 22.73 -30.50
C VAL E 72 -31.13 23.95 -29.63
N LYS E 73 -32.41 24.22 -29.37
CA LYS E 73 -32.77 25.28 -28.44
C LYS E 73 -32.42 24.88 -27.01
N LEU E 74 -31.94 25.84 -26.23
CA LEU E 74 -31.57 25.55 -24.85
C LEU E 74 -32.17 26.60 -23.91
N THR E 75 -32.46 26.15 -22.69
CA THR E 75 -33.05 26.97 -21.64
C THR E 75 -32.63 26.38 -20.31
N PRO E 76 -32.47 27.20 -19.27
CA PRO E 76 -32.28 26.64 -17.92
C PRO E 76 -33.58 26.21 -17.26
N HIS E 77 -34.73 26.56 -17.84
CA HIS E 77 -36.04 26.38 -17.20
C HIS E 77 -36.71 25.13 -17.76
N ASN E 78 -36.86 24.12 -16.92
CA ASN E 78 -37.56 22.90 -17.31
C ASN E 78 -38.99 23.19 -17.76
N LYS E 79 -39.62 24.24 -17.22
CA LYS E 79 -40.97 24.59 -17.64
C LYS E 79 -41.01 25.00 -19.10
N GLU E 80 -39.99 25.71 -19.58
CA GLU E 80 -39.98 26.11 -20.99
C GLU E 80 -39.86 24.90 -21.91
N THR E 81 -38.99 23.96 -21.55
CA THR E 81 -38.91 22.71 -22.29
C THR E 81 -40.26 22.00 -22.36
N VAL E 82 -40.98 21.94 -21.24
CA VAL E 82 -42.29 21.29 -21.22
C VAL E 82 -43.25 22.01 -22.16
N GLN E 83 -43.31 23.34 -22.08
CA GLN E 83 -44.22 24.10 -22.91
C GLN E 83 -43.90 23.96 -24.40
N HIS E 84 -42.63 23.75 -24.74
CA HIS E 84 -42.22 23.58 -26.13
C HIS E 84 -42.55 22.20 -26.70
N SER E 85 -42.53 21.17 -25.87
CA SER E 85 -42.43 19.80 -26.35
C SER E 85 -43.79 19.13 -26.51
N ASP E 86 -43.85 18.18 -27.45
CA ASP E 86 -44.91 17.17 -27.49
C ASP E 86 -44.42 15.88 -26.86
N VAL E 87 -43.30 15.35 -27.34
CA VAL E 87 -42.63 14.24 -26.70
C VAL E 87 -41.57 14.81 -25.76
N LEU E 88 -41.62 14.40 -24.50
CA LEU E 88 -40.76 14.92 -23.45
C LEU E 88 -39.91 13.79 -22.90
N PHE E 89 -38.60 13.84 -23.15
CA PHE E 89 -37.64 12.88 -22.61
C PHE E 89 -37.12 13.35 -21.27
N LEU E 90 -37.13 12.46 -20.29
CA LEU E 90 -36.52 12.68 -18.98
C LEU E 90 -35.14 12.02 -19.01
N ALA E 91 -34.09 12.83 -19.09
CA ALA E 91 -32.71 12.36 -19.19
C ALA E 91 -31.87 12.92 -18.05
N VAL E 92 -32.43 12.93 -16.84
CA VAL E 92 -31.69 13.30 -15.65
C VAL E 92 -31.37 12.02 -14.89
N LYS E 93 -30.44 12.12 -13.94
CA LYS E 93 -30.07 10.97 -13.13
C LYS E 93 -31.29 10.48 -12.35
N PRO E 94 -31.40 9.17 -12.11
CA PRO E 94 -32.66 8.62 -11.58
C PRO E 94 -33.11 9.21 -10.26
N HIS E 95 -32.19 9.61 -9.37
CA HIS E 95 -32.64 10.19 -8.10
C HIS E 95 -33.27 11.57 -8.28
N ILE E 96 -33.08 12.21 -9.43
CA ILE E 96 -33.64 13.54 -9.67
C ILE E 96 -35.03 13.48 -10.32
N ILE E 97 -35.42 12.32 -10.88
CA ILE E 97 -36.72 12.20 -11.52
C ILE E 97 -37.86 12.67 -10.63
N PRO E 98 -37.99 12.23 -9.37
CA PRO E 98 -39.12 12.72 -8.55
C PRO E 98 -39.11 14.22 -8.33
N PHE E 99 -37.93 14.84 -8.21
CA PHE E 99 -37.87 16.29 -8.06
C PHE E 99 -38.34 16.99 -9.32
N ILE E 100 -37.96 16.46 -10.48
CA ILE E 100 -38.38 17.02 -11.76
C ILE E 100 -39.89 16.89 -11.93
N LEU E 101 -40.44 15.74 -11.55
CA LEU E 101 -41.87 15.50 -11.75
C LEU E 101 -42.71 16.47 -10.90
N ASP E 102 -42.26 16.77 -9.69
CA ASP E 102 -42.98 17.74 -8.87
C ASP E 102 -42.81 19.16 -9.40
N GLU E 103 -41.70 19.46 -10.07
CA GLU E 103 -41.50 20.81 -10.62
C GLU E 103 -42.41 21.06 -11.82
N ILE E 104 -42.51 20.10 -12.73
CA ILE E 104 -43.21 20.30 -13.99
C ILE E 104 -44.56 19.58 -14.04
N GLY E 105 -44.95 18.90 -12.97
CA GLY E 105 -46.17 18.09 -13.01
C GLY E 105 -47.40 18.91 -13.39
N ALA E 106 -47.51 20.12 -12.86
CA ALA E 106 -48.65 20.99 -13.15
C ALA E 106 -48.65 21.49 -14.59
N ASP E 107 -47.58 21.23 -15.35
CA ASP E 107 -47.46 21.70 -16.72
C ASP E 107 -47.70 20.61 -17.76
N ILE E 108 -47.87 19.35 -17.34
CA ILE E 108 -48.17 18.30 -18.31
C ILE E 108 -49.59 18.46 -18.81
N GLU E 109 -49.80 18.13 -20.09
CA GLU E 109 -51.10 18.32 -20.73
C GLU E 109 -51.53 17.03 -21.42
N ASP E 110 -52.74 17.06 -21.99
CA ASP E 110 -53.25 15.89 -22.70
C ASP E 110 -52.33 15.51 -23.86
N ARG E 111 -51.72 16.50 -24.50
CA ARG E 111 -50.93 16.25 -25.69
C ARG E 111 -49.58 15.61 -25.41
N HIS E 112 -49.16 15.52 -24.14
CA HIS E 112 -47.80 15.14 -23.80
C HIS E 112 -47.62 13.63 -23.72
N ILE E 113 -46.53 13.14 -24.30
CA ILE E 113 -45.98 11.82 -24.04
C ILE E 113 -44.71 12.01 -23.23
N VAL E 114 -44.69 11.50 -22.01
CA VAL E 114 -43.52 11.61 -21.15
C VAL E 114 -42.72 10.32 -21.27
N VAL E 115 -41.48 10.44 -21.77
CA VAL E 115 -40.62 9.28 -22.02
C VAL E 115 -39.48 9.31 -21.00
N SER E 116 -39.50 8.39 -20.04
CA SER E 116 -38.45 8.34 -19.03
C SER E 116 -37.32 7.46 -19.54
N CYS E 117 -36.11 8.02 -19.60
CA CYS E 117 -34.92 7.25 -19.91
C CYS E 117 -34.14 6.83 -18.68
N ALA E 118 -34.60 7.22 -17.49
CA ALA E 118 -33.83 7.01 -16.28
C ALA E 118 -33.78 5.51 -15.93
N ALA E 119 -32.57 5.02 -15.66
CA ALA E 119 -32.40 3.64 -15.25
C ALA E 119 -33.18 3.34 -13.99
N GLY E 120 -33.87 2.19 -13.99
CA GLY E 120 -34.58 1.72 -12.81
C GLY E 120 -35.94 2.33 -12.51
N VAL E 121 -36.16 3.59 -12.87
CA VAL E 121 -37.35 4.32 -12.44
C VAL E 121 -38.59 3.71 -13.09
N THR E 122 -39.55 3.31 -12.27
CA THR E 122 -40.69 2.55 -12.77
C THR E 122 -41.76 3.48 -13.34
N ILE E 123 -42.53 2.93 -14.27
CA ILE E 123 -43.69 3.64 -14.80
C ILE E 123 -44.64 3.98 -13.67
N SER E 124 -44.78 3.06 -12.71
CA SER E 124 -45.71 3.28 -11.61
C SER E 124 -45.35 4.53 -10.82
N SER E 125 -44.05 4.70 -10.50
CA SER E 125 -43.61 5.86 -9.73
C SER E 125 -43.84 7.15 -10.50
N ILE E 126 -43.64 7.12 -11.81
CA ILE E 126 -43.84 8.34 -12.60
C ILE E 126 -45.33 8.68 -12.69
N GLU E 127 -46.16 7.68 -12.94
CA GLU E 127 -47.59 7.92 -13.06
C GLU E 127 -48.18 8.38 -11.74
N LYS E 128 -47.65 7.88 -10.62
CA LYS E 128 -48.16 8.31 -9.32
C LYS E 128 -47.94 9.80 -9.11
N LYS E 129 -46.73 10.29 -9.43
CA LYS E 129 -46.40 11.69 -9.22
C LYS E 129 -47.19 12.60 -10.17
N LEU E 130 -47.28 12.23 -11.44
CA LEU E 130 -47.97 13.08 -12.40
C LEU E 130 -49.49 13.03 -12.24
N SER E 131 -50.04 11.91 -11.74
CA SER E 131 -51.49 11.81 -11.59
C SER E 131 -52.03 12.70 -10.49
N ALA E 132 -51.19 13.15 -9.57
CA ALA E 132 -51.66 14.11 -8.57
C ALA E 132 -51.95 15.48 -9.18
N PHE E 133 -51.42 15.77 -10.36
CA PHE E 133 -51.65 17.05 -11.02
C PHE E 133 -52.74 16.98 -12.09
N ARG E 134 -52.74 15.95 -12.90
CA ARG E 134 -53.71 15.75 -13.96
C ARG E 134 -53.82 14.25 -14.22
N PRO E 135 -55.02 13.67 -14.28
CA PRO E 135 -55.13 12.22 -14.46
C PRO E 135 -54.71 11.81 -15.86
N ALA E 136 -54.49 10.51 -16.01
CA ALA E 136 -54.11 9.88 -17.28
C ALA E 136 -52.84 10.43 -17.93
N PRO E 137 -51.74 10.61 -17.21
CA PRO E 137 -50.50 10.95 -17.91
C PRO E 137 -50.09 9.83 -18.84
N ARG E 138 -49.64 10.20 -20.05
CA ARG E 138 -49.17 9.26 -21.05
C ARG E 138 -47.67 9.05 -20.84
N VAL E 139 -47.30 7.89 -20.30
CA VAL E 139 -45.93 7.61 -19.90
C VAL E 139 -45.40 6.42 -20.67
N ILE E 140 -44.15 6.54 -21.14
CA ILE E 140 -43.40 5.44 -21.73
C ILE E 140 -42.06 5.38 -21.01
N ARG E 141 -41.63 4.17 -20.68
CA ARG E 141 -40.31 3.99 -20.09
C ARG E 141 -39.39 3.36 -21.13
N CYS E 142 -38.17 3.87 -21.22
CA CYS E 142 -37.25 3.34 -22.22
C CYS E 142 -35.88 3.08 -21.60
N MET E 143 -35.18 2.09 -22.14
CA MET E 143 -33.77 1.87 -21.85
C MET E 143 -33.05 1.89 -23.18
N THR E 144 -32.16 2.86 -23.36
CA THR E 144 -31.41 2.94 -24.60
C THR E 144 -29.93 2.97 -24.24
N ASN E 145 -29.04 3.33 -25.17
CA ASN E 145 -27.63 3.38 -24.83
C ASN E 145 -26.96 4.43 -25.69
N THR E 146 -25.71 4.75 -25.35
CA THR E 146 -25.04 5.89 -25.99
C THR E 146 -24.80 5.71 -27.49
N PRO E 147 -24.69 4.48 -28.04
CA PRO E 147 -24.47 4.36 -29.50
C PRO E 147 -25.61 4.88 -30.38
N VAL E 148 -26.71 5.34 -29.80
CA VAL E 148 -27.66 6.10 -30.63
C VAL E 148 -26.97 7.31 -31.25
N VAL E 149 -25.86 7.78 -30.68
CA VAL E 149 -25.13 8.91 -31.24
C VAL E 149 -24.57 8.59 -32.63
N VAL E 150 -24.37 7.32 -32.95
CA VAL E 150 -23.96 6.91 -34.30
C VAL E 150 -25.06 6.08 -34.97
N ARG E 151 -26.31 6.23 -34.50
CA ARG E 151 -27.47 5.56 -35.06
C ARG E 151 -27.35 4.03 -35.01
N GLU E 152 -26.69 3.49 -34.00
CA GLU E 152 -26.63 2.05 -33.77
C GLU E 152 -26.93 1.73 -32.33
N GLY E 153 -27.91 2.42 -31.76
CA GLY E 153 -28.31 2.15 -30.40
C GLY E 153 -29.08 0.85 -30.28
N ALA E 154 -29.31 0.45 -29.04
CA ALA E 154 -30.17 -0.67 -28.72
C ALA E 154 -31.17 -0.18 -27.68
N THR E 155 -32.45 -0.17 -28.05
CA THR E 155 -33.49 0.48 -27.25
C THR E 155 -34.65 -0.47 -27.04
N VAL E 156 -35.10 -0.57 -25.78
CA VAL E 156 -36.39 -1.19 -25.50
C VAL E 156 -37.26 -0.13 -24.83
N TYR E 157 -38.57 -0.34 -24.93
CA TYR E 157 -39.51 0.57 -24.28
C TYR E 157 -40.71 -0.22 -23.80
N ALA E 158 -41.32 0.27 -22.72
CA ALA E 158 -42.58 -0.25 -22.21
C ALA E 158 -43.59 0.89 -22.11
N THR E 159 -44.84 0.62 -22.48
CA THR E 159 -45.87 1.64 -22.47
C THR E 159 -46.63 1.62 -21.15
N GLY E 160 -47.00 2.80 -20.68
CA GLY E 160 -47.69 2.95 -19.41
C GLY E 160 -49.18 2.75 -19.53
N THR E 161 -49.87 3.00 -18.40
CA THR E 161 -51.30 2.71 -18.28
C THR E 161 -52.14 3.50 -19.27
N HIS E 162 -51.78 4.76 -19.49
CA HIS E 162 -52.59 5.67 -20.28
C HIS E 162 -51.96 5.98 -21.63
N ALA E 163 -50.85 5.35 -21.96
CA ALA E 163 -50.24 5.51 -23.27
C ALA E 163 -51.17 4.96 -24.34
N GLN E 164 -51.51 5.80 -25.30
CA GLN E 164 -52.33 5.35 -26.43
C GLN E 164 -51.53 4.40 -27.31
N VAL E 165 -52.25 3.63 -28.14
CA VAL E 165 -51.59 2.65 -28.99
C VAL E 165 -50.64 3.33 -29.96
N GLU E 166 -51.07 4.47 -30.52
CA GLU E 166 -50.19 5.22 -31.42
C GLU E 166 -49.00 5.84 -30.70
N ASP E 167 -49.06 5.98 -29.37
CA ASP E 167 -47.90 6.49 -28.63
C ASP E 167 -46.75 5.51 -28.69
N GLY E 168 -47.05 4.21 -28.54
CA GLY E 168 -46.01 3.21 -28.68
C GLY E 168 -45.47 3.13 -30.09
N ARG E 169 -46.34 3.25 -31.09
CA ARG E 169 -45.87 3.22 -32.47
C ARG E 169 -45.05 4.47 -32.80
N LEU E 170 -45.45 5.62 -32.26
CA LEU E 170 -44.64 6.84 -32.43
C LEU E 170 -43.27 6.65 -31.82
N MET E 171 -43.23 6.18 -30.58
CA MET E 171 -41.97 5.97 -29.88
C MET E 171 -41.08 5.01 -30.65
N GLU E 172 -41.65 3.92 -31.18
CA GLU E 172 -40.85 2.95 -31.88
C GLU E 172 -40.34 3.51 -33.19
N GLN E 173 -41.16 4.27 -33.91
CA GLN E 173 -40.71 4.92 -35.13
C GLN E 173 -39.53 5.86 -34.85
N LEU E 174 -39.66 6.70 -33.82
CA LEU E 174 -38.58 7.62 -33.48
C LEU E 174 -37.31 6.89 -33.07
N LEU E 175 -37.41 5.91 -32.17
CA LEU E 175 -36.18 5.30 -31.67
C LEU E 175 -35.57 4.31 -32.66
N SER E 176 -36.38 3.75 -33.57
CA SER E 176 -35.81 2.90 -34.62
C SER E 176 -34.93 3.67 -35.57
N SER E 177 -35.06 5.00 -35.60
CA SER E 177 -34.23 5.78 -36.50
C SER E 177 -32.79 5.87 -36.02
N VAL E 178 -32.52 5.52 -34.76
CA VAL E 178 -31.18 5.60 -34.20
C VAL E 178 -30.67 4.25 -33.72
N GLY E 179 -31.29 3.16 -34.14
CA GLY E 179 -30.81 1.84 -33.75
C GLY E 179 -31.96 0.83 -33.69
N PHE E 180 -31.65 -0.31 -33.06
CA PHE E 180 -32.65 -1.34 -32.85
C PHE E 180 -33.64 -0.84 -31.81
N CYS E 181 -34.93 -1.12 -32.03
CA CYS E 181 -35.94 -0.75 -31.05
C CYS E 181 -37.05 -1.78 -31.01
N THR E 182 -37.43 -2.20 -29.81
CA THR E 182 -38.56 -3.10 -29.71
C THR E 182 -39.27 -2.88 -28.38
N GLU E 183 -40.57 -3.17 -28.38
CA GLU E 183 -41.35 -3.07 -27.15
C GLU E 183 -41.11 -4.29 -26.27
N VAL E 184 -41.05 -4.07 -24.96
CA VAL E 184 -40.96 -5.15 -23.98
C VAL E 184 -41.93 -4.89 -22.84
N GLU E 185 -42.23 -5.95 -22.08
CA GLU E 185 -42.84 -5.79 -20.78
C GLU E 185 -41.87 -5.08 -19.85
N GLU E 186 -42.42 -4.22 -18.97
CA GLU E 186 -41.55 -3.42 -18.11
C GLU E 186 -40.65 -4.29 -17.25
N ASP E 187 -41.11 -5.48 -16.88
CA ASP E 187 -40.25 -6.23 -15.96
C ASP E 187 -39.01 -6.81 -16.63
N LEU E 188 -38.85 -6.65 -17.94
CA LEU E 188 -37.58 -7.00 -18.57
C LEU E 188 -36.56 -5.86 -18.57
N ILE E 189 -36.95 -4.64 -18.21
CA ILE E 189 -36.09 -3.51 -18.53
C ILE E 189 -34.82 -3.50 -17.67
N ASP E 190 -34.90 -3.95 -16.41
CA ASP E 190 -33.69 -3.95 -15.59
C ASP E 190 -32.64 -4.92 -16.11
N ALA E 191 -33.07 -6.06 -16.66
CA ALA E 191 -32.14 -6.99 -17.31
C ALA E 191 -31.58 -6.40 -18.59
N VAL E 192 -32.41 -5.72 -19.39
CA VAL E 192 -31.88 -5.05 -20.59
C VAL E 192 -30.82 -4.04 -20.21
N THR E 193 -31.04 -3.30 -19.11
CA THR E 193 -30.06 -2.34 -18.63
C THR E 193 -28.71 -3.03 -18.41
N GLY E 194 -28.72 -4.20 -17.78
CA GLY E 194 -27.46 -4.91 -17.53
C GLY E 194 -26.77 -5.40 -18.80
N LEU E 195 -27.52 -5.60 -19.88
CA LEU E 195 -26.99 -6.15 -21.10
C LEU E 195 -26.65 -5.05 -22.09
N SER E 196 -27.65 -4.37 -22.68
CA SER E 196 -27.35 -3.37 -23.68
C SER E 196 -27.19 -1.96 -23.12
N GLY E 197 -27.77 -1.67 -21.96
CA GLY E 197 -27.55 -0.38 -21.33
C GLY E 197 -26.08 -0.18 -20.94
N SER E 198 -25.56 -1.10 -20.13
CA SER E 198 -24.16 -1.07 -19.70
C SER E 198 -23.22 -1.68 -20.74
N GLY E 199 -23.76 -2.43 -21.71
CA GLY E 199 -22.93 -3.15 -22.65
C GLY E 199 -21.85 -2.36 -23.34
N PRO E 200 -22.13 -1.12 -23.78
CA PRO E 200 -21.06 -0.38 -24.46
C PRO E 200 -19.83 -0.22 -23.58
N ALA E 201 -20.01 -0.04 -22.28
CA ALA E 201 -18.87 0.08 -21.38
C ALA E 201 -18.06 -1.21 -21.32
N TYR E 202 -18.71 -2.38 -21.37
CA TYR E 202 -17.96 -3.63 -21.45
C TYR E 202 -17.15 -3.67 -22.73
N ALA E 203 -17.75 -3.24 -23.84
CA ALA E 203 -17.03 -3.25 -25.12
C ALA E 203 -15.86 -2.27 -25.12
N PHE E 204 -16.04 -1.08 -24.52
CA PHE E 204 -14.92 -0.13 -24.47
C PHE E 204 -13.77 -0.68 -23.65
N THR E 205 -14.08 -1.34 -22.51
CA THR E 205 -13.05 -2.02 -21.72
C THR E 205 -12.35 -3.09 -22.54
N ALA E 206 -13.13 -3.92 -23.23
CA ALA E 206 -12.57 -4.97 -24.06
C ALA E 206 -11.66 -4.41 -25.15
N LEU E 207 -12.10 -3.31 -25.79
CA LEU E 207 -11.32 -2.72 -26.87
C LEU E 207 -10.01 -2.12 -26.36
N ASP E 208 -10.03 -1.46 -25.20
CA ASP E 208 -8.80 -0.96 -24.60
C ASP E 208 -7.80 -2.10 -24.38
N ALA E 209 -8.29 -3.20 -23.79
CA ALA E 209 -7.44 -4.37 -23.49
C ALA E 209 -6.95 -5.05 -24.75
N LEU E 210 -7.84 -5.23 -25.73
CA LEU E 210 -7.43 -5.82 -27.01
C LEU E 210 -6.34 -4.97 -27.67
N ALA E 211 -6.48 -3.64 -27.60
CA ALA E 211 -5.44 -2.77 -28.13
C ALA E 211 -4.12 -2.94 -27.37
N ASP E 212 -4.20 -3.05 -26.03
CA ASP E 212 -2.99 -3.32 -25.23
C ASP E 212 -2.33 -4.62 -25.67
N GLY E 213 -3.15 -5.63 -25.95
CA GLY E 213 -2.61 -6.89 -26.48
C GLY E 213 -1.92 -6.70 -27.81
N GLY E 214 -2.55 -5.97 -28.74
CA GLY E 214 -1.88 -5.65 -30.00
C GLY E 214 -0.56 -4.93 -29.80
N VAL E 215 -0.55 -3.91 -28.93
CA VAL E 215 0.69 -3.19 -28.64
C VAL E 215 1.73 -4.13 -28.05
N LYS E 216 1.33 -5.01 -27.12
CA LYS E 216 2.31 -5.94 -26.54
C LYS E 216 2.99 -6.77 -27.63
N MET E 217 2.24 -7.18 -28.64
CA MET E 217 2.78 -8.00 -29.72
C MET E 217 3.39 -7.17 -30.86
N GLY E 218 3.52 -5.84 -30.72
CA GLY E 218 4.32 -5.06 -31.65
C GLY E 218 3.57 -4.09 -32.52
N LEU E 219 2.26 -3.96 -32.37
CA LEU E 219 1.49 -3.05 -33.21
C LEU E 219 1.50 -1.65 -32.62
N PRO E 220 1.54 -0.61 -33.45
CA PRO E 220 1.30 0.74 -32.96
C PRO E 220 -0.09 0.85 -32.36
N ARG E 221 -0.21 1.72 -31.36
CA ARG E 221 -1.45 1.83 -30.59
CA ARG E 221 -1.46 1.78 -30.60
C ARG E 221 -2.62 2.20 -31.50
N ARG E 222 -2.43 3.22 -32.35
CA ARG E 222 -3.51 3.69 -33.22
C ARG E 222 -4.04 2.56 -34.10
N LEU E 223 -3.15 1.81 -34.74
CA LEU E 223 -3.60 0.68 -35.57
C LEU E 223 -4.27 -0.40 -34.73
N ALA E 224 -3.74 -0.70 -33.54
CA ALA E 224 -4.34 -1.75 -32.71
C ALA E 224 -5.77 -1.37 -32.31
N VAL E 225 -6.00 -0.11 -31.95
CA VAL E 225 -7.35 0.33 -31.58
C VAL E 225 -8.29 0.17 -32.76
N ARG E 226 -7.83 0.59 -33.95
CA ARG E 226 -8.66 0.55 -35.15
C ARG E 226 -8.98 -0.90 -35.54
N LEU E 227 -7.98 -1.77 -35.52
CA LEU E 227 -8.22 -3.17 -35.88
C LEU E 227 -9.14 -3.87 -34.89
N GLY E 228 -8.96 -3.62 -33.59
CA GLY E 228 -9.78 -4.29 -32.59
C GLY E 228 -11.23 -3.84 -32.69
N ALA E 229 -11.45 -2.54 -32.86
CA ALA E 229 -12.81 -2.03 -33.00
C ALA E 229 -13.46 -2.56 -34.26
N GLN E 230 -12.70 -2.59 -35.36
CA GLN E 230 -13.27 -3.10 -36.60
C GLN E 230 -13.61 -4.58 -36.48
N ALA E 231 -12.76 -5.36 -35.81
CA ALA E 231 -13.04 -6.77 -35.60
C ALA E 231 -14.34 -6.96 -34.82
N LEU E 232 -14.53 -6.19 -33.76
CA LEU E 232 -15.73 -6.37 -32.95
C LEU E 232 -16.97 -5.92 -33.73
N LEU E 233 -16.86 -4.80 -34.44
CA LEU E 233 -17.99 -4.33 -35.25
C LEU E 233 -18.39 -5.37 -36.28
N GLY E 234 -17.42 -5.88 -37.03
CA GLY E 234 -17.74 -6.86 -38.07
C GLY E 234 -18.33 -8.14 -37.51
N ALA E 235 -17.78 -8.62 -36.39
CA ALA E 235 -18.30 -9.84 -35.78
C ALA E 235 -19.73 -9.64 -35.31
N ALA E 236 -20.00 -8.51 -34.67
CA ALA E 236 -21.36 -8.21 -34.23
C ALA E 236 -22.32 -8.14 -35.41
N LYS E 237 -21.90 -7.49 -36.50
CA LYS E 237 -22.73 -7.43 -37.68
C LYS E 237 -22.97 -8.81 -38.29
N MET E 238 -21.94 -9.66 -38.33
CA MET E 238 -22.12 -11.04 -38.81
C MET E 238 -23.21 -11.76 -38.04
N LEU E 239 -23.16 -11.65 -36.71
CA LEU E 239 -24.12 -12.36 -35.88
C LEU E 239 -25.53 -11.82 -36.12
N LEU E 240 -25.67 -10.49 -36.22
CA LEU E 240 -26.99 -9.91 -36.50
C LEU E 240 -27.54 -10.34 -37.84
N HIS E 241 -26.67 -10.56 -38.82
CA HIS E 241 -27.12 -10.93 -40.16
C HIS E 241 -27.20 -12.43 -40.38
N SER E 242 -26.94 -13.23 -39.36
CA SER E 242 -26.91 -14.68 -39.49
C SER E 242 -28.03 -15.30 -38.67
N GLU E 243 -28.57 -16.39 -39.17
CA GLU E 243 -29.46 -17.21 -38.35
C GLU E 243 -28.71 -18.18 -37.47
N GLN E 244 -27.37 -18.17 -37.53
CA GLN E 244 -26.57 -19.20 -36.89
C GLN E 244 -26.23 -18.82 -35.46
N HIS E 245 -26.06 -19.85 -34.64
CA HIS E 245 -25.65 -19.67 -33.26
C HIS E 245 -24.25 -19.05 -33.19
N PRO E 246 -23.98 -18.18 -32.21
CA PRO E 246 -22.63 -17.62 -32.09
C PRO E 246 -21.55 -18.68 -31.92
N GLY E 247 -21.89 -19.84 -31.35
CA GLY E 247 -20.92 -20.93 -31.28
C GLY E 247 -20.60 -21.52 -32.64
N GLN E 248 -21.60 -21.56 -33.54
CA GLN E 248 -21.31 -22.03 -34.89
C GLN E 248 -20.42 -21.05 -35.64
N LEU E 249 -20.65 -19.75 -35.47
CA LEU E 249 -19.76 -18.78 -36.11
C LEU E 249 -18.35 -18.86 -35.55
N LYS E 250 -18.24 -19.13 -34.25
CA LYS E 250 -16.92 -19.30 -33.65
C LYS E 250 -16.21 -20.50 -34.25
N ASP E 251 -16.94 -21.59 -34.46
CA ASP E 251 -16.36 -22.77 -35.10
C ASP E 251 -15.83 -22.46 -36.51
N ASN E 252 -16.50 -21.56 -37.25
CA ASN E 252 -16.04 -21.21 -38.60
C ASN E 252 -14.71 -20.45 -38.59
N VAL E 253 -14.43 -19.69 -37.54
CA VAL E 253 -13.16 -18.97 -37.47
C VAL E 253 -12.03 -19.92 -37.10
N SER E 254 -12.30 -20.96 -36.32
CA SER E 254 -11.26 -21.72 -35.63
C SER E 254 -10.83 -22.95 -36.44
N SER E 255 -9.75 -22.81 -37.20
CA SER E 255 -9.18 -23.96 -37.89
C SER E 255 -8.46 -24.90 -36.91
N PRO E 256 -8.45 -26.21 -37.19
CA PRO E 256 -7.82 -27.17 -36.27
C PRO E 256 -6.35 -26.85 -36.03
N GLY E 257 -5.95 -26.89 -34.76
CA GLY E 257 -4.58 -26.63 -34.36
C GLY E 257 -4.15 -25.18 -34.45
N GLY E 258 -5.04 -24.29 -34.88
CA GLY E 258 -4.66 -22.96 -35.31
C GLY E 258 -4.56 -21.94 -34.19
N ALA E 259 -4.26 -20.71 -34.62
CA ALA E 259 -4.01 -19.61 -33.69
C ALA E 259 -5.27 -19.26 -32.90
N THR E 260 -6.41 -19.24 -33.58
CA THR E 260 -7.64 -18.80 -32.92
C THR E 260 -8.05 -19.75 -31.80
N ILE E 261 -8.08 -21.05 -32.08
CA ILE E 261 -8.48 -22.01 -31.04
C ILE E 261 -7.49 -22.00 -29.87
N HIS E 262 -6.20 -21.71 -30.12
CA HIS E 262 -5.27 -21.53 -29.02
C HIS E 262 -5.63 -20.32 -28.17
N ALA E 263 -6.02 -19.21 -28.80
CA ALA E 263 -6.42 -18.03 -28.03
C ALA E 263 -7.73 -18.27 -27.29
N LEU E 264 -8.67 -18.98 -27.92
CA LEU E 264 -9.94 -19.28 -27.24
C LEU E 264 -9.69 -20.08 -25.97
N HIS E 265 -8.72 -21.00 -25.99
CA HIS E 265 -8.44 -21.76 -24.79
C HIS E 265 -8.02 -20.84 -23.63
N VAL E 266 -7.13 -19.87 -23.89
CA VAL E 266 -6.69 -19.04 -22.78
C VAL E 266 -7.84 -18.16 -22.28
N LEU E 267 -8.76 -17.75 -23.17
CA LEU E 267 -9.97 -17.08 -22.67
C LEU E 267 -10.77 -17.99 -21.75
N GLU E 268 -10.99 -19.24 -22.16
CA GLU E 268 -11.75 -20.17 -21.32
C GLU E 268 -11.04 -20.43 -20.00
N SER E 269 -9.71 -20.53 -20.02
CA SER E 269 -9.01 -20.87 -18.78
C SER E 269 -9.17 -19.76 -17.73
N GLY E 270 -9.42 -18.53 -18.18
CA GLY E 270 -9.70 -17.42 -17.30
C GLY E 270 -11.16 -17.24 -16.93
N GLY E 271 -12.05 -18.12 -17.38
CA GLY E 271 -13.47 -17.94 -17.11
C GLY E 271 -14.06 -16.70 -17.79
N PHE E 272 -13.57 -16.36 -18.99
CA PHE E 272 -14.02 -15.19 -19.73
C PHE E 272 -15.54 -15.12 -19.81
N ARG E 273 -16.18 -16.23 -20.19
CA ARG E 273 -17.64 -16.24 -20.31
C ARG E 273 -18.29 -15.88 -19.00
N SER E 274 -17.78 -16.43 -17.90
CA SER E 274 -18.41 -16.19 -16.61
C SER E 274 -18.26 -14.73 -16.17
N LEU E 275 -17.21 -14.02 -16.60
CA LEU E 275 -17.06 -12.62 -16.20
C LEU E 275 -18.13 -11.75 -16.84
N LEU E 276 -18.45 -12.04 -18.10
CA LEU E 276 -19.49 -11.29 -18.79
C LEU E 276 -20.88 -11.62 -18.22
N ILE E 277 -21.13 -12.88 -17.84
CA ILE E 277 -22.37 -13.18 -17.14
C ILE E 277 -22.42 -12.41 -15.80
N ASN E 278 -21.32 -12.44 -15.06
CA ASN E 278 -21.23 -11.68 -13.80
C ASN E 278 -21.59 -10.21 -14.00
N ALA E 279 -21.10 -9.62 -15.09
CA ALA E 279 -21.30 -8.19 -15.35
C ALA E 279 -22.77 -7.87 -15.62
N VAL E 280 -23.41 -8.63 -16.52
CA VAL E 280 -24.83 -8.41 -16.78
C VAL E 280 -25.63 -8.54 -15.50
N GLU E 281 -25.34 -9.58 -14.72
CA GLU E 281 -26.02 -9.79 -13.46
C GLU E 281 -25.79 -8.63 -12.49
N ALA E 282 -24.54 -8.20 -12.34
CA ALA E 282 -24.24 -7.14 -11.39
C ALA E 282 -24.94 -5.84 -11.77
N SER E 283 -24.97 -5.51 -13.07
CA SER E 283 -25.63 -4.28 -13.50
C SER E 283 -27.14 -4.39 -13.29
N CYS E 284 -27.73 -5.52 -13.65
CA CYS E 284 -29.16 -5.73 -13.41
C CYS E 284 -29.48 -5.62 -11.92
N ILE E 285 -28.70 -6.29 -11.08
CA ILE E 285 -29.00 -6.29 -9.65
C ILE E 285 -28.86 -4.89 -9.06
N ARG E 286 -27.83 -4.15 -9.48
CA ARG E 286 -27.69 -2.77 -8.97
C ARG E 286 -28.86 -1.90 -9.42
N THR E 287 -29.31 -2.09 -10.65
CA THR E 287 -30.49 -1.37 -11.13
C THR E 287 -31.70 -1.65 -10.24
N ARG E 288 -31.92 -2.94 -9.92
CA ARG E 288 -33.02 -3.30 -9.03
C ARG E 288 -32.86 -2.68 -7.65
N GLU E 289 -31.63 -2.70 -7.13
CA GLU E 289 -31.34 -2.19 -5.79
C GLU E 289 -31.54 -0.68 -5.72
N LEU E 290 -31.11 0.05 -6.76
CA LEU E 290 -31.30 1.49 -6.74
C LEU E 290 -32.79 1.84 -6.72
N GLN E 291 -33.61 1.11 -7.47
CA GLN E 291 -35.02 1.46 -7.51
C GLN E 291 -35.73 1.09 -6.22
N SER E 292 -35.34 -0.04 -5.59
CA SER E 292 -35.88 -0.33 -4.27
C SER E 292 -35.57 0.78 -3.27
N MET E 293 -34.39 1.40 -3.38
CA MET E 293 -34.05 2.51 -2.49
C MET E 293 -34.86 3.76 -2.85
N ALA E 294 -35.11 3.98 -4.15
CA ALA E 294 -36.04 5.03 -4.55
C ALA E 294 -37.39 4.84 -3.86
N ASP E 295 -38.01 3.67 -4.05
CA ASP E 295 -39.36 3.45 -3.52
C ASP E 295 -39.38 3.45 -2.00
N GLN E 296 -38.36 2.88 -1.37
CA GLN E 296 -38.29 2.84 0.10
C GLN E 296 -38.06 4.23 0.67
#